data_9VJ2
#
_entry.id   9VJ2
#
_cell.length_a   85.022
_cell.length_b   85.022
_cell.length_c   646.129
_cell.angle_alpha   90.000
_cell.angle_beta   90.000
_cell.angle_gamma   90.000
#
_symmetry.space_group_name_H-M   'P 43 21 2'
#
loop_
_entity.id
_entity.type
_entity.pdbx_description
1 polymer 'Sodium/potassium-transporting ATPase subunit alpha'
2 polymer 'Sodium/potassium-transporting ATPase subunit beta-1'
3 polymer 'FXYD domain-containing ion transport regulator'
4 branched 2-acetamido-2-deoxy-beta-D-glucopyranose-(1-4)-2-acetamido-2-deoxy-beta-D-glucopyranose
5 non-polymer 'MAGNESIUM ION'
6 non-polymer CHOLESTEROL
7 non-polymer 1,2-DIOLEOYL-SN-GLYCERO-3-PHOSPHOCHOLINE
8 non-polymer palytoxin
9 non-polymer 2-acetamido-2-deoxy-beta-D-glucopyranose
10 water water
#
loop_
_entity_poly.entity_id
_entity_poly.type
_entity_poly.pdbx_seq_one_letter_code
_entity_poly.pdbx_strand_id
1 'polypeptide(L)'
;MGKGVGRDKYEPAAVSEHGDKKKAKKERDMDELKKEVSMDDHKLSLDELHRKYGTDLSRGLTPARAAEILARDGPNALTP
PPTTPEWVKFCRQLFGGFSMLLWIGAILCFLAYGIQAATEEEPQNDNLYLGVVLSAVVIITGCFSYYQEAKSSKIMESFK
NMVPQQALVIRNGEKMSINAEEVVVGDLVEVKGGDRIPADLRIISANGCKVDNSSLTGESEPQTRSPDFTNENPLETRNI
AFFSTNCVEGTARGIVVYTGDRTVMGRIATLASGLEGGQTPIAAEIEHFIHIITGVAVFLGVSFFILSLILEYTWLEAVI
FLIGIIVANVPEGLLATVTVCLTLTAKRMARKNCLVKNLEAVETLGSTSTICS(BFD)KTGTLTQNRMTVAHMWFDNQIH
EADTTENQSGVSFDKTSATWLALSRIAGLCNRAVFQANQENLPILKRAVAGDASESALLKCIELCCGSVKEMRERYTKIV
EIPFNSTNKYQLSIHKNPNTAEPRHLLVMKGAPERILDRCSSILIHGKEQPLDEELKDAFQNAYLELGGLGERVLGFCHL
FLPDEQFPEGFQFDTDDVNFPLDNLCFVGLISMIDPPRAAVPDAVGKCRSAGIKVIMVTGDHPITAKAIAKGVGIISEGN
ETVEDIAARLNIPVSQVNPRDAKACVVHGSDLKDMTSEQLDDILKYHTEIVFARTSPQQKLIIVEGCQRQGAIVAVTGDG
VNDSPALKKADIGVAMGIAGSDVSKQAADMILLDDNFASIVTGVEEGRLIFDNLKKSIAYTLTSNIPEITPFLIFIIANI
PLPLGTVTILCIDLGTDMVPAISLAYEQAESDIMKRQPRNPKTDKLVNERLISMAYGQIGMIQALGGFFTYFVILAENGF
LPIHLLGLRVNWDDRWINDVEDSYGQQWTYEQRKIVEFTCHTAFFVSIVVVQWADLVICKTRRNSVFQQGMKNKILIFGL
FEETALAAFLSYCPGMGVALRMYPLKPTWWFCAFPYSLLIFVYDEVRKLIIRRRPGGWVEKETYY
;
A
2 'polypeptide(L)'
;MARGKAKEEGSWKKFIWNSEKKEFLGRTGGSWFKILLFYVIFYGCLAGIFIGTIQVMLLTISEFKPTYQDRVAPPGLTQI
PQSQKTEISFRPNDPQSYESYVVSIVRFLEKYKDLAQKDDMIFEDCGNVPSELKERGEYNNERGERKVCRFRLEWLGNCS
GLNDETYGYKDGKPCVIIKLNRVLGFKPKPPKNESLETYPVMKYNPYVLPVHCTGKRDEDKEKVGTMEYFGLGGYPGFPL
QYYPYYGKLLQPKYLQPLMAVQFTNLTMDTEIRIECKAYGENIGYSEKDRFQGRFDVKIEVKS
;
B
3 'polypeptide(L)' MAGLSTDDGGSPKGDVDPFYYDYETVRNGGLIFAALAFIVGLIIILSKRLRCGGKKHRPINEDEL G
#
# COMPACT_ATOMS: atom_id res chain seq x y z
N LYS A 26 36.01 -0.21 -10.42
CA LYS A 26 36.38 -1.59 -10.68
C LYS A 26 35.72 -2.53 -9.67
N GLU A 27 34.66 -2.07 -9.00
CA GLU A 27 33.99 -2.92 -8.04
C GLU A 27 33.25 -4.08 -8.71
N ARG A 28 32.96 -3.95 -10.01
CA ARG A 28 32.30 -5.03 -10.74
C ARG A 28 33.17 -6.28 -10.75
N ASP A 29 34.49 -6.10 -10.65
CA ASP A 29 35.41 -7.22 -10.61
C ASP A 29 35.61 -7.72 -9.18
N MET A 30 35.52 -6.82 -8.19
CA MET A 30 35.64 -7.25 -6.80
C MET A 30 34.48 -8.15 -6.44
N ASP A 31 33.28 -7.78 -6.89
CA ASP A 31 32.10 -8.60 -6.64
C ASP A 31 32.26 -9.98 -7.26
N GLU A 32 32.82 -10.03 -8.47
CA GLU A 32 33.04 -11.32 -9.13
C GLU A 32 34.13 -12.11 -8.42
N LEU A 33 35.15 -11.44 -7.88
CA LEU A 33 36.19 -12.14 -7.14
C LEU A 33 35.60 -12.78 -5.90
N LYS A 34 34.64 -12.10 -5.27
CA LYS A 34 33.97 -12.64 -4.11
C LYS A 34 32.99 -13.75 -4.50
N LYS A 35 32.46 -13.69 -5.72
CA LYS A 35 31.53 -14.73 -6.19
C LYS A 35 32.26 -16.03 -6.47
N GLU A 36 33.54 -15.94 -6.83
CA GLU A 36 34.32 -17.13 -7.12
C GLU A 36 34.50 -17.98 -5.88
N VAL A 37 34.48 -19.30 -6.07
CA VAL A 37 34.65 -20.22 -4.95
C VAL A 37 36.01 -19.96 -4.31
N SER A 38 36.12 -20.27 -3.03
CA SER A 38 37.37 -20.03 -2.32
C SER A 38 38.38 -21.17 -2.49
N MET A 39 39.62 -20.86 -2.14
CA MET A 39 40.76 -21.76 -2.20
C MET A 39 41.50 -21.65 -0.87
N ASP A 40 42.43 -22.58 -0.63
CA ASP A 40 43.17 -22.55 0.63
C ASP A 40 44.56 -23.15 0.46
N ASP A 41 45.26 -23.19 1.58
CA ASP A 41 46.60 -23.74 1.75
C ASP A 41 46.61 -24.75 2.88
N HIS A 42 45.48 -25.46 3.04
CA HIS A 42 45.32 -26.45 4.10
C HIS A 42 46.25 -27.64 3.93
N LYS A 43 46.44 -28.10 2.70
CA LYS A 43 47.29 -29.24 2.41
C LYS A 43 48.78 -28.92 2.53
N LEU A 44 49.25 -28.72 3.76
CA LEU A 44 50.65 -28.40 4.03
C LEU A 44 51.11 -29.19 5.25
N SER A 45 52.37 -29.60 5.23
CA SER A 45 52.91 -30.33 6.36
C SER A 45 52.94 -29.41 7.58
N LEU A 46 52.91 -30.02 8.77
CA LEU A 46 52.93 -29.22 9.99
C LEU A 46 54.12 -28.26 9.97
N ASP A 47 55.24 -28.72 9.44
CA ASP A 47 56.43 -27.88 9.31
C ASP A 47 56.18 -26.78 8.26
N GLU A 48 55.55 -27.13 7.15
CA GLU A 48 55.25 -26.16 6.10
C GLU A 48 54.29 -25.09 6.59
N LEU A 49 53.27 -25.49 7.35
CA LEU A 49 52.30 -24.53 7.86
C LEU A 49 52.97 -23.57 8.85
N HIS A 50 53.68 -24.12 9.83
CA HIS A 50 54.38 -23.26 10.78
C HIS A 50 55.43 -22.41 10.08
N ARG A 51 55.90 -22.84 8.91
CA ARG A 51 56.88 -22.05 8.16
C ARG A 51 56.21 -20.88 7.45
N LYS A 52 55.04 -21.12 6.84
CA LYS A 52 54.35 -20.05 6.14
C LYS A 52 53.90 -18.95 7.09
N TYR A 53 53.43 -19.32 8.29
CA TYR A 53 52.99 -18.27 9.20
C TYR A 53 54.02 -17.89 10.26
N GLY A 54 55.02 -18.73 10.51
CA GLY A 54 56.03 -18.43 11.51
C GLY A 54 55.45 -18.49 12.91
N THR A 55 55.07 -19.68 13.36
CA THR A 55 54.46 -19.86 14.66
C THR A 55 54.82 -21.22 15.25
N ASP A 56 55.02 -21.25 16.57
CA ASP A 56 55.34 -22.49 17.27
C ASP A 56 54.10 -23.38 17.31
N LEU A 57 54.31 -24.68 17.09
CA LEU A 57 53.19 -25.63 17.08
C LEU A 57 52.64 -25.94 18.46
N SER A 58 53.41 -25.74 19.52
CA SER A 58 52.98 -26.03 20.88
C SER A 58 52.90 -24.82 21.79
N ARG A 59 53.73 -23.79 21.58
CA ARG A 59 53.72 -22.61 22.43
C ARG A 59 53.06 -21.41 21.78
N GLY A 60 52.66 -21.52 20.52
CA GLY A 60 52.03 -20.40 19.84
C GLY A 60 52.99 -19.30 19.49
N LEU A 61 52.76 -18.10 20.00
CA LEU A 61 53.63 -16.96 19.74
C LEU A 61 53.76 -16.12 21.01
N THR A 62 54.81 -15.31 21.03
CA THR A 62 55.05 -14.44 22.18
C THR A 62 53.98 -13.35 22.24
N PRO A 63 53.63 -12.88 23.44
CA PRO A 63 52.62 -11.82 23.56
C PRO A 63 52.97 -10.56 22.77
N ALA A 64 54.25 -10.28 22.58
CA ALA A 64 54.65 -9.11 21.81
C ALA A 64 54.32 -9.28 20.34
N ARG A 65 54.37 -10.52 19.85
CA ARG A 65 54.06 -10.83 18.46
C ARG A 65 52.59 -10.62 18.14
N ALA A 66 51.74 -10.55 19.17
CA ALA A 66 50.31 -10.35 18.94
C ALA A 66 50.00 -8.92 18.48
N ALA A 67 50.64 -7.92 19.09
CA ALA A 67 50.42 -6.54 18.70
C ALA A 67 50.99 -6.22 17.32
N GLU A 68 51.84 -7.10 16.79
CA GLU A 68 52.43 -6.93 15.48
C GLU A 68 51.44 -7.28 14.36
N ILE A 69 50.35 -7.98 14.68
CA ILE A 69 49.37 -8.39 13.69
C ILE A 69 48.01 -7.74 14.01
N LEU A 70 47.75 -7.54 15.31
CA LEU A 70 46.49 -6.93 15.74
C LEU A 70 46.35 -5.52 15.20
N ALA A 71 47.41 -4.72 15.33
CA ALA A 71 47.42 -3.36 14.83
C ALA A 71 47.90 -3.31 13.39
N ARG A 72 48.10 -4.48 12.77
CA ARG A 72 48.56 -4.57 11.39
C ARG A 72 47.40 -4.73 10.41
N ASP A 73 46.61 -5.80 10.55
CA ASP A 73 45.52 -5.96 9.60
C ASP A 73 44.15 -5.59 10.16
N GLY A 74 43.98 -5.62 11.48
CA GLY A 74 42.70 -5.28 12.08
C GLY A 74 42.22 -6.38 12.99
N PRO A 75 41.46 -6.00 14.03
CA PRO A 75 40.95 -6.99 14.97
C PRO A 75 40.12 -8.07 14.29
N ASN A 76 40.06 -9.23 14.94
CA ASN A 76 39.31 -10.39 14.43
C ASN A 76 37.82 -10.14 14.61
N ALA A 77 37.25 -9.45 13.63
CA ALA A 77 35.83 -9.11 13.63
C ALA A 77 35.47 -8.59 12.24
N LEU A 78 34.27 -8.93 11.78
CA LEU A 78 33.81 -8.47 10.48
C LEU A 78 33.51 -6.98 10.53
N THR A 79 33.78 -6.30 9.43
CA THR A 79 33.51 -4.88 9.35
C THR A 79 32.00 -4.65 9.43
N PRO A 80 31.51 -3.83 10.35
CA PRO A 80 30.07 -3.59 10.45
C PRO A 80 29.48 -3.16 9.13
N PRO A 81 28.20 -3.42 8.90
CA PRO A 81 27.58 -3.04 7.63
C PRO A 81 27.52 -1.52 7.47
N PRO A 82 27.36 -1.04 6.24
CA PRO A 82 27.29 0.41 6.02
C PRO A 82 26.07 1.01 6.71
N THR A 83 26.24 2.22 7.23
CA THR A 83 25.18 2.92 7.94
C THR A 83 24.53 3.98 7.06
N THR A 84 23.20 3.98 7.04
CA THR A 84 22.37 4.91 6.29
C THR A 84 21.62 5.75 7.31
N PRO A 85 22.03 7.01 7.56
CA PRO A 85 21.39 7.84 8.57
C PRO A 85 19.86 7.88 8.51
N GLU A 86 19.27 8.14 9.69
CA GLU A 86 17.83 8.17 9.88
C GLU A 86 17.10 9.06 8.87
N TRP A 87 17.57 10.29 8.68
CA TRP A 87 16.91 11.20 7.75
C TRP A 87 16.97 10.72 6.30
N VAL A 88 17.91 9.82 5.98
CA VAL A 88 18.03 9.34 4.61
C VAL A 88 16.76 8.61 4.20
N LYS A 89 16.22 7.76 5.08
CA LYS A 89 14.99 7.06 4.75
C LYS A 89 13.84 8.05 4.61
N PHE A 90 13.85 9.10 5.44
CA PHE A 90 12.82 10.12 5.34
C PHE A 90 12.82 10.76 3.96
N CYS A 91 14.02 11.11 3.48
CA CYS A 91 14.14 11.69 2.14
C CYS A 91 13.82 10.67 1.06
N ARG A 92 14.18 9.40 1.29
CA ARG A 92 13.89 8.34 0.33
C ARG A 92 12.41 8.25 0.07
N GLN A 93 11.62 8.24 1.15
CA GLN A 93 10.17 8.17 0.99
C GLN A 93 9.62 9.50 0.48
N LEU A 94 10.27 10.62 0.82
CA LEU A 94 9.80 11.91 0.33
C LEU A 94 9.99 12.05 -1.18
N PHE A 95 10.94 11.30 -1.77
CA PHE A 95 11.15 11.38 -3.21
C PHE A 95 10.42 10.29 -3.98
N GLY A 96 10.78 9.03 -3.77
CA GLY A 96 10.15 7.89 -4.43
C GLY A 96 9.87 8.07 -5.91
N GLY A 97 8.82 7.41 -6.40
CA GLY A 97 8.44 7.54 -7.79
C GLY A 97 7.04 8.12 -7.91
N PHE A 98 6.16 7.71 -7.00
CA PHE A 98 4.80 8.26 -6.97
C PHE A 98 4.86 9.68 -6.45
N SER A 99 5.63 9.87 -5.38
CA SER A 99 5.81 11.20 -4.82
C SER A 99 6.47 12.12 -5.84
N MET A 100 7.22 11.57 -6.79
CA MET A 100 7.83 12.43 -7.80
C MET A 100 6.77 12.99 -8.74
N LEU A 101 5.78 12.18 -9.10
CA LEU A 101 4.69 12.69 -9.94
C LEU A 101 3.93 13.76 -9.16
N LEU A 102 3.72 13.53 -7.86
CA LEU A 102 3.05 14.55 -7.06
C LEU A 102 3.91 15.80 -6.94
N TRP A 103 5.24 15.62 -6.85
CA TRP A 103 6.14 16.76 -6.74
C TRP A 103 6.12 17.60 -8.01
N ILE A 104 6.07 16.95 -9.18
CA ILE A 104 6.04 17.73 -10.42
C ILE A 104 4.70 18.42 -10.58
N GLY A 105 3.60 17.75 -10.19
CA GLY A 105 2.30 18.41 -10.29
C GLY A 105 2.26 19.63 -9.40
N ALA A 106 2.72 19.47 -8.16
CA ALA A 106 2.80 20.60 -7.25
C ALA A 106 3.66 21.67 -7.88
N ILE A 107 4.88 21.32 -8.30
CA ILE A 107 5.81 22.24 -8.94
C ILE A 107 5.12 23.12 -9.97
N LEU A 108 4.37 22.53 -10.91
CA LEU A 108 3.70 23.38 -11.89
C LEU A 108 2.73 24.36 -11.20
N CYS A 109 1.82 23.81 -10.38
CA CYS A 109 0.83 24.67 -9.71
C CYS A 109 1.48 25.73 -8.81
N PHE A 110 2.47 25.34 -8.02
CA PHE A 110 3.15 26.23 -7.05
C PHE A 110 4.03 27.30 -7.74
N LEU A 111 4.71 26.92 -8.82
CA LEU A 111 5.53 27.87 -9.54
C LEU A 111 4.65 28.92 -10.20
N ALA A 112 3.39 28.60 -10.47
CA ALA A 112 2.51 29.60 -11.05
C ALA A 112 2.22 30.75 -10.08
N TYR A 113 1.94 30.41 -8.80
CA TYR A 113 1.64 31.43 -7.81
C TYR A 113 2.85 32.28 -7.45
N GLY A 114 4.07 31.72 -7.54
CA GLY A 114 5.23 32.56 -7.26
C GLY A 114 5.35 33.73 -8.26
N ILE A 115 5.09 33.46 -9.54
CA ILE A 115 5.15 34.47 -10.59
C ILE A 115 3.96 35.42 -10.45
N GLN A 116 2.84 34.90 -9.92
CA GLN A 116 1.64 35.72 -9.73
C GLN A 116 1.74 36.68 -8.53
N ALA A 117 2.39 36.25 -7.45
CA ALA A 117 2.50 37.06 -6.24
C ALA A 117 3.32 38.33 -6.45
N ALA A 118 4.49 38.20 -7.07
CA ALA A 118 5.32 39.38 -7.28
C ALA A 118 4.77 40.33 -8.32
N THR A 119 3.55 40.16 -8.86
CA THR A 119 3.06 41.09 -9.86
C THR A 119 1.70 41.74 -9.62
N GLU A 120 0.69 40.94 -9.26
CA GLU A 120 -0.66 41.47 -9.06
C GLU A 120 -0.92 41.80 -7.60
N GLU A 121 -2.05 42.50 -7.37
CA GLU A 121 -2.42 42.95 -6.04
C GLU A 121 -3.11 41.88 -5.19
N GLU A 122 -4.08 41.14 -5.73
CA GLU A 122 -4.76 40.11 -4.95
C GLU A 122 -5.12 38.87 -5.76
N PRO A 123 -4.24 37.85 -5.75
CA PRO A 123 -4.50 36.62 -6.50
C PRO A 123 -5.49 35.68 -5.83
N GLN A 124 -5.63 34.48 -6.39
CA GLN A 124 -6.51 33.44 -5.88
C GLN A 124 -5.66 32.26 -5.43
N ASN A 125 -6.16 31.51 -4.45
CA ASN A 125 -5.44 30.36 -3.90
C ASN A 125 -5.78 29.04 -4.60
N ASP A 126 -6.50 29.08 -5.73
CA ASP A 126 -6.87 27.88 -6.46
C ASP A 126 -5.67 27.02 -6.84
N ASN A 127 -4.52 27.63 -7.10
CA ASN A 127 -3.33 26.87 -7.45
C ASN A 127 -2.28 26.86 -6.36
N LEU A 128 -2.16 27.94 -5.59
CA LEU A 128 -1.18 27.96 -4.50
C LEU A 128 -1.55 26.96 -3.42
N TYR A 129 -2.81 27.00 -2.98
CA TYR A 129 -3.26 26.06 -1.96
C TYR A 129 -3.09 24.64 -2.46
N LEU A 130 -3.34 24.44 -3.75
CA LEU A 130 -3.20 23.11 -4.35
C LEU A 130 -1.76 22.63 -4.32
N GLY A 131 -0.83 23.50 -4.69
CA GLY A 131 0.57 23.11 -4.68
C GLY A 131 1.05 22.75 -3.30
N VAL A 132 0.71 23.60 -2.32
CA VAL A 132 1.14 23.31 -0.95
C VAL A 132 0.47 22.03 -0.44
N VAL A 133 -0.79 21.78 -0.84
CA VAL A 133 -1.48 20.58 -0.40
C VAL A 133 -0.80 19.34 -0.97
N LEU A 134 -0.44 19.36 -2.25
CA LEU A 134 0.23 18.20 -2.84
C LEU A 134 1.57 17.94 -2.15
N SER A 135 2.32 19.02 -1.89
CA SER A 135 3.60 18.86 -1.22
C SER A 135 3.42 18.27 0.18
N ALA A 136 2.41 18.76 0.92
CA ALA A 136 2.14 18.22 2.24
C ALA A 136 1.71 16.78 2.18
N VAL A 137 1.00 16.39 1.10
CA VAL A 137 0.58 15.00 0.95
C VAL A 137 1.80 14.10 0.82
N VAL A 138 2.75 14.52 -0.01
CA VAL A 138 3.97 13.73 -0.19
C VAL A 138 4.73 13.61 1.12
N ILE A 139 4.90 14.73 1.83
CA ILE A 139 5.64 14.71 3.09
C ILE A 139 4.94 13.85 4.13
N ILE A 140 3.60 13.94 4.22
CA ILE A 140 2.85 13.14 5.19
C ILE A 140 3.01 11.66 4.90
N THR A 141 2.91 11.28 3.62
CA THR A 141 3.08 9.86 3.28
C THR A 141 4.48 9.40 3.66
N GLY A 142 5.47 10.26 3.45
CA GLY A 142 6.83 9.91 3.82
C GLY A 142 6.97 9.70 5.32
N CYS A 143 6.32 10.57 6.11
CA CYS A 143 6.38 10.45 7.57
C CYS A 143 5.78 9.12 8.03
N PHE A 144 4.60 8.78 7.51
CA PHE A 144 3.96 7.53 7.91
C PHE A 144 4.80 6.32 7.51
N SER A 145 5.30 6.32 6.27
CA SER A 145 6.13 5.21 5.80
C SER A 145 7.38 5.08 6.65
N TYR A 146 8.01 6.22 6.98
CA TYR A 146 9.20 6.19 7.81
C TYR A 146 8.90 5.63 9.19
N TYR A 147 7.76 6.01 9.76
CA TYR A 147 7.40 5.51 11.09
C TYR A 147 7.26 3.99 11.07
N GLN A 148 6.54 3.46 10.07
CA GLN A 148 6.35 2.01 10.01
C GLN A 148 7.68 1.27 9.80
N GLU A 149 8.47 1.69 8.80
CA GLU A 149 9.75 1.01 8.56
C GLU A 149 10.67 1.14 9.76
N ALA A 150 10.61 2.29 10.46
CA ALA A 150 11.43 2.49 11.64
C ALA A 150 11.03 1.52 12.74
N LYS A 151 9.72 1.31 12.92
CA LYS A 151 9.27 0.36 13.93
C LYS A 151 9.77 -1.04 13.61
N SER A 152 9.75 -1.39 12.32
CA SER A 152 10.24 -2.70 11.91
C SER A 152 11.72 -2.86 12.28
N SER A 153 12.53 -1.86 11.95
CA SER A 153 13.96 -1.94 12.28
C SER A 153 14.19 -1.91 13.79
N LYS A 154 13.37 -1.16 14.53
CA LYS A 154 13.52 -1.08 15.98
C LYS A 154 13.28 -2.44 16.62
N ILE A 155 12.20 -3.12 16.22
CA ILE A 155 11.94 -4.44 16.80
C ILE A 155 13.01 -5.42 16.34
N MET A 156 13.54 -5.25 15.12
CA MET A 156 14.59 -6.15 14.68
C MET A 156 15.85 -5.96 15.52
N GLU A 157 16.11 -4.72 15.96
CA GLU A 157 17.28 -4.46 16.79
C GLU A 157 17.14 -5.05 18.19
N SER A 158 15.92 -5.09 18.73
CA SER A 158 15.73 -5.66 20.05
C SER A 158 15.84 -7.19 20.04
N PHE A 159 15.89 -7.79 18.86
CA PHE A 159 16.02 -9.24 18.70
C PHE A 159 17.44 -9.69 18.37
N LYS A 160 18.27 -8.80 17.83
CA LYS A 160 19.65 -9.11 17.45
C LYS A 160 20.64 -8.71 18.55
N ASN A 161 20.42 -9.16 19.79
CA ASN A 161 21.33 -8.82 20.89
C ASN A 161 22.42 -9.88 20.98
N MET A 162 23.52 -9.66 20.28
CA MET A 162 24.66 -10.58 20.27
C MET A 162 25.71 -10.12 21.27
N VAL A 163 26.19 -11.05 22.09
CA VAL A 163 27.18 -10.77 23.13
C VAL A 163 28.56 -11.32 22.71
N PRO A 164 29.66 -10.67 23.09
CA PRO A 164 30.98 -11.17 22.71
C PRO A 164 31.27 -12.56 23.25
N GLN A 165 32.06 -13.31 22.48
CA GLN A 165 32.49 -14.67 22.82
C GLN A 165 34.00 -14.69 22.68
N GLN A 166 34.70 -14.86 23.79
CA GLN A 166 36.16 -14.86 23.77
C GLN A 166 36.73 -16.24 23.47
N ALA A 167 37.97 -16.24 22.95
CA ALA A 167 38.71 -17.43 22.56
C ALA A 167 39.80 -17.80 23.54
N LEU A 168 40.11 -19.10 23.57
CA LEU A 168 41.15 -19.68 24.42
C LEU A 168 42.40 -19.80 23.55
N VAL A 169 43.33 -18.86 23.71
CA VAL A 169 44.56 -18.83 22.92
C VAL A 169 45.73 -19.22 23.80
N ILE A 170 46.68 -19.96 23.23
CA ILE A 170 47.88 -20.38 23.93
C ILE A 170 49.02 -19.51 23.42
N ARG A 171 49.53 -18.65 24.30
CA ARG A 171 50.63 -17.76 23.93
C ARG A 171 51.73 -17.87 24.96
N ASN A 172 52.98 -17.89 24.49
CA ASN A 172 54.16 -18.01 25.34
C ASN A 172 54.12 -19.29 26.16
N GLY A 173 53.44 -20.31 25.64
CA GLY A 173 53.31 -21.57 26.32
C GLY A 173 52.30 -21.57 27.45
N GLU A 174 51.57 -20.47 27.64
CA GLU A 174 50.58 -20.35 28.70
C GLU A 174 49.20 -20.11 28.08
N LYS A 175 48.18 -20.70 28.70
CA LYS A 175 46.82 -20.53 28.22
C LYS A 175 46.22 -19.23 28.72
N MET A 176 45.45 -18.56 27.86
CA MET A 176 44.83 -17.31 28.22
C MET A 176 43.56 -17.11 27.40
N SER A 177 42.49 -16.69 28.06
CA SER A 177 41.21 -16.44 27.42
C SER A 177 41.13 -14.96 27.12
N ILE A 178 41.13 -14.62 25.82
CA ILE A 178 41.08 -13.23 25.39
C ILE A 178 39.94 -13.06 24.40
N ASN A 179 39.49 -11.81 24.27
CA ASN A 179 38.40 -11.50 23.34
C ASN A 179 38.72 -11.98 21.93
N ALA A 180 37.65 -12.32 21.19
CA ALA A 180 37.82 -12.80 19.82
C ALA A 180 38.52 -11.76 18.95
N GLU A 181 38.17 -10.48 19.12
CA GLU A 181 38.79 -9.43 18.32
C GLU A 181 40.28 -9.27 18.60
N GLU A 182 40.78 -9.84 19.69
CA GLU A 182 42.19 -9.75 20.02
C GLU A 182 42.99 -10.90 19.43
N VAL A 183 42.33 -11.81 18.72
CA VAL A 183 42.99 -12.93 18.08
C VAL A 183 43.58 -12.46 16.76
N VAL A 184 44.76 -12.97 16.40
CA VAL A 184 45.44 -12.57 15.18
C VAL A 184 45.67 -13.78 14.26
N VAL A 185 46.31 -13.54 13.12
CA VAL A 185 46.59 -14.62 12.17
C VAL A 185 47.82 -15.39 12.61
N GLY A 186 47.69 -16.71 12.73
CA GLY A 186 48.80 -17.55 13.11
C GLY A 186 49.18 -17.64 14.57
N ASP A 187 48.26 -18.10 15.41
CA ASP A 187 48.53 -18.27 16.83
C ASP A 187 47.67 -19.43 17.30
N LEU A 188 48.31 -20.39 17.98
CA LEU A 188 47.62 -21.58 18.47
C LEU A 188 46.36 -21.24 19.24
N VAL A 189 45.25 -21.87 18.86
CA VAL A 189 43.95 -21.70 19.48
C VAL A 189 43.44 -23.08 19.84
N GLU A 190 42.98 -23.23 21.08
CA GLU A 190 42.44 -24.48 21.61
C GLU A 190 40.94 -24.31 21.77
N VAL A 191 40.17 -25.12 21.06
CA VAL A 191 38.72 -25.07 21.13
C VAL A 191 38.22 -26.30 21.86
N LYS A 192 37.48 -26.06 22.93
CA LYS A 192 36.92 -27.09 23.80
C LYS A 192 35.50 -27.42 23.33
N GLY A 193 35.01 -28.58 23.76
CA GLY A 193 33.67 -28.99 23.38
C GLY A 193 32.66 -28.07 24.03
N GLY A 194 32.06 -27.21 23.22
CA GLY A 194 31.08 -26.26 23.72
C GLY A 194 31.42 -24.84 23.31
N ASP A 195 32.67 -24.62 22.90
CA ASP A 195 33.14 -23.32 22.48
C ASP A 195 32.95 -23.14 20.98
N ARG A 196 32.70 -21.90 20.57
CA ARG A 196 32.52 -21.56 19.18
C ARG A 196 33.86 -21.24 18.55
N ILE A 197 34.09 -21.76 17.34
CA ILE A 197 35.33 -21.54 16.62
C ILE A 197 35.51 -20.04 16.39
N PRO A 198 36.52 -19.44 17.02
CA PRO A 198 36.73 -17.99 16.88
C PRO A 198 36.94 -17.53 15.45
N ALA A 199 37.99 -18.05 14.81
CA ALA A 199 38.32 -17.70 13.44
C ALA A 199 38.63 -18.97 12.66
N ASP A 200 38.95 -18.81 11.38
CA ASP A 200 39.29 -19.94 10.54
C ASP A 200 40.59 -20.55 11.03
N LEU A 201 40.53 -21.80 11.49
CA LEU A 201 41.68 -22.50 12.03
C LEU A 201 42.09 -23.67 11.16
N ARG A 202 43.34 -24.07 11.32
CA ARG A 202 43.94 -25.21 10.64
C ARG A 202 44.21 -26.20 11.77
N ILE A 203 43.41 -27.27 11.82
CA ILE A 203 43.53 -28.27 12.86
C ILE A 203 44.90 -28.94 12.81
N ILE A 204 45.51 -29.10 13.98
CA ILE A 204 46.81 -29.75 14.09
C ILE A 204 46.72 -30.94 15.03
N SER A 205 45.77 -30.90 15.96
CA SER A 205 45.59 -32.02 16.90
C SER A 205 44.15 -32.01 17.41
N ALA A 206 43.42 -33.09 17.14
CA ALA A 206 42.03 -33.22 17.55
C ALA A 206 41.84 -34.52 18.34
N ASN A 207 40.75 -34.57 19.11
CA ASN A 207 40.42 -35.72 19.95
C ASN A 207 38.95 -36.10 19.79
N GLY A 208 38.51 -36.28 18.56
CA GLY A 208 37.12 -36.60 18.35
C GLY A 208 36.25 -35.37 18.34
N CYS A 209 36.76 -34.27 17.78
CA CYS A 209 36.02 -33.02 17.71
C CYS A 209 35.05 -33.07 16.55
N LYS A 210 33.80 -32.66 16.79
CA LYS A 210 32.77 -32.65 15.76
C LYS A 210 32.21 -31.24 15.67
N VAL A 211 32.74 -30.44 14.76
CA VAL A 211 32.25 -29.07 14.62
C VAL A 211 30.93 -29.10 13.87
N ASP A 212 30.10 -28.08 14.14
CA ASP A 212 28.78 -27.93 13.52
C ASP A 212 28.88 -26.88 12.42
N ASN A 213 29.07 -27.34 11.20
CA ASN A 213 29.14 -26.45 10.04
C ASN A 213 27.77 -26.27 9.42
N SER A 214 26.80 -25.93 10.27
CA SER A 214 25.42 -25.74 9.81
C SER A 214 25.24 -24.38 9.15
N SER A 215 25.55 -23.31 9.87
CA SER A 215 25.37 -21.96 9.34
C SER A 215 26.26 -21.67 8.14
N LEU A 216 27.42 -22.33 8.03
CA LEU A 216 28.30 -22.01 6.90
C LEU A 216 28.11 -22.89 5.67
N THR A 217 28.34 -24.20 5.78
CA THR A 217 28.21 -25.04 4.60
C THR A 217 26.83 -25.68 4.47
N GLY A 218 26.13 -25.90 5.58
CA GLY A 218 24.83 -26.52 5.54
C GLY A 218 24.82 -27.99 5.86
N GLU A 219 25.99 -28.56 6.18
CA GLU A 219 26.07 -29.98 6.53
C GLU A 219 25.31 -30.19 7.84
N SER A 220 24.18 -30.89 7.74
CA SER A 220 23.33 -31.14 8.90
C SER A 220 24.05 -31.95 9.97
N GLU A 221 24.47 -33.17 9.62
CA GLU A 221 25.16 -34.02 10.57
C GLU A 221 26.47 -33.39 11.00
N PRO A 222 26.75 -33.28 12.30
CA PRO A 222 28.01 -32.66 12.76
C PRO A 222 29.21 -33.36 12.13
N GLN A 223 30.12 -32.56 11.55
CA GLN A 223 31.28 -33.11 10.86
C GLN A 223 32.50 -33.09 11.76
N THR A 224 33.17 -34.23 11.85
CA THR A 224 34.36 -34.35 12.67
C THR A 224 35.55 -33.66 12.01
N ARG A 225 36.42 -33.10 12.84
CA ARG A 225 37.62 -32.39 12.40
C ARG A 225 38.84 -33.24 12.71
N SER A 226 39.59 -33.58 11.67
CA SER A 226 40.80 -34.38 11.74
C SER A 226 41.99 -33.53 11.31
N PRO A 227 43.11 -33.56 12.06
CA PRO A 227 44.27 -32.74 11.66
C PRO A 227 44.81 -33.07 10.28
N ASP A 228 44.62 -34.30 9.81
CA ASP A 228 45.11 -34.71 8.51
C ASP A 228 44.19 -34.23 7.38
N PHE A 229 44.81 -33.80 6.29
CA PHE A 229 44.08 -33.33 5.12
C PHE A 229 43.28 -34.47 4.52
N THR A 230 41.98 -34.25 4.28
CA THR A 230 41.11 -35.29 3.74
C THR A 230 40.60 -35.01 2.32
N ASN A 231 39.95 -33.87 2.09
CA ASN A 231 39.40 -33.55 0.77
C ASN A 231 40.04 -32.29 0.21
N GLU A 232 40.08 -32.22 -1.12
CA GLU A 232 40.65 -31.06 -1.81
C GLU A 232 39.89 -29.78 -1.48
N ASN A 233 38.57 -29.88 -1.40
CA ASN A 233 37.72 -28.74 -1.09
C ASN A 233 38.01 -28.25 0.32
N PRO A 234 38.35 -26.98 0.52
CA PRO A 234 38.63 -26.50 1.89
C PRO A 234 37.42 -26.56 2.82
N LEU A 235 36.22 -26.80 2.30
CA LEU A 235 35.01 -26.89 3.10
C LEU A 235 34.75 -28.33 3.55
N GLU A 236 34.73 -29.26 2.60
CA GLU A 236 34.50 -30.67 2.92
C GLU A 236 35.64 -31.28 3.73
N THR A 237 36.82 -30.69 3.67
CA THR A 237 37.97 -31.21 4.39
C THR A 237 37.75 -31.13 5.91
N ARG A 238 38.48 -31.96 6.64
CA ARG A 238 38.35 -32.04 8.09
C ARG A 238 39.44 -31.30 8.85
N ASN A 239 40.47 -30.79 8.20
CA ASN A 239 41.53 -30.07 8.90
C ASN A 239 41.33 -28.56 8.91
N ILE A 240 40.09 -28.08 8.76
CA ILE A 240 39.80 -26.66 8.76
C ILE A 240 38.59 -26.37 9.65
N ALA A 241 38.78 -25.45 10.59
CA ALA A 241 37.72 -24.99 11.48
C ALA A 241 37.25 -23.68 10.88
N PHE A 242 35.94 -23.42 10.91
CA PHE A 242 35.43 -22.21 10.28
C PHE A 242 34.83 -21.23 11.27
N PHE A 243 34.81 -19.97 10.83
CA PHE A 243 34.24 -18.89 11.62
C PHE A 243 32.74 -19.14 11.77
N SER A 244 32.21 -18.80 12.94
CA SER A 244 30.79 -18.93 13.29
C SER A 244 30.30 -20.38 13.35
N THR A 245 31.20 -21.32 13.69
CA THR A 245 30.84 -22.72 13.83
C THR A 245 31.11 -23.14 15.27
N ASN A 246 30.17 -23.86 15.86
CA ASN A 246 30.29 -24.31 17.24
C ASN A 246 30.86 -25.72 17.30
N CYS A 247 31.76 -25.96 18.24
CA CYS A 247 32.38 -27.27 18.44
C CYS A 247 31.41 -28.09 19.28
N VAL A 248 30.68 -29.01 18.62
CA VAL A 248 29.68 -29.82 19.31
C VAL A 248 30.31 -30.64 20.43
N GLU A 249 31.38 -31.36 20.13
CA GLU A 249 32.02 -32.19 21.14
C GLU A 249 33.51 -32.31 20.82
N GLY A 250 34.24 -32.95 21.72
CA GLY A 250 35.67 -33.14 21.55
C GLY A 250 36.42 -31.83 21.75
N THR A 251 37.74 -31.93 21.61
CA THR A 251 38.63 -30.79 21.75
C THR A 251 39.62 -30.80 20.60
N ALA A 252 40.13 -29.62 20.25
CA ALA A 252 41.07 -29.56 19.14
C ALA A 252 41.97 -28.33 19.26
N ARG A 253 43.07 -28.38 18.51
CA ARG A 253 44.08 -27.33 18.43
C ARG A 253 44.22 -26.91 16.98
N GLY A 254 44.53 -25.63 16.77
CA GLY A 254 44.70 -25.17 15.41
C GLY A 254 45.38 -23.83 15.31
N ILE A 255 45.95 -23.59 14.13
CA ILE A 255 46.64 -22.33 13.84
C ILE A 255 45.70 -21.45 13.03
N VAL A 256 45.62 -20.17 13.40
CA VAL A 256 44.73 -19.26 12.69
C VAL A 256 45.24 -19.01 11.29
N VAL A 257 44.38 -19.21 10.29
CA VAL A 257 44.72 -18.97 8.90
C VAL A 257 44.15 -17.64 8.41
N TYR A 258 42.84 -17.45 8.57
CA TYR A 258 42.16 -16.23 8.17
C TYR A 258 41.54 -15.56 9.38
N THR A 259 41.43 -14.23 9.32
CA THR A 259 40.88 -13.45 10.41
C THR A 259 39.99 -12.34 9.88
N GLY A 260 39.16 -11.79 10.77
CA GLY A 260 38.28 -10.70 10.40
C GLY A 260 37.44 -11.03 9.18
N ASP A 261 37.40 -10.10 8.23
CA ASP A 261 36.63 -10.27 7.01
C ASP A 261 37.30 -11.24 6.04
N ARG A 262 38.56 -11.60 6.27
CA ARG A 262 39.27 -12.52 5.40
C ARG A 262 38.83 -13.97 5.59
N THR A 263 37.91 -14.23 6.51
CA THR A 263 37.43 -15.58 6.75
C THR A 263 36.44 -16.00 5.66
N VAL A 264 36.03 -17.27 5.70
CA VAL A 264 35.09 -17.80 4.72
C VAL A 264 33.73 -17.10 4.86
N MET A 265 33.13 -17.22 6.05
CA MET A 265 31.84 -16.57 6.27
C MET A 265 31.95 -15.05 6.18
N GLY A 266 33.13 -14.50 6.51
CA GLY A 266 33.29 -13.06 6.41
C GLY A 266 33.21 -12.60 4.96
N ARG A 267 33.86 -13.33 4.06
CA ARG A 267 33.81 -13.00 2.64
C ARG A 267 32.40 -13.20 2.11
N ILE A 268 31.71 -14.25 2.59
CA ILE A 268 30.34 -14.48 2.14
C ILE A 268 29.45 -13.32 2.58
N ALA A 269 29.61 -12.86 3.82
CA ALA A 269 28.82 -11.75 4.34
C ALA A 269 29.11 -10.47 3.57
N THR A 270 30.38 -10.20 3.29
CA THR A 270 30.72 -9.00 2.53
C THR A 270 30.16 -9.08 1.11
N LEU A 271 30.11 -10.30 0.54
CA LEU A 271 29.52 -10.45 -0.79
C LEU A 271 28.04 -10.16 -0.72
N ALA A 272 27.38 -10.59 0.35
CA ALA A 272 25.96 -10.31 0.52
C ALA A 272 25.70 -8.82 0.64
N SER A 273 26.54 -8.11 1.40
CA SER A 273 26.36 -6.68 1.56
C SER A 273 26.57 -5.91 0.26
N GLY A 274 27.30 -6.49 -0.69
CA GLY A 274 27.55 -5.82 -1.96
C GLY A 274 26.70 -6.28 -3.12
N LEU A 275 25.56 -6.93 -2.86
CA LEU A 275 24.68 -7.40 -3.92
C LEU A 275 23.54 -6.41 -4.15
N GLU A 276 23.00 -6.43 -5.36
CA GLU A 276 21.92 -5.55 -5.75
C GLU A 276 20.56 -6.15 -5.38
N GLY A 277 19.73 -5.35 -4.71
CA GLY A 277 18.42 -5.83 -4.30
C GLY A 277 17.48 -6.05 -5.48
N GLY A 278 17.54 -5.17 -6.48
CA GLY A 278 16.70 -5.29 -7.65
C GLY A 278 15.40 -4.50 -7.52
N GLN A 279 14.55 -4.65 -8.55
CA GLN A 279 13.26 -3.98 -8.59
C GLN A 279 12.18 -4.95 -8.16
N THR A 280 11.45 -4.60 -7.10
CA THR A 280 10.37 -5.46 -6.62
C THR A 280 9.23 -5.47 -7.64
N PRO A 281 8.51 -6.60 -7.76
CA PRO A 281 7.42 -6.64 -8.75
C PRO A 281 6.35 -5.59 -8.52
N ILE A 282 6.02 -5.32 -7.25
CA ILE A 282 5.00 -4.33 -6.93
C ILE A 282 5.44 -2.93 -7.37
N ALA A 283 6.73 -2.62 -7.21
CA ALA A 283 7.22 -1.31 -7.64
C ALA A 283 7.08 -1.15 -9.14
N ALA A 284 7.38 -2.21 -9.90
CA ALA A 284 7.22 -2.15 -11.35
C ALA A 284 5.76 -1.94 -11.71
N GLU A 285 4.85 -2.56 -10.94
CA GLU A 285 3.43 -2.37 -11.21
C GLU A 285 3.02 -0.92 -10.93
N ILE A 286 3.55 -0.33 -9.85
CA ILE A 286 3.23 1.07 -9.55
C ILE A 286 3.73 1.97 -10.67
N GLU A 287 4.94 1.69 -11.17
CA GLU A 287 5.50 2.48 -12.26
C GLU A 287 4.63 2.38 -13.52
N HIS A 288 4.18 1.16 -13.85
CA HIS A 288 3.33 0.98 -15.01
C HIS A 288 2.02 1.74 -14.85
N PHE A 289 1.48 1.73 -13.63
CA PHE A 289 0.26 2.47 -13.35
C PHE A 289 0.46 3.96 -13.59
N ILE A 290 1.59 4.50 -13.10
CA ILE A 290 1.89 5.91 -13.32
C ILE A 290 2.01 6.19 -14.80
N HIS A 291 2.58 5.24 -15.55
CA HIS A 291 2.72 5.42 -16.98
C HIS A 291 1.36 5.61 -17.65
N ILE A 292 0.40 4.75 -17.31
CA ILE A 292 -0.92 4.91 -17.92
C ILE A 292 -1.60 6.19 -17.43
N ILE A 293 -1.39 6.54 -16.16
CA ILE A 293 -1.98 7.76 -15.62
C ILE A 293 -1.51 8.96 -16.43
N THR A 294 -0.20 9.06 -16.65
CA THR A 294 0.34 10.15 -17.43
C THR A 294 -0.11 10.06 -18.89
N GLY A 295 -0.31 8.84 -19.40
CA GLY A 295 -0.78 8.69 -20.76
C GLY A 295 -2.11 9.39 -20.96
N VAL A 296 -3.10 9.07 -20.13
CA VAL A 296 -4.40 9.73 -20.27
C VAL A 296 -4.29 11.21 -19.92
N ALA A 297 -3.48 11.55 -18.92
CA ALA A 297 -3.33 12.95 -18.52
C ALA A 297 -2.89 13.82 -19.69
N VAL A 298 -1.71 13.52 -20.25
CA VAL A 298 -1.20 14.30 -21.37
C VAL A 298 -2.06 14.14 -22.60
N PHE A 299 -2.68 12.96 -22.81
CA PHE A 299 -3.52 12.81 -23.99
C PHE A 299 -4.70 13.78 -23.94
N LEU A 300 -5.39 13.80 -22.80
CA LEU A 300 -6.51 14.72 -22.63
C LEU A 300 -6.03 16.16 -22.69
N GLY A 301 -4.86 16.44 -22.12
CA GLY A 301 -4.35 17.80 -22.16
C GLY A 301 -4.09 18.30 -23.56
N VAL A 302 -3.43 17.50 -24.38
CA VAL A 302 -3.13 17.91 -25.76
C VAL A 302 -4.40 17.94 -26.61
N SER A 303 -5.27 16.94 -26.48
CA SER A 303 -6.50 16.95 -27.27
C SER A 303 -7.36 18.14 -26.90
N PHE A 304 -7.45 18.46 -25.60
CA PHE A 304 -8.21 19.64 -25.18
C PHE A 304 -7.48 20.91 -25.59
N PHE A 305 -6.16 20.86 -25.76
CA PHE A 305 -5.45 22.04 -26.25
C PHE A 305 -5.90 22.35 -27.67
N ILE A 306 -5.99 21.29 -28.49
CA ILE A 306 -6.48 21.44 -29.86
C ILE A 306 -7.93 21.91 -29.83
N LEU A 307 -8.73 21.34 -28.94
CA LEU A 307 -10.14 21.71 -28.83
C LEU A 307 -10.30 23.17 -28.41
N SER A 308 -9.52 23.61 -27.42
CA SER A 308 -9.58 24.98 -26.95
C SER A 308 -9.21 25.95 -28.06
N LEU A 309 -8.14 25.65 -28.80
CA LEU A 309 -7.77 26.52 -29.90
C LEU A 309 -8.86 26.52 -30.97
N ILE A 310 -9.48 25.36 -31.21
CA ILE A 310 -10.56 25.27 -32.20
C ILE A 310 -11.73 26.13 -31.74
N LEU A 311 -11.90 26.29 -30.43
CA LEU A 311 -12.95 27.15 -29.91
C LEU A 311 -12.54 28.61 -29.95
N GLU A 312 -11.46 28.89 -30.68
CA GLU A 312 -10.92 30.23 -30.93
C GLU A 312 -10.29 30.88 -29.70
N TYR A 313 -9.78 30.08 -28.75
CA TYR A 313 -9.13 30.63 -27.58
C TYR A 313 -7.66 30.96 -27.90
N THR A 314 -7.07 31.83 -27.09
CA THR A 314 -5.70 32.27 -27.28
C THR A 314 -4.68 31.19 -26.92
N TRP A 315 -3.43 31.39 -27.33
CA TRP A 315 -2.38 30.43 -26.98
C TRP A 315 -2.04 30.52 -25.50
N LEU A 316 -2.15 31.71 -24.92
CA LEU A 316 -1.90 31.88 -23.50
C LEU A 316 -2.88 31.01 -22.72
N GLU A 317 -4.16 31.08 -23.10
CA GLU A 317 -5.18 30.26 -22.47
C GLU A 317 -5.03 28.79 -22.85
N ALA A 318 -4.54 28.51 -24.05
CA ALA A 318 -4.35 27.12 -24.46
C ALA A 318 -3.30 26.44 -23.59
N VAL A 319 -2.20 27.15 -23.30
CA VAL A 319 -1.17 26.59 -22.43
C VAL A 319 -1.73 26.45 -21.02
N ILE A 320 -2.50 27.45 -20.56
CA ILE A 320 -3.11 27.37 -19.24
C ILE A 320 -3.97 26.11 -19.14
N PHE A 321 -4.77 25.85 -20.18
CA PHE A 321 -5.64 24.68 -20.20
C PHE A 321 -4.83 23.39 -20.18
N LEU A 322 -3.82 23.28 -21.06
CA LEU A 322 -3.00 22.08 -21.11
C LEU A 322 -2.43 21.74 -19.73
N ILE A 323 -1.88 22.76 -19.06
CA ILE A 323 -1.32 22.55 -17.73
C ILE A 323 -2.39 22.14 -16.74
N GLY A 324 -3.56 22.79 -16.79
CA GLY A 324 -4.63 22.44 -15.88
C GLY A 324 -5.14 21.02 -16.07
N ILE A 325 -5.19 20.56 -17.32
CA ILE A 325 -5.66 19.21 -17.58
C ILE A 325 -4.66 18.18 -17.07
N ILE A 326 -3.38 18.40 -17.35
CA ILE A 326 -2.37 17.45 -16.89
C ILE A 326 -2.33 17.42 -15.37
N VAL A 327 -2.42 18.59 -14.74
CA VAL A 327 -2.38 18.66 -13.28
C VAL A 327 -3.62 18.03 -12.65
N ALA A 328 -4.80 18.37 -13.15
CA ALA A 328 -6.04 17.83 -12.62
C ALA A 328 -6.14 16.33 -12.77
N ASN A 329 -5.26 15.73 -13.57
CA ASN A 329 -5.26 14.29 -13.81
C ASN A 329 -4.25 13.54 -12.94
N VAL A 330 -3.75 14.18 -11.88
CA VAL A 330 -2.77 13.56 -11.00
C VAL A 330 -3.48 13.18 -9.69
N PRO A 331 -3.65 11.87 -9.39
CA PRO A 331 -4.32 11.48 -8.16
C PRO A 331 -3.49 11.79 -6.93
N GLU A 332 -3.94 12.77 -6.15
CA GLU A 332 -3.23 13.19 -4.95
C GLU A 332 -3.45 12.21 -3.79
N GLY A 333 -4.71 11.96 -3.46
CA GLY A 333 -5.05 11.07 -2.36
C GLY A 333 -4.72 9.61 -2.59
N LEU A 334 -4.32 9.24 -3.80
CA LEU A 334 -4.00 7.84 -4.06
C LEU A 334 -2.71 7.43 -3.35
N LEU A 335 -1.82 8.37 -3.09
CA LEU A 335 -0.55 8.04 -2.43
C LEU A 335 -0.78 7.54 -1.00
N ALA A 336 -1.51 8.33 -0.19
CA ALA A 336 -1.77 7.92 1.18
C ALA A 336 -2.62 6.66 1.25
N THR A 337 -3.60 6.53 0.35
CA THR A 337 -4.42 5.33 0.34
C THR A 337 -3.60 4.09 0.04
N VAL A 338 -2.69 4.18 -0.96
CA VAL A 338 -1.86 3.03 -1.29
C VAL A 338 -0.93 2.70 -0.14
N THR A 339 -0.34 3.71 0.49
CA THR A 339 0.56 3.47 1.62
C THR A 339 -0.16 2.78 2.77
N VAL A 340 -1.31 3.31 3.19
CA VAL A 340 -2.04 2.68 4.28
C VAL A 340 -2.55 1.31 3.85
N CYS A 341 -2.89 1.15 2.57
CA CYS A 341 -3.37 -0.14 2.07
C CYS A 341 -2.30 -1.21 2.24
N LEU A 342 -1.05 -0.88 1.89
CA LEU A 342 0.03 -1.84 2.06
C LEU A 342 0.34 -2.04 3.54
N THR A 343 0.24 -0.96 4.32
CA THR A 343 0.53 -1.04 5.75
C THR A 343 -0.44 -1.97 6.47
N LEU A 344 -1.71 -1.99 6.05
CA LEU A 344 -2.69 -2.87 6.70
C LEU A 344 -2.32 -4.33 6.54
N THR A 345 -2.03 -4.76 5.31
CA THR A 345 -1.65 -6.15 5.08
C THR A 345 -0.33 -6.45 5.78
N ALA A 346 0.60 -5.49 5.78
CA ALA A 346 1.87 -5.71 6.48
C ALA A 346 1.65 -5.89 7.97
N LYS A 347 0.68 -5.17 8.54
CA LYS A 347 0.39 -5.34 9.96
C LYS A 347 -0.23 -6.69 10.21
N ARG A 348 -1.07 -7.17 9.29
CA ARG A 348 -1.63 -8.50 9.45
C ARG A 348 -0.51 -9.53 9.44
N MET A 349 0.52 -9.28 8.63
CA MET A 349 1.68 -10.17 8.61
C MET A 349 2.42 -10.09 9.94
N ALA A 350 2.59 -8.87 10.46
CA ALA A 350 3.28 -8.67 11.74
C ALA A 350 2.53 -9.35 12.88
N ARG A 351 1.21 -9.50 12.75
CA ARG A 351 0.44 -10.15 13.80
C ARG A 351 0.76 -11.64 13.87
N LYS A 352 1.12 -12.24 12.74
CA LYS A 352 1.45 -13.66 12.66
C LYS A 352 2.96 -13.89 12.63
N ASN A 353 3.74 -12.92 13.10
CA ASN A 353 5.19 -12.95 13.18
C ASN A 353 5.86 -12.96 11.81
N CYS A 354 5.16 -12.51 10.78
CA CYS A 354 5.71 -12.42 9.43
C CYS A 354 6.12 -10.98 9.17
N LEU A 355 7.16 -10.56 9.90
CA LEU A 355 7.64 -9.19 9.80
C LEU A 355 8.19 -8.91 8.40
N VAL A 356 7.94 -7.69 7.92
CA VAL A 356 8.41 -7.24 6.61
C VAL A 356 9.17 -5.93 6.80
N LYS A 357 10.49 -5.95 6.53
CA LYS A 357 11.27 -4.73 6.66
C LYS A 357 10.98 -3.76 5.53
N ASN A 358 10.62 -4.30 4.36
CA ASN A 358 10.29 -3.50 3.19
C ASN A 358 8.77 -3.41 3.10
N LEU A 359 8.25 -2.18 3.12
CA LEU A 359 6.80 -1.97 3.09
C LEU A 359 6.15 -2.61 1.87
N GLU A 360 6.80 -2.54 0.71
CA GLU A 360 6.23 -3.13 -0.50
C GLU A 360 6.54 -4.61 -0.64
N ALA A 361 7.37 -5.18 0.23
CA ALA A 361 7.70 -6.60 0.17
C ALA A 361 6.57 -7.48 0.64
N VAL A 362 5.47 -6.89 1.14
CA VAL A 362 4.34 -7.67 1.60
C VAL A 362 3.63 -8.36 0.45
N GLU A 363 3.70 -7.78 -0.75
CA GLU A 363 3.03 -8.36 -1.93
C GLU A 363 3.89 -9.33 -2.72
N THR A 364 5.22 -9.16 -2.73
CA THR A 364 6.13 -10.00 -3.49
C THR A 364 5.84 -11.50 -3.42
N LEU A 365 5.34 -11.98 -2.28
CA LEU A 365 5.02 -13.40 -2.15
C LEU A 365 3.90 -13.82 -3.09
N GLY A 366 2.87 -12.97 -3.24
CA GLY A 366 1.73 -13.26 -4.10
C GLY A 366 2.08 -13.41 -5.57
N SER A 367 3.17 -12.80 -6.02
CA SER A 367 3.58 -12.89 -7.41
C SER A 367 4.64 -13.95 -7.63
N THR A 368 5.15 -14.55 -6.55
CA THR A 368 6.18 -15.58 -6.66
C THR A 368 5.64 -16.81 -7.38
N SER A 369 6.48 -17.40 -8.23
CA SER A 369 6.14 -18.60 -8.97
C SER A 369 7.22 -19.67 -8.86
N THR A 370 8.26 -19.44 -8.05
CA THR A 370 9.34 -20.40 -7.85
C THR A 370 9.97 -20.07 -6.51
N ILE A 371 9.89 -20.99 -5.55
CA ILE A 371 10.46 -20.81 -4.23
C ILE A 371 11.68 -21.70 -4.08
N CYS A 372 12.83 -21.07 -3.85
CA CYS A 372 14.08 -21.79 -3.65
C CYS A 372 14.30 -21.85 -2.15
N SER A 373 14.18 -23.04 -1.58
CA SER A 373 14.34 -23.21 -0.14
C SER A 373 15.64 -23.88 0.26
N LYS A 375 17.56 -26.49 2.94
CA LYS A 375 17.18 -27.72 3.62
C LYS A 375 17.42 -27.65 5.14
N THR A 376 18.70 -27.66 5.52
CA THR A 376 19.08 -27.62 6.92
C THR A 376 18.76 -26.25 7.52
N GLY A 377 17.94 -26.23 8.57
CA GLY A 377 17.56 -25.00 9.23
C GLY A 377 16.27 -24.38 8.74
N THR A 378 16.03 -24.40 7.43
CA THR A 378 14.80 -23.82 6.89
C THR A 378 13.69 -24.87 6.83
N LEU A 379 13.90 -25.93 6.02
CA LEU A 379 12.90 -26.98 5.95
C LEU A 379 12.96 -27.89 7.16
N THR A 380 14.17 -28.23 7.60
CA THR A 380 14.34 -29.09 8.77
C THR A 380 14.52 -28.24 10.02
N GLN A 381 14.53 -28.92 11.16
CA GLN A 381 14.71 -28.26 12.44
C GLN A 381 16.17 -28.16 12.83
N ASN A 382 17.08 -28.70 12.01
CA ASN A 382 18.51 -28.67 12.30
C ASN A 382 18.77 -29.19 13.72
N ARG A 383 18.15 -30.33 14.01
CA ARG A 383 18.26 -30.93 15.33
C ARG A 383 18.19 -32.44 15.17
N MET A 384 19.30 -33.13 15.42
CA MET A 384 19.32 -34.58 15.30
C MET A 384 18.26 -35.16 16.22
N THR A 385 17.28 -35.86 15.65
CA THR A 385 16.20 -36.42 16.44
C THR A 385 15.94 -37.87 16.07
N VAL A 386 15.51 -38.64 17.07
CA VAL A 386 15.21 -40.06 16.89
C VAL A 386 14.01 -40.18 15.95
N ALA A 387 14.22 -40.82 14.80
CA ALA A 387 13.15 -40.99 13.81
C ALA A 387 12.47 -42.35 13.90
N HIS A 388 13.22 -43.43 13.73
CA HIS A 388 12.66 -44.78 13.77
C HIS A 388 13.43 -45.66 14.73
N MET A 389 12.75 -46.70 15.20
CA MET A 389 13.31 -47.68 16.11
C MET A 389 12.89 -49.06 15.60
N TRP A 390 13.75 -50.05 15.81
CA TRP A 390 13.47 -51.41 15.35
C TRP A 390 13.44 -52.33 16.56
N PHE A 391 12.27 -52.85 16.91
CA PHE A 391 12.20 -53.80 18.00
C PHE A 391 11.09 -54.80 17.69
N ASP A 392 11.32 -56.04 18.11
CA ASP A 392 10.39 -57.15 17.89
C ASP A 392 10.06 -57.29 16.41
N ASN A 393 11.08 -57.13 15.57
CA ASN A 393 10.97 -57.20 14.12
C ASN A 393 9.86 -56.29 13.62
N GLN A 394 9.85 -55.06 14.12
CA GLN A 394 8.86 -54.10 13.68
C GLN A 394 9.47 -52.71 13.80
N ILE A 395 9.25 -51.90 12.77
CA ILE A 395 9.74 -50.53 12.71
C ILE A 395 8.70 -49.64 13.37
N HIS A 396 9.16 -48.77 14.27
CA HIS A 396 8.30 -47.86 15.01
C HIS A 396 8.82 -46.45 14.76
N GLU A 397 8.02 -45.65 14.07
CA GLU A 397 8.37 -44.28 13.74
C GLU A 397 7.95 -43.35 14.86
N ALA A 398 8.93 -42.78 15.56
CA ALA A 398 8.63 -41.84 16.62
C ALA A 398 8.27 -40.50 15.99
N ASP A 399 7.40 -39.75 16.65
CA ASP A 399 6.99 -38.47 16.10
C ASP A 399 8.22 -37.57 15.97
N THR A 400 8.34 -36.95 14.79
CA THR A 400 9.47 -36.08 14.48
C THR A 400 9.07 -34.62 14.46
N THR A 401 7.96 -34.28 15.11
CA THR A 401 7.51 -32.89 15.13
C THR A 401 8.26 -32.10 16.19
N GLU A 402 8.22 -30.78 16.02
CA GLU A 402 8.90 -29.86 16.94
C GLU A 402 8.04 -29.54 18.16
N ASN A 403 6.72 -29.49 17.99
CA ASN A 403 5.80 -29.16 19.07
C ASN A 403 5.15 -30.39 19.69
N GLN A 404 5.59 -31.60 19.32
CA GLN A 404 5.03 -32.84 19.85
C GLN A 404 3.53 -32.95 19.56
N SER A 405 3.21 -33.04 18.27
CA SER A 405 1.84 -33.15 17.81
C SER A 405 1.69 -34.24 16.75
N GLY A 406 2.53 -35.27 16.80
CA GLY A 406 2.49 -36.36 15.85
C GLY A 406 1.93 -37.64 16.46
N VAL A 407 1.83 -38.65 15.59
CA VAL A 407 1.30 -39.95 16.00
C VAL A 407 2.28 -40.62 16.95
N SER A 408 1.78 -41.06 18.11
CA SER A 408 2.62 -41.70 19.11
C SER A 408 2.93 -43.15 18.71
N PHE A 409 4.17 -43.55 18.97
CA PHE A 409 4.65 -44.89 18.69
C PHE A 409 3.98 -45.90 19.62
N ASP A 410 4.31 -47.18 19.42
CA ASP A 410 3.75 -48.27 20.20
C ASP A 410 4.71 -48.60 21.34
N LYS A 411 4.23 -48.46 22.61
CA LYS A 411 5.06 -48.76 23.79
C LYS A 411 4.27 -49.57 24.84
N THR A 412 4.24 -50.88 24.67
CA THR A 412 3.58 -51.78 25.61
C THR A 412 4.39 -53.03 25.89
N SER A 413 5.27 -53.43 24.99
CA SER A 413 6.09 -54.63 25.12
C SER A 413 7.29 -54.35 26.03
N ALA A 414 7.92 -55.44 26.49
CA ALA A 414 9.09 -55.32 27.35
C ALA A 414 10.33 -54.91 26.57
N THR A 415 10.36 -55.20 25.26
CA THR A 415 11.51 -54.82 24.45
C THR A 415 11.64 -53.30 24.39
N TRP A 416 10.53 -52.57 24.44
CA TRP A 416 10.62 -51.12 24.45
C TRP A 416 11.34 -50.67 25.71
N LEU A 417 11.03 -51.32 26.84
CA LEU A 417 11.68 -50.99 28.10
C LEU A 417 13.18 -51.30 28.02
N ALA A 418 13.54 -52.43 27.41
CA ALA A 418 14.95 -52.77 27.29
C ALA A 418 15.69 -51.74 26.44
N LEU A 419 15.11 -51.36 25.31
CA LEU A 419 15.73 -50.37 24.43
C LEU A 419 15.87 -49.02 25.14
N SER A 420 14.82 -48.60 25.85
CA SER A 420 14.87 -47.33 26.56
C SER A 420 15.93 -47.36 27.65
N ARG A 421 16.10 -48.49 28.32
CA ARG A 421 17.12 -48.59 29.36
C ARG A 421 18.51 -48.47 28.75
N ILE A 422 18.75 -49.21 27.67
CA ILE A 422 20.07 -49.15 27.03
C ILE A 422 20.38 -47.74 26.56
N ALA A 423 19.38 -47.05 26.01
CA ALA A 423 19.62 -45.69 25.51
C ALA A 423 19.79 -44.68 26.65
N GLY A 424 18.92 -44.70 27.65
CA GLY A 424 19.02 -43.73 28.73
C GLY A 424 20.18 -43.96 29.68
N LEU A 425 20.64 -45.21 29.83
CA LEU A 425 21.73 -45.51 30.74
C LEU A 425 23.11 -45.35 30.09
N CYS A 426 23.33 -46.02 28.95
CA CYS A 426 24.63 -45.96 28.26
C CYS A 426 24.77 -44.68 27.44
N ASN A 427 24.70 -43.55 28.15
CA ASN A 427 24.83 -42.22 27.53
C ASN A 427 25.62 -41.31 28.46
N ARG A 428 26.69 -40.72 27.92
CA ARG A 428 27.62 -39.88 28.67
C ARG A 428 26.96 -38.79 29.51
N ALA A 429 26.27 -37.84 28.88
CA ALA A 429 25.72 -36.73 29.65
C ALA A 429 24.21 -36.55 29.51
N VAL A 430 23.74 -35.43 30.09
CA VAL A 430 22.35 -34.99 30.17
C VAL A 430 22.24 -33.48 29.89
N PHE A 431 21.11 -32.90 30.29
CA PHE A 431 20.81 -31.48 30.13
C PHE A 431 21.77 -30.62 30.96
N GLN A 432 21.52 -29.31 30.98
CA GLN A 432 22.33 -28.34 31.69
C GLN A 432 21.59 -27.74 32.89
N ALA A 433 22.22 -26.71 33.50
CA ALA A 433 21.68 -26.05 34.69
C ALA A 433 20.33 -25.39 34.45
N ASN A 434 20.30 -24.38 33.56
CA ASN A 434 19.07 -23.64 33.31
C ASN A 434 18.02 -24.42 32.52
N GLN A 435 18.35 -25.61 32.00
CA GLN A 435 17.40 -26.41 31.23
C GLN A 435 16.42 -27.14 32.15
N GLU A 436 15.56 -26.35 32.79
CA GLU A 436 14.55 -26.88 33.70
C GLU A 436 13.14 -26.52 33.26
N ASN A 437 12.88 -25.25 32.97
CA ASN A 437 11.57 -24.81 32.51
C ASN A 437 11.43 -24.92 31.00
N LEU A 438 12.55 -24.99 30.28
CA LEU A 438 12.53 -25.09 28.83
C LEU A 438 11.89 -26.40 28.39
N PRO A 439 11.29 -26.43 27.19
CA PRO A 439 10.68 -27.67 26.71
C PRO A 439 11.72 -28.76 26.53
N ILE A 440 11.24 -30.01 26.52
CA ILE A 440 12.12 -31.17 26.39
C ILE A 440 12.93 -31.14 25.09
N LEU A 441 12.34 -30.62 24.01
CA LEU A 441 13.04 -30.60 22.72
C LEU A 441 13.98 -29.41 22.56
N LYS A 442 13.44 -28.19 22.67
CA LYS A 442 14.25 -26.98 22.48
C LYS A 442 15.24 -26.71 23.64
N ARG A 443 15.48 -27.60 24.59
CA ARG A 443 16.42 -27.33 25.67
C ARG A 443 17.81 -27.86 25.32
N ALA A 444 18.83 -27.15 25.82
CA ALA A 444 20.21 -27.52 25.56
C ALA A 444 20.61 -28.80 26.31
N VAL A 445 21.50 -29.56 25.68
CA VAL A 445 22.02 -30.81 26.23
C VAL A 445 23.52 -30.85 25.93
N ALA A 446 24.32 -31.32 26.89
CA ALA A 446 25.76 -31.36 26.66
C ALA A 446 26.19 -32.72 26.12
N GLY A 447 26.94 -32.70 24.99
CA GLY A 447 27.43 -33.93 24.40
C GLY A 447 27.19 -33.99 22.90
N ASP A 448 27.27 -35.21 22.38
CA ASP A 448 27.08 -35.50 20.96
C ASP A 448 25.59 -35.37 20.61
N ALA A 449 25.32 -35.06 19.34
CA ALA A 449 23.94 -34.87 18.89
C ALA A 449 23.10 -36.14 19.02
N SER A 450 23.70 -37.31 18.78
CA SER A 450 22.96 -38.57 18.89
C SER A 450 22.50 -38.81 20.32
N GLU A 451 23.38 -38.55 21.29
CA GLU A 451 23.04 -38.74 22.69
C GLU A 451 21.89 -37.84 23.08
N SER A 452 21.87 -36.61 22.57
CA SER A 452 20.78 -35.69 22.87
C SER A 452 19.47 -36.20 22.30
N ALA A 453 19.52 -36.75 21.07
CA ALA A 453 18.29 -37.29 20.50
C ALA A 453 17.76 -38.44 21.34
N LEU A 454 18.65 -39.34 21.77
CA LEU A 454 18.23 -40.47 22.60
C LEU A 454 17.64 -39.99 23.92
N LEU A 455 18.30 -39.00 24.54
CA LEU A 455 17.82 -38.46 25.80
C LEU A 455 16.44 -37.87 25.66
N LYS A 456 16.21 -37.13 24.57
CA LYS A 456 14.89 -36.54 24.35
C LYS A 456 13.84 -37.62 24.10
N CYS A 457 14.23 -38.68 23.38
CA CYS A 457 13.28 -39.76 23.13
C CYS A 457 12.86 -40.45 24.42
N ILE A 458 13.81 -40.67 25.32
CA ILE A 458 13.45 -41.32 26.59
C ILE A 458 12.70 -40.34 27.48
N GLU A 459 13.03 -39.05 27.41
CA GLU A 459 12.36 -38.05 28.24
C GLU A 459 10.92 -37.80 27.79
N LEU A 460 10.63 -38.06 26.52
CA LEU A 460 9.28 -37.85 25.99
C LEU A 460 8.47 -39.14 25.89
N CYS A 461 9.12 -40.30 25.79
CA CYS A 461 8.42 -41.56 25.64
C CYS A 461 8.55 -42.52 26.81
N CYS A 462 9.59 -42.40 27.64
CA CYS A 462 9.77 -43.31 28.76
C CYS A 462 9.89 -42.57 30.08
N GLY A 463 9.14 -41.48 30.24
CA GLY A 463 9.19 -40.75 31.49
C GLY A 463 10.40 -39.83 31.63
N SER A 464 11.29 -40.15 32.56
CA SER A 464 12.47 -39.32 32.81
C SER A 464 13.74 -40.17 32.83
N VAL A 465 14.87 -39.48 32.64
CA VAL A 465 16.19 -40.10 32.65
C VAL A 465 17.03 -39.62 33.82
N LYS A 466 16.57 -38.60 34.55
CA LYS A 466 17.32 -38.10 35.70
C LYS A 466 17.42 -39.17 36.77
N GLU A 467 16.27 -39.62 37.29
CA GLU A 467 16.24 -40.65 38.32
C GLU A 467 16.45 -42.04 37.74
N MET A 468 16.26 -42.22 36.43
CA MET A 468 16.46 -43.53 35.83
C MET A 468 17.94 -43.85 35.68
N ARG A 469 18.79 -42.83 35.55
CA ARG A 469 20.22 -43.02 35.41
C ARG A 469 20.90 -43.33 36.74
N GLU A 470 20.50 -42.63 37.80
CA GLU A 470 21.11 -42.87 39.11
C GLU A 470 20.58 -44.13 39.78
N ARG A 471 19.35 -44.54 39.45
CA ARG A 471 18.76 -45.74 40.04
C ARG A 471 19.54 -47.00 39.70
N TYR A 472 20.26 -46.98 38.58
CA TYR A 472 21.09 -48.10 38.12
C TYR A 472 22.52 -47.59 38.23
N THR A 473 23.09 -47.73 39.43
CA THR A 473 24.44 -47.24 39.66
C THR A 473 25.43 -47.86 38.70
N LYS A 474 26.27 -47.00 38.12
CA LYS A 474 27.29 -47.41 37.18
C LYS A 474 28.57 -47.73 37.92
N ILE A 475 29.31 -48.70 37.41
CA ILE A 475 30.57 -49.08 38.05
C ILE A 475 31.74 -48.77 37.13
N VAL A 476 31.79 -49.49 36.00
CA VAL A 476 32.84 -49.31 35.02
C VAL A 476 32.18 -49.03 33.67
N GLU A 477 32.58 -47.92 33.05
CA GLU A 477 32.07 -47.50 31.77
C GLU A 477 33.22 -47.49 30.77
N ILE A 478 33.00 -48.03 29.59
CA ILE A 478 34.00 -48.09 28.54
C ILE A 478 33.52 -47.18 27.40
N PRO A 479 34.20 -46.06 27.15
CA PRO A 479 33.78 -45.17 26.06
C PRO A 479 34.26 -45.68 24.72
N PHE A 480 33.79 -45.00 23.67
CA PHE A 480 34.12 -45.31 22.29
C PHE A 480 35.62 -45.49 22.09
N ASN A 481 35.97 -46.45 21.25
CA ASN A 481 37.37 -46.75 20.95
C ASN A 481 37.57 -46.79 19.44
N SER A 482 38.76 -46.37 19.00
CA SER A 482 39.07 -46.37 17.57
C SER A 482 39.26 -47.80 17.05
N THR A 483 40.00 -48.61 17.79
CA THR A 483 40.21 -50.02 17.46
C THR A 483 39.24 -50.81 18.32
N ASN A 484 38.64 -51.84 17.74
CA ASN A 484 37.65 -52.65 18.46
C ASN A 484 36.53 -51.72 18.96
N LYS A 485 36.07 -50.85 18.06
CA LYS A 485 35.07 -49.84 18.34
C LYS A 485 33.87 -50.36 19.13
N TYR A 486 33.73 -49.87 20.36
CA TYR A 486 32.64 -50.26 21.24
C TYR A 486 32.37 -49.14 22.23
N GLN A 487 31.15 -49.15 22.77
CA GLN A 487 30.72 -48.16 23.77
C GLN A 487 29.78 -48.92 24.70
N LEU A 488 30.28 -49.25 25.90
CA LEU A 488 29.51 -50.03 26.85
C LEU A 488 29.68 -49.47 28.26
N SER A 489 28.97 -50.10 29.20
CA SER A 489 29.02 -49.74 30.62
C SER A 489 28.23 -50.77 31.41
N ILE A 490 28.70 -51.08 32.62
CA ILE A 490 28.05 -52.06 33.50
C ILE A 490 27.40 -51.34 34.67
N HIS A 491 26.12 -51.64 34.92
CA HIS A 491 25.36 -51.03 36.00
C HIS A 491 24.75 -52.10 36.90
N LYS A 492 24.36 -51.66 38.10
CA LYS A 492 23.74 -52.50 39.11
C LYS A 492 22.24 -52.66 38.84
N ASN A 493 21.63 -53.69 39.49
CA ASN A 493 20.21 -54.00 39.29
C ASN A 493 19.29 -53.07 40.08
N PRO A 494 18.17 -52.64 39.45
CA PRO A 494 17.22 -51.69 40.06
C PRO A 494 16.28 -52.15 41.17
N ASN A 495 15.54 -53.23 40.94
CA ASN A 495 14.54 -53.70 41.89
C ASN A 495 14.82 -55.13 42.33
N THR A 496 13.82 -55.80 42.90
CA THR A 496 14.00 -57.15 43.42
C THR A 496 13.90 -58.31 42.42
N ALA A 497 14.21 -58.06 41.14
CA ALA A 497 14.17 -59.16 40.16
C ALA A 497 15.34 -60.11 40.37
N GLU A 498 16.44 -59.60 40.92
CA GLU A 498 17.74 -60.18 41.30
C GLU A 498 18.63 -60.82 40.24
N PRO A 499 18.79 -60.27 39.02
CA PRO A 499 19.77 -60.85 38.10
C PRO A 499 21.16 -60.31 38.40
N ARG A 500 21.23 -59.26 39.23
CA ARG A 500 22.37 -58.57 39.80
C ARG A 500 23.24 -57.68 38.90
N HIS A 501 23.17 -57.79 37.58
CA HIS A 501 24.03 -56.94 36.76
C HIS A 501 23.38 -56.67 35.40
N LEU A 502 23.74 -55.53 34.81
CA LEU A 502 23.24 -55.17 33.49
C LEU A 502 24.38 -54.50 32.72
N LEU A 503 24.87 -55.18 31.68
CA LEU A 503 25.94 -54.66 30.84
C LEU A 503 25.28 -54.17 29.54
N VAL A 504 25.32 -52.86 29.31
CA VAL A 504 24.72 -52.26 28.13
C VAL A 504 25.81 -51.81 27.16
N MET A 505 25.55 -51.97 25.86
CA MET A 505 26.48 -51.58 24.81
C MET A 505 25.69 -51.10 23.61
N LYS A 506 26.32 -50.24 22.81
CA LYS A 506 25.69 -49.72 21.60
C LYS A 506 26.77 -49.44 20.58
N GLY A 507 26.35 -49.25 19.33
CA GLY A 507 27.34 -48.97 18.30
C GLY A 507 26.76 -49.18 16.91
N ALA A 508 27.65 -49.46 15.96
CA ALA A 508 27.23 -49.70 14.59
C ALA A 508 26.41 -50.99 14.52
N PRO A 509 25.29 -50.99 13.80
CA PRO A 509 24.48 -52.22 13.74
C PRO A 509 25.24 -53.44 13.25
N GLU A 510 26.09 -53.27 12.23
CA GLU A 510 26.85 -54.40 11.70
C GLU A 510 27.86 -54.93 12.72
N ARG A 511 28.35 -54.06 13.60
CA ARG A 511 29.32 -54.49 14.61
C ARG A 511 28.64 -55.06 15.85
N ILE A 512 27.54 -54.44 16.29
CA ILE A 512 26.84 -54.95 17.47
C ILE A 512 26.16 -56.27 17.14
N LEU A 513 25.73 -56.46 15.89
CA LEU A 513 25.08 -57.72 15.52
C LEU A 513 26.04 -58.89 15.67
N ASP A 514 27.32 -58.69 15.32
CA ASP A 514 28.30 -59.76 15.42
C ASP A 514 28.53 -60.17 16.87
N ARG A 515 28.61 -59.21 17.78
CA ARG A 515 28.84 -59.50 19.20
C ARG A 515 27.53 -59.69 19.96
N CYS A 516 26.65 -60.53 19.42
CA CYS A 516 25.37 -60.80 20.05
C CYS A 516 24.91 -62.19 19.66
N SER A 517 24.27 -62.88 20.59
CA SER A 517 23.74 -64.22 20.37
C SER A 517 22.26 -64.32 20.71
N SER A 518 21.82 -63.64 21.78
CA SER A 518 20.42 -63.67 22.18
C SER A 518 19.69 -62.50 21.52
N ILE A 519 18.40 -62.71 21.26
CA ILE A 519 17.56 -61.69 20.64
C ILE A 519 16.25 -61.60 21.40
N LEU A 520 15.89 -60.39 21.82
CA LEU A 520 14.65 -60.19 22.56
C LEU A 520 13.51 -60.05 21.56
N ILE A 521 12.43 -60.83 21.78
CA ILE A 521 11.28 -60.81 20.89
C ILE A 521 10.01 -60.98 21.71
N HIS A 522 9.08 -60.03 21.54
CA HIS A 522 7.77 -59.99 22.21
C HIS A 522 7.89 -60.10 23.73
N GLY A 523 9.09 -59.96 24.27
CA GLY A 523 9.33 -60.05 25.71
C GLY A 523 10.32 -61.13 26.12
N LYS A 524 10.33 -62.26 25.40
CA LYS A 524 11.21 -63.37 25.74
C LYS A 524 12.49 -63.32 24.91
N GLU A 525 13.33 -64.34 25.04
CA GLU A 525 14.59 -64.43 24.32
C GLU A 525 14.56 -65.57 23.32
N GLN A 526 15.31 -65.41 22.23
CA GLN A 526 15.39 -66.40 21.17
C GLN A 526 16.80 -66.40 20.60
N PRO A 527 17.21 -67.49 19.93
CA PRO A 527 18.56 -67.55 19.35
C PRO A 527 18.82 -66.54 18.24
N LEU A 528 20.03 -66.56 17.69
CA LEU A 528 20.44 -65.66 16.62
C LEU A 528 20.23 -66.24 15.23
N ASP A 529 19.19 -67.06 15.05
CA ASP A 529 18.88 -67.68 13.77
C ASP A 529 18.97 -66.68 12.62
N GLU A 530 19.57 -67.12 11.52
CA GLU A 530 19.73 -66.26 10.35
C GLU A 530 18.41 -65.74 9.82
N GLU A 531 17.31 -66.46 10.07
CA GLU A 531 16.00 -66.03 9.60
C GLU A 531 15.67 -64.62 10.07
N LEU A 532 15.80 -64.36 11.36
CA LEU A 532 15.52 -63.04 11.91
C LEU A 532 16.73 -62.12 11.84
N LYS A 533 17.94 -62.68 11.78
CA LYS A 533 19.13 -61.87 11.66
C LYS A 533 19.11 -61.10 10.35
N ASP A 534 18.70 -61.77 9.26
CA ASP A 534 18.59 -61.07 7.99
C ASP A 534 17.42 -60.10 8.01
N ALA A 535 16.41 -60.35 8.85
CA ALA A 535 15.32 -59.39 8.98
C ALA A 535 15.88 -58.09 9.54
N PHE A 536 16.77 -58.22 10.53
CA PHE A 536 17.43 -57.05 11.11
C PHE A 536 18.29 -56.36 10.06
N GLN A 537 18.96 -57.16 9.21
CA GLN A 537 19.80 -56.59 8.16
C GLN A 537 18.99 -55.73 7.19
N ASN A 538 17.86 -56.26 6.71
CA ASN A 538 17.05 -55.46 5.80
C ASN A 538 16.46 -54.26 6.52
N ALA A 539 16.18 -54.38 7.83
CA ALA A 539 15.68 -53.23 8.56
C ALA A 539 16.72 -52.13 8.60
N TYR A 540 17.99 -52.50 8.80
CA TYR A 540 19.07 -51.53 8.82
C TYR A 540 19.20 -50.85 7.48
N LEU A 541 19.14 -51.63 6.39
CA LEU A 541 19.24 -51.00 5.06
C LEU A 541 18.03 -50.13 4.78
N GLU A 542 16.86 -50.50 5.32
CA GLU A 542 15.66 -49.71 5.12
C GLU A 542 15.78 -48.36 5.80
N LEU A 543 16.22 -48.35 7.06
CA LEU A 543 16.38 -47.09 7.76
C LEU A 543 17.52 -46.26 7.16
N GLY A 544 18.54 -46.92 6.63
CA GLY A 544 19.63 -46.18 6.00
C GLY A 544 19.20 -45.51 4.72
N GLY A 545 18.52 -46.26 3.84
CA GLY A 545 18.03 -45.69 2.60
C GLY A 545 16.96 -44.64 2.82
N LEU A 546 16.34 -44.64 3.99
CA LEU A 546 15.33 -43.66 4.35
C LEU A 546 15.95 -42.31 4.66
N GLY A 547 17.28 -42.26 4.80
CA GLY A 547 17.99 -41.02 5.09
C GLY A 547 18.20 -40.78 6.56
N GLU A 548 18.60 -41.81 7.31
CA GLU A 548 18.80 -41.69 8.74
C GLU A 548 20.10 -42.37 9.15
N ARG A 549 20.50 -42.13 10.40
CA ARG A 549 21.70 -42.68 11.01
C ARG A 549 21.26 -43.72 12.03
N VAL A 550 21.55 -45.01 11.75
CA VAL A 550 21.14 -46.14 12.59
C VAL A 550 22.20 -46.49 13.62
N LEU A 551 21.73 -46.98 14.77
CA LEU A 551 22.58 -47.40 15.88
C LEU A 551 21.97 -48.62 16.55
N GLY A 552 22.77 -49.66 16.74
CA GLY A 552 22.30 -50.88 17.39
C GLY A 552 22.57 -50.85 18.88
N PHE A 553 21.58 -51.35 19.64
CA PHE A 553 21.63 -51.39 21.10
C PHE A 553 21.45 -52.81 21.62
N CYS A 554 22.26 -53.18 22.62
CA CYS A 554 22.18 -54.51 23.19
C CYS A 554 22.53 -54.45 24.67
N HIS A 555 22.07 -55.47 25.40
CA HIS A 555 22.32 -55.58 26.83
C HIS A 555 22.45 -57.04 27.21
N LEU A 556 23.03 -57.28 28.38
CA LEU A 556 23.21 -58.65 28.86
C LEU A 556 23.17 -58.68 30.39
N PHE A 557 22.53 -59.72 30.92
CA PHE A 557 22.44 -59.94 32.35
C PHE A 557 23.57 -60.89 32.74
N LEU A 558 24.54 -60.38 33.47
CA LEU A 558 25.66 -61.23 33.88
C LEU A 558 25.18 -62.17 34.99
N PRO A 559 25.27 -63.50 34.80
CA PRO A 559 24.81 -64.41 35.85
C PRO A 559 25.61 -64.25 37.12
N ASP A 560 24.94 -63.79 38.19
CA ASP A 560 25.60 -63.57 39.47
C ASP A 560 26.02 -64.87 40.16
N GLU A 561 25.74 -66.04 39.57
CA GLU A 561 26.14 -67.30 40.18
C GLU A 561 27.55 -67.70 39.76
N GLN A 562 27.97 -67.32 38.55
CA GLN A 562 29.31 -67.61 38.08
C GLN A 562 30.25 -66.44 38.27
N PHE A 563 29.70 -65.24 38.39
CA PHE A 563 30.45 -64.01 38.57
C PHE A 563 29.90 -63.32 39.82
N PRO A 564 30.77 -62.92 40.75
CA PRO A 564 30.31 -62.32 42.02
C PRO A 564 29.26 -61.23 41.90
N GLU A 565 28.49 -61.11 42.99
CA GLU A 565 27.45 -60.11 43.14
C GLU A 565 27.99 -58.78 43.65
N GLY A 566 29.18 -58.80 44.26
CA GLY A 566 29.79 -57.61 44.79
C GLY A 566 30.73 -56.91 43.83
N PHE A 567 32.03 -57.02 44.09
CA PHE A 567 33.08 -56.37 43.30
C PHE A 567 33.81 -57.38 42.42
N GLN A 568 33.51 -57.38 41.12
CA GLN A 568 34.20 -58.26 40.17
C GLN A 568 34.10 -57.63 38.78
N PHE A 569 35.15 -56.91 38.38
CA PHE A 569 35.19 -56.25 37.07
C PHE A 569 36.63 -56.19 36.60
N ASP A 570 36.80 -55.89 35.30
CA ASP A 570 38.12 -55.77 34.69
C ASP A 570 38.06 -54.69 33.63
N THR A 571 39.20 -54.04 33.39
CA THR A 571 39.24 -52.98 32.39
C THR A 571 40.41 -53.08 31.42
N ASP A 572 41.55 -53.65 31.85
CA ASP A 572 42.70 -53.77 30.97
C ASP A 572 42.65 -55.06 30.16
N ASP A 573 42.33 -56.17 30.82
CA ASP A 573 42.16 -57.47 30.19
C ASP A 573 40.66 -57.70 30.40
N VAL A 574 39.88 -57.22 29.43
CA VAL A 574 38.42 -57.25 29.46
C VAL A 574 37.89 -58.57 30.00
N ASN A 575 37.07 -58.48 31.03
CA ASN A 575 36.46 -59.64 31.69
C ASN A 575 34.99 -59.81 31.30
N PHE A 576 34.27 -58.70 31.16
CA PHE A 576 32.87 -58.79 30.78
C PHE A 576 32.77 -59.45 29.41
N PRO A 577 31.81 -60.33 29.20
CA PRO A 577 31.70 -61.00 27.90
C PRO A 577 31.35 -60.03 26.77
N LEU A 578 32.31 -59.78 25.89
CA LEU A 578 32.07 -58.87 24.76
C LEU A 578 31.07 -59.47 23.78
N ASP A 579 31.03 -60.79 23.67
CA ASP A 579 30.12 -61.49 22.78
C ASP A 579 28.97 -62.08 23.61
N ASN A 580 28.12 -62.85 22.94
CA ASN A 580 26.98 -63.52 23.57
C ASN A 580 26.03 -62.53 24.25
N LEU A 581 25.98 -61.30 23.74
CA LEU A 581 25.09 -60.30 24.30
C LEU A 581 23.70 -60.45 23.70
N CYS A 582 22.72 -59.78 24.30
CA CYS A 582 21.34 -59.85 23.82
C CYS A 582 21.00 -58.58 23.06
N PHE A 583 20.83 -58.71 21.75
CA PHE A 583 20.48 -57.57 20.91
C PHE A 583 19.02 -57.20 21.17
N VAL A 584 18.73 -55.92 21.34
CA VAL A 584 17.36 -55.49 21.60
C VAL A 584 16.73 -54.86 20.38
N GLY A 585 17.40 -53.91 19.75
CA GLY A 585 16.84 -53.29 18.58
C GLY A 585 17.77 -52.22 18.03
N LEU A 586 17.22 -51.44 17.10
CA LEU A 586 17.93 -50.37 16.43
C LEU A 586 17.26 -49.03 16.72
N ILE A 587 18.05 -47.96 16.63
CA ILE A 587 17.53 -46.61 16.86
C ILE A 587 18.14 -45.67 15.81
N SER A 588 17.34 -45.31 14.83
CA SER A 588 17.78 -44.40 13.77
C SER A 588 17.47 -42.96 14.18
N MET A 589 18.11 -42.02 13.48
CA MET A 589 17.89 -40.61 13.80
C MET A 589 18.38 -39.73 12.66
N ILE A 590 17.74 -38.57 12.53
CA ILE A 590 18.06 -37.59 11.51
C ILE A 590 17.41 -36.28 11.92
N ASP A 591 17.84 -35.20 11.30
CA ASP A 591 17.22 -33.90 11.57
C ASP A 591 15.87 -33.95 10.87
N PRO A 592 14.76 -33.87 11.59
CA PRO A 592 13.46 -33.96 10.95
C PRO A 592 12.98 -32.62 10.44
N PRO A 593 12.13 -32.63 9.42
CA PRO A 593 11.59 -31.36 8.90
C PRO A 593 10.63 -30.74 9.89
N ARG A 594 10.45 -29.43 9.76
CA ARG A 594 9.56 -28.73 10.67
C ARG A 594 8.12 -29.23 10.47
N ALA A 595 7.34 -29.13 11.54
CA ALA A 595 5.96 -29.60 11.57
C ALA A 595 5.15 -29.21 10.33
N ALA A 596 5.04 -27.91 10.06
CA ALA A 596 4.23 -27.46 8.92
C ALA A 596 4.97 -27.45 7.59
N VAL A 597 6.25 -27.84 7.52
CA VAL A 597 6.97 -27.81 6.25
C VAL A 597 6.31 -28.66 5.17
N PRO A 598 5.98 -29.94 5.41
CA PRO A 598 5.35 -30.72 4.32
C PRO A 598 4.04 -30.13 3.82
N ASP A 599 3.16 -29.76 4.74
CA ASP A 599 1.87 -29.17 4.35
C ASP A 599 2.09 -27.84 3.63
N ALA A 600 3.07 -27.05 4.08
CA ALA A 600 3.34 -25.77 3.44
C ALA A 600 3.81 -25.98 2.01
N VAL A 601 4.71 -26.95 1.79
CA VAL A 601 5.18 -27.22 0.44
C VAL A 601 4.02 -27.69 -0.43
N GLY A 602 3.14 -28.50 0.14
CA GLY A 602 1.99 -28.96 -0.61
C GLY A 602 1.08 -27.81 -1.01
N LYS A 603 0.84 -26.87 -0.08
CA LYS A 603 0.00 -25.72 -0.39
C LYS A 603 0.65 -24.85 -1.47
N CYS A 604 1.96 -24.64 -1.37
CA CYS A 604 2.64 -23.84 -2.39
C CYS A 604 2.54 -24.50 -3.75
N ARG A 605 2.67 -25.83 -3.81
CA ARG A 605 2.53 -26.52 -5.08
C ARG A 605 1.09 -26.47 -5.57
N SER A 606 0.13 -26.36 -4.64
CA SER A 606 -1.27 -26.28 -5.03
C SER A 606 -1.56 -24.98 -5.77
N ALA A 607 -0.90 -23.90 -5.36
CA ALA A 607 -1.07 -22.59 -5.98
C ALA A 607 -0.27 -22.44 -7.26
N GLY A 608 0.51 -23.46 -7.63
CA GLY A 608 1.31 -23.42 -8.83
C GLY A 608 2.72 -22.93 -8.63
N ILE A 609 3.20 -22.90 -7.40
CA ILE A 609 4.56 -22.44 -7.10
C ILE A 609 5.52 -23.63 -7.17
N LYS A 610 6.58 -23.48 -7.96
CA LYS A 610 7.57 -24.53 -8.13
C LYS A 610 8.53 -24.53 -6.95
N VAL A 611 8.56 -25.65 -6.22
CA VAL A 611 9.42 -25.79 -5.05
C VAL A 611 10.73 -26.43 -5.48
N ILE A 612 11.84 -25.71 -5.27
CA ILE A 612 13.18 -26.16 -5.62
C ILE A 612 14.04 -26.11 -4.37
N MET A 613 14.69 -27.22 -4.04
CA MET A 613 15.55 -27.29 -2.87
C MET A 613 16.98 -26.93 -3.24
N VAL A 614 17.57 -26.04 -2.45
CA VAL A 614 18.96 -25.60 -2.63
C VAL A 614 19.62 -25.77 -1.27
N THR A 615 20.48 -26.79 -1.15
CA THR A 615 21.16 -27.10 0.10
C THR A 615 22.61 -27.43 -0.19
N GLY A 616 23.41 -27.39 0.88
CA GLY A 616 24.82 -27.74 0.82
C GLY A 616 25.09 -29.06 1.49
N ASP A 617 24.06 -29.80 1.88
CA ASP A 617 24.14 -31.09 2.54
C ASP A 617 24.40 -32.20 1.52
N HIS A 618 24.78 -33.37 2.02
CA HIS A 618 25.05 -34.50 1.15
C HIS A 618 23.76 -34.93 0.44
N PRO A 619 23.84 -35.35 -0.82
CA PRO A 619 22.62 -35.74 -1.56
C PRO A 619 21.84 -36.87 -0.93
N ILE A 620 22.52 -37.78 -0.22
CA ILE A 620 21.85 -38.92 0.41
C ILE A 620 20.72 -38.43 1.31
N THR A 621 20.99 -37.36 2.06
CA THR A 621 19.99 -36.80 2.97
C THR A 621 19.02 -35.87 2.25
N ALA A 622 19.52 -35.11 1.29
CA ALA A 622 18.68 -34.16 0.56
C ALA A 622 17.55 -34.86 -0.17
N LYS A 623 17.84 -35.99 -0.84
CA LYS A 623 16.79 -36.69 -1.58
C LYS A 623 15.69 -37.18 -0.64
N ALA A 624 16.08 -37.77 0.49
CA ALA A 624 15.10 -38.27 1.43
C ALA A 624 14.24 -37.15 2.01
N ILE A 625 14.87 -36.04 2.40
CA ILE A 625 14.10 -34.92 2.96
C ILE A 625 13.17 -34.35 1.89
N ALA A 626 13.63 -34.29 0.64
CA ALA A 626 12.79 -33.77 -0.42
C ALA A 626 11.57 -34.67 -0.62
N LYS A 627 11.77 -35.99 -0.57
CA LYS A 627 10.66 -36.90 -0.72
C LYS A 627 9.70 -36.80 0.47
N GLY A 628 10.22 -36.45 1.65
CA GLY A 628 9.38 -36.34 2.83
C GLY A 628 8.63 -35.04 3.00
N VAL A 629 9.14 -33.94 2.43
CA VAL A 629 8.46 -32.66 2.58
C VAL A 629 7.52 -32.33 1.43
N GLY A 630 7.69 -32.96 0.28
CA GLY A 630 6.85 -32.72 -0.88
C GLY A 630 7.56 -32.22 -2.12
N ILE A 631 8.84 -31.87 -2.03
CA ILE A 631 9.57 -31.40 -3.20
C ILE A 631 9.70 -32.51 -4.25
N ILE A 632 9.61 -33.77 -3.83
CA ILE A 632 9.66 -34.92 -4.73
C ILE A 632 8.51 -35.82 -4.32
N SER A 633 7.50 -35.93 -5.16
CA SER A 633 6.36 -36.77 -4.86
C SER A 633 6.65 -38.24 -5.21
N GLU A 634 5.77 -39.11 -4.74
CA GLU A 634 5.93 -40.54 -4.99
C GLU A 634 5.61 -40.86 -6.45
N GLY A 635 6.42 -41.74 -7.04
CA GLY A 635 6.24 -42.14 -8.41
C GLY A 635 7.25 -41.50 -9.35
N ASN A 636 7.62 -40.26 -9.08
CA ASN A 636 8.59 -39.55 -9.91
C ASN A 636 9.99 -40.07 -9.60
N GLU A 637 10.64 -40.64 -10.61
CA GLU A 637 11.98 -41.18 -10.46
C GLU A 637 13.01 -40.23 -11.05
N THR A 638 14.22 -40.30 -10.51
CA THR A 638 15.32 -39.48 -10.99
C THR A 638 16.05 -40.25 -12.07
N VAL A 639 17.11 -39.64 -12.63
CA VAL A 639 17.87 -40.30 -13.68
C VAL A 639 18.57 -41.54 -13.11
N GLU A 640 18.80 -41.57 -11.80
CA GLU A 640 19.45 -42.68 -11.10
C GLU A 640 18.45 -43.75 -10.67
N ASP A 641 17.24 -43.34 -10.27
CA ASP A 641 16.23 -44.31 -9.83
C ASP A 641 15.82 -45.24 -10.98
N ILE A 642 15.65 -44.68 -12.18
CA ILE A 642 15.28 -45.50 -13.33
C ILE A 642 16.39 -46.49 -13.66
N ALA A 643 17.63 -46.02 -13.66
CA ALA A 643 18.77 -46.91 -13.95
C ALA A 643 18.89 -48.00 -12.91
N ALA A 644 18.58 -47.70 -11.65
CA ALA A 644 18.63 -48.71 -10.60
C ALA A 644 17.49 -49.70 -10.74
N ARG A 645 16.34 -49.24 -11.23
CA ARG A 645 15.20 -50.12 -11.43
C ARG A 645 15.35 -51.03 -12.65
N LEU A 646 16.18 -50.62 -13.61
CA LEU A 646 16.40 -51.43 -14.81
C LEU A 646 17.75 -52.14 -14.84
N ASN A 647 18.58 -51.99 -13.80
CA ASN A 647 19.90 -52.63 -13.73
C ASN A 647 20.74 -52.28 -14.96
N ILE A 648 20.70 -51.01 -15.34
CA ILE A 648 21.43 -50.51 -16.51
C ILE A 648 22.19 -49.26 -16.11
N PRO A 649 23.27 -48.93 -16.84
CA PRO A 649 24.02 -47.72 -16.52
C PRO A 649 23.15 -46.47 -16.69
N VAL A 650 23.43 -45.47 -15.87
CA VAL A 650 22.66 -44.22 -15.92
C VAL A 650 22.87 -43.49 -17.24
N SER A 651 24.01 -43.70 -17.91
CA SER A 651 24.28 -43.03 -19.17
C SER A 651 23.36 -43.49 -20.30
N GLN A 652 22.58 -44.55 -20.09
CA GLN A 652 21.69 -45.07 -21.12
C GLN A 652 20.30 -44.44 -21.07
N VAL A 653 19.72 -44.28 -19.88
CA VAL A 653 18.38 -43.70 -19.75
C VAL A 653 18.34 -42.29 -20.33
N ASN A 654 17.14 -41.89 -20.80
CA ASN A 654 16.87 -40.58 -21.37
C ASN A 654 16.44 -39.61 -20.27
N PRO A 655 17.08 -38.46 -20.14
CA PRO A 655 16.68 -37.51 -19.08
C PRO A 655 15.24 -37.02 -19.19
N ARG A 656 14.61 -37.13 -20.38
CA ARG A 656 13.23 -36.71 -20.52
C ARG A 656 12.27 -37.66 -19.81
N ASP A 657 12.68 -38.91 -19.60
CA ASP A 657 11.84 -39.88 -18.91
C ASP A 657 11.80 -39.64 -17.42
N ALA A 658 12.74 -38.87 -16.89
CA ALA A 658 12.82 -38.56 -15.46
C ALA A 658 12.19 -37.21 -15.19
N LYS A 659 11.15 -37.21 -14.34
CA LYS A 659 10.47 -35.96 -13.99
C LYS A 659 11.28 -35.14 -12.99
N ALA A 660 11.91 -35.80 -12.02
CA ALA A 660 12.70 -35.13 -10.98
C ALA A 660 14.17 -35.48 -11.14
N CYS A 661 15.03 -34.63 -10.56
CA CYS A 661 16.46 -34.88 -10.68
C CYS A 661 17.24 -34.21 -9.54
N VAL A 662 18.33 -34.86 -9.17
CA VAL A 662 19.25 -34.41 -8.13
C VAL A 662 20.49 -33.86 -8.81
N VAL A 663 20.77 -32.58 -8.60
CA VAL A 663 21.92 -31.91 -9.19
C VAL A 663 23.02 -31.82 -8.14
N HIS A 664 24.11 -32.54 -8.38
CA HIS A 664 25.24 -32.52 -7.46
C HIS A 664 25.99 -31.20 -7.61
N GLY A 665 26.44 -30.67 -6.48
CA GLY A 665 27.18 -29.41 -6.52
C GLY A 665 28.51 -29.55 -7.22
N SER A 666 29.09 -30.76 -7.18
CA SER A 666 30.37 -30.98 -7.85
C SER A 666 30.24 -30.77 -9.36
N ASP A 667 29.15 -31.26 -9.95
CA ASP A 667 28.92 -31.09 -11.38
C ASP A 667 28.45 -29.68 -11.72
N LEU A 668 27.76 -29.02 -10.79
CA LEU A 668 27.27 -27.66 -11.03
C LEU A 668 28.43 -26.69 -11.24
N LYS A 669 29.59 -26.97 -10.61
CA LYS A 669 30.74 -26.09 -10.77
C LYS A 669 31.20 -26.06 -12.22
N ASP A 670 31.12 -27.21 -12.91
CA ASP A 670 31.51 -27.35 -14.29
C ASP A 670 30.34 -27.15 -15.26
N MET A 671 29.40 -26.29 -14.92
CA MET A 671 28.24 -26.02 -15.74
C MET A 671 28.27 -24.61 -16.32
N THR A 672 27.54 -24.45 -17.43
CA THR A 672 27.43 -23.21 -18.16
C THR A 672 26.06 -22.58 -17.89
N SER A 673 25.86 -21.39 -18.45
CA SER A 673 24.59 -20.69 -18.26
C SER A 673 23.44 -21.37 -19.00
N GLU A 674 23.72 -21.98 -20.15
CA GLU A 674 22.68 -22.64 -20.94
C GLU A 674 22.23 -23.96 -20.31
N GLN A 675 23.19 -24.74 -19.80
CA GLN A 675 22.86 -26.03 -19.18
C GLN A 675 21.96 -25.86 -17.98
N LEU A 676 22.19 -24.80 -17.19
CA LEU A 676 21.33 -24.56 -16.03
C LEU A 676 19.89 -24.33 -16.47
N ASP A 677 19.71 -23.57 -17.56
CA ASP A 677 18.37 -23.33 -18.08
C ASP A 677 17.74 -24.64 -18.53
N ASP A 678 18.54 -25.51 -19.15
CA ASP A 678 18.01 -26.81 -19.57
C ASP A 678 17.55 -27.62 -18.36
N ILE A 679 18.30 -27.55 -17.27
CA ILE A 679 17.92 -28.29 -16.07
C ILE A 679 16.62 -27.75 -15.48
N LEU A 680 16.48 -26.42 -15.43
CA LEU A 680 15.26 -25.83 -14.86
C LEU A 680 14.03 -26.00 -15.73
N LYS A 681 14.19 -26.01 -17.05
CA LYS A 681 13.02 -26.12 -17.93
C LYS A 681 12.43 -27.52 -17.99
N TYR A 682 13.24 -28.49 -18.38
CA TYR A 682 12.77 -29.87 -18.55
C TYR A 682 12.61 -30.66 -17.25
N HIS A 683 12.82 -30.06 -16.09
CA HIS A 683 12.67 -30.78 -14.83
C HIS A 683 11.80 -29.99 -13.87
N THR A 684 10.74 -30.63 -13.37
CA THR A 684 9.81 -29.97 -12.45
C THR A 684 10.30 -29.98 -11.01
N GLU A 685 10.74 -31.15 -10.53
CA GLU A 685 11.23 -31.31 -9.16
C GLU A 685 12.75 -31.43 -9.23
N ILE A 686 13.43 -30.37 -8.81
CA ILE A 686 14.89 -30.30 -8.83
C ILE A 686 15.42 -30.16 -7.42
N VAL A 687 16.50 -30.87 -7.11
CA VAL A 687 17.12 -30.83 -5.78
C VAL A 687 18.61 -30.57 -5.96
N PHE A 688 19.06 -29.37 -5.62
CA PHE A 688 20.47 -29.01 -5.72
C PHE A 688 21.14 -29.33 -4.40
N ALA A 689 22.10 -30.26 -4.43
CA ALA A 689 22.81 -30.67 -3.22
C ALA A 689 24.27 -30.26 -3.28
N ARG A 690 24.87 -30.13 -2.09
CA ARG A 690 26.27 -29.76 -1.95
C ARG A 690 26.60 -28.49 -2.73
N THR A 691 25.76 -27.48 -2.59
CA THR A 691 25.92 -26.21 -3.30
C THR A 691 26.46 -25.15 -2.34
N SER A 692 27.59 -24.54 -2.72
CA SER A 692 28.19 -23.49 -1.93
C SER A 692 27.28 -22.26 -1.98
N PRO A 693 27.44 -21.31 -1.05
CA PRO A 693 26.59 -20.10 -1.08
C PRO A 693 26.61 -19.41 -2.43
N GLN A 694 27.81 -19.32 -3.02
CA GLN A 694 27.97 -18.70 -4.32
C GLN A 694 27.17 -19.45 -5.38
N GLN A 695 27.17 -20.79 -5.30
CA GLN A 695 26.37 -21.57 -6.23
C GLN A 695 24.89 -21.34 -5.99
N LYS A 696 24.50 -21.05 -4.75
CA LYS A 696 23.11 -20.74 -4.47
C LYS A 696 22.73 -19.46 -5.21
N LEU A 697 23.62 -18.48 -5.19
CA LEU A 697 23.37 -17.24 -5.92
C LEU A 697 23.26 -17.51 -7.41
N ILE A 698 24.12 -18.38 -7.94
CA ILE A 698 24.08 -18.72 -9.36
C ILE A 698 22.74 -19.37 -9.71
N ILE A 699 22.26 -20.26 -8.84
CA ILE A 699 20.97 -20.91 -9.08
C ILE A 699 19.84 -19.88 -9.07
N VAL A 700 19.91 -18.92 -8.13
CA VAL A 700 18.90 -17.88 -8.06
C VAL A 700 18.88 -17.08 -9.36
N GLU A 701 20.07 -16.73 -9.85
CA GLU A 701 20.16 -15.98 -11.10
C GLU A 701 19.60 -16.80 -12.26
N GLY A 702 19.86 -18.12 -12.25
CA GLY A 702 19.32 -18.95 -13.31
C GLY A 702 17.81 -18.99 -13.28
N CYS A 703 17.22 -19.04 -12.09
CA CYS A 703 15.76 -19.05 -11.97
C CYS A 703 15.20 -17.71 -12.43
N GLN A 704 15.90 -16.61 -12.14
CA GLN A 704 15.44 -15.30 -12.56
C GLN A 704 15.60 -15.09 -14.06
N ARG A 705 16.52 -15.82 -14.70
CA ARG A 705 16.70 -15.67 -16.14
C ARG A 705 15.45 -16.09 -16.91
N GLN A 706 14.65 -16.98 -16.33
CA GLN A 706 13.42 -17.41 -16.98
C GLN A 706 12.36 -16.32 -16.96
N GLY A 707 12.52 -15.30 -16.12
CA GLY A 707 11.57 -14.22 -16.01
C GLY A 707 10.51 -14.44 -14.96
N ALA A 708 10.65 -15.46 -14.12
CA ALA A 708 9.69 -15.78 -13.07
C ALA A 708 10.14 -15.20 -11.73
N ILE A 709 9.16 -14.84 -10.90
CA ILE A 709 9.45 -14.28 -9.60
C ILE A 709 9.99 -15.39 -8.69
N VAL A 710 11.10 -15.12 -8.01
CA VAL A 710 11.75 -16.09 -7.14
C VAL A 710 11.72 -15.58 -5.70
N ALA A 711 11.53 -16.51 -4.77
CA ALA A 711 11.53 -16.25 -3.35
C ALA A 711 12.44 -17.28 -2.72
N VAL A 712 13.42 -16.82 -1.93
CA VAL A 712 14.37 -17.74 -1.30
C VAL A 712 14.11 -17.75 0.20
N THR A 713 14.08 -18.95 0.78
CA THR A 713 13.86 -19.14 2.21
C THR A 713 15.10 -19.82 2.78
N GLY A 714 15.83 -19.11 3.65
CA GLY A 714 17.04 -19.68 4.22
C GLY A 714 17.28 -19.24 5.65
N ASP A 715 18.27 -19.88 6.28
CA ASP A 715 18.61 -19.55 7.66
C ASP A 715 20.09 -19.29 7.91
N GLY A 716 20.99 -20.05 7.29
CA GLY A 716 22.40 -19.86 7.52
C GLY A 716 23.01 -18.72 6.73
N VAL A 717 24.28 -18.42 7.03
CA VAL A 717 24.98 -17.36 6.33
C VAL A 717 25.20 -17.72 4.87
N ASN A 718 25.10 -19.00 4.52
CA ASN A 718 25.24 -19.44 3.14
C ASN A 718 24.06 -19.02 2.28
N ASP A 719 22.96 -18.61 2.91
CA ASP A 719 21.77 -18.17 2.21
C ASP A 719 21.72 -16.66 2.04
N SER A 720 22.67 -15.92 2.63
CA SER A 720 22.65 -14.46 2.51
C SER A 720 22.72 -14.01 1.07
N PRO A 721 23.66 -14.48 0.22
CA PRO A 721 23.65 -14.02 -1.17
C PRO A 721 22.37 -14.38 -1.92
N ALA A 722 21.81 -15.56 -1.62
CA ALA A 722 20.58 -15.98 -2.27
C ALA A 722 19.38 -15.18 -1.77
N LEU A 723 19.34 -14.88 -0.47
CA LEU A 723 18.24 -14.11 0.09
C LEU A 723 18.32 -12.64 -0.32
N LYS A 724 19.51 -12.16 -0.66
CA LYS A 724 19.68 -10.77 -1.05
C LYS A 724 19.34 -10.57 -2.53
N LYS A 725 19.90 -11.41 -3.40
CA LYS A 725 19.63 -11.26 -4.83
C LYS A 725 18.18 -11.53 -5.19
N ALA A 726 17.56 -12.53 -4.56
CA ALA A 726 16.19 -12.89 -4.86
C ALA A 726 15.22 -11.72 -4.68
N ASP A 727 14.05 -11.86 -5.31
CA ASP A 727 13.02 -10.82 -5.20
C ASP A 727 12.58 -10.65 -3.76
N ILE A 728 12.61 -11.72 -2.97
CA ILE A 728 12.25 -11.66 -1.57
C ILE A 728 12.94 -12.79 -0.81
N GLY A 729 13.58 -12.43 0.29
CA GLY A 729 14.29 -13.38 1.14
C GLY A 729 13.50 -13.58 2.42
N VAL A 730 13.43 -14.82 2.86
CA VAL A 730 12.71 -15.21 4.06
C VAL A 730 13.71 -15.81 5.02
N ALA A 731 13.89 -15.16 6.17
CA ALA A 731 14.84 -15.61 7.18
C ALA A 731 14.13 -16.06 8.44
N MET A 732 14.78 -16.96 9.17
CA MET A 732 14.25 -17.49 10.42
C MET A 732 14.58 -16.51 11.54
N GLY A 733 13.59 -16.19 12.35
CA GLY A 733 13.78 -15.23 13.43
C GLY A 733 14.81 -15.67 14.47
N ILE A 734 14.84 -16.96 14.79
CA ILE A 734 15.77 -17.50 15.78
C ILE A 734 16.73 -18.50 15.16
N ALA A 735 16.24 -19.41 14.34
CA ALA A 735 17.09 -20.41 13.71
C ALA A 735 17.90 -19.86 12.55
N GLY A 736 17.78 -18.57 12.25
CA GLY A 736 18.51 -17.95 11.16
C GLY A 736 19.64 -17.08 11.70
N SER A 737 20.77 -17.11 11.00
CA SER A 737 21.91 -16.30 11.39
C SER A 737 21.61 -14.83 11.17
N ASP A 738 22.36 -13.97 11.83
CA ASP A 738 22.12 -12.53 11.72
C ASP A 738 22.46 -11.98 10.33
N VAL A 739 23.47 -12.54 9.67
CA VAL A 739 23.86 -12.04 8.34
C VAL A 739 22.70 -12.21 7.35
N SER A 740 22.27 -13.45 7.13
CA SER A 740 21.16 -13.70 6.21
C SER A 740 19.87 -13.09 6.71
N LYS A 741 19.76 -12.83 8.02
CA LYS A 741 18.56 -12.20 8.57
C LYS A 741 18.51 -10.73 8.19
N GLN A 742 19.68 -10.08 8.13
CA GLN A 742 19.77 -8.68 7.74
C GLN A 742 19.67 -8.52 6.23
N ALA A 743 20.21 -9.49 5.48
CA ALA A 743 20.18 -9.44 4.03
C ALA A 743 18.83 -9.84 3.43
N ALA A 744 17.92 -10.37 4.23
CA ALA A 744 16.61 -10.77 3.72
C ALA A 744 15.64 -9.59 3.73
N ASP A 745 14.41 -9.86 3.30
CA ASP A 745 13.35 -8.85 3.25
C ASP A 745 12.13 -9.22 4.07
N MET A 746 12.08 -10.44 4.62
CA MET A 746 10.96 -10.91 5.42
C MET A 746 11.51 -11.81 6.51
N ILE A 747 11.10 -11.55 7.75
CA ILE A 747 11.56 -12.31 8.91
C ILE A 747 10.40 -13.07 9.53
N LEU A 748 10.64 -14.34 9.87
CA LEU A 748 9.65 -15.20 10.50
C LEU A 748 10.05 -15.32 11.96
N LEU A 749 9.45 -14.50 12.82
CA LEU A 749 9.79 -14.52 14.23
C LEU A 749 9.45 -15.86 14.90
N ASP A 750 8.38 -16.52 14.46
CA ASP A 750 7.98 -17.79 15.06
C ASP A 750 8.58 -18.99 14.35
N ASP A 751 9.34 -18.79 13.27
CA ASP A 751 9.97 -19.85 12.48
C ASP A 751 8.95 -20.78 11.85
N ASN A 752 7.66 -20.48 11.97
CA ASN A 752 6.59 -21.28 11.40
C ASN A 752 6.69 -21.17 9.89
N PHE A 753 7.12 -22.24 9.23
CA PHE A 753 7.24 -22.20 7.78
C PHE A 753 5.90 -21.99 7.08
N ALA A 754 4.79 -22.21 7.79
CA ALA A 754 3.48 -21.97 7.19
C ALA A 754 3.29 -20.49 6.90
N SER A 755 4.12 -19.64 7.51
CA SER A 755 4.05 -18.21 7.25
C SER A 755 4.29 -17.94 5.78
N ILE A 756 4.97 -18.84 5.07
CA ILE A 756 5.19 -18.67 3.64
C ILE A 756 3.84 -18.75 2.92
N VAL A 757 3.02 -19.73 3.31
CA VAL A 757 1.69 -19.89 2.73
C VAL A 757 0.83 -18.69 3.07
N THR A 758 0.90 -18.24 4.34
CA THR A 758 0.11 -17.07 4.72
C THR A 758 0.55 -15.84 3.93
N GLY A 759 1.86 -15.68 3.74
CA GLY A 759 2.37 -14.54 3.00
C GLY A 759 1.93 -14.53 1.55
N VAL A 760 1.98 -15.69 0.89
CA VAL A 760 1.55 -15.71 -0.51
C VAL A 760 0.05 -15.43 -0.61
N GLU A 761 -0.73 -15.99 0.32
CA GLU A 761 -2.18 -15.73 0.30
C GLU A 761 -2.46 -14.24 0.47
N GLU A 762 -1.82 -13.61 1.46
CA GLU A 762 -2.01 -12.19 1.70
C GLU A 762 -1.51 -11.36 0.51
N GLY A 763 -0.43 -11.79 -0.14
CA GLY A 763 0.07 -11.04 -1.27
C GLY A 763 -0.92 -10.99 -2.42
N ARG A 764 -1.47 -12.16 -2.78
CA ARG A 764 -2.45 -12.17 -3.87
C ARG A 764 -3.72 -11.41 -3.46
N LEU A 765 -4.15 -11.58 -2.21
CA LEU A 765 -5.34 -10.89 -1.73
C LEU A 765 -5.17 -9.37 -1.79
N ILE A 766 -4.04 -8.86 -1.29
CA ILE A 766 -3.81 -7.43 -1.33
C ILE A 766 -3.66 -6.95 -2.76
N PHE A 767 -3.15 -7.81 -3.65
CA PHE A 767 -3.04 -7.40 -5.05
C PHE A 767 -4.42 -7.12 -5.65
N ASP A 768 -5.36 -8.04 -5.42
CA ASP A 768 -6.71 -7.84 -5.93
C ASP A 768 -7.37 -6.62 -5.28
N ASN A 769 -7.19 -6.46 -3.96
CA ASN A 769 -7.77 -5.30 -3.30
C ASN A 769 -7.13 -4.00 -3.79
N LEU A 770 -5.86 -4.05 -4.20
CA LEU A 770 -5.20 -2.87 -4.75
C LEU A 770 -5.87 -2.50 -6.05
N LYS A 771 -6.17 -3.50 -6.89
CA LYS A 771 -6.87 -3.23 -8.14
C LYS A 771 -8.20 -2.56 -7.85
N LYS A 772 -8.95 -3.09 -6.88
CA LYS A 772 -10.25 -2.53 -6.53
C LYS A 772 -10.16 -1.08 -6.04
N SER A 773 -9.27 -0.83 -5.08
CA SER A 773 -9.14 0.52 -4.54
C SER A 773 -8.68 1.52 -5.60
N ILE A 774 -7.76 1.10 -6.46
CA ILE A 774 -7.29 1.99 -7.53
C ILE A 774 -8.44 2.32 -8.46
N ALA A 775 -9.27 1.31 -8.79
CA ALA A 775 -10.41 1.58 -9.65
C ALA A 775 -11.36 2.57 -8.99
N TYR A 776 -11.59 2.40 -7.69
CA TYR A 776 -12.49 3.31 -6.96
C TYR A 776 -11.97 4.74 -7.00
N THR A 777 -10.66 4.93 -6.81
CA THR A 777 -10.10 6.27 -6.83
C THR A 777 -10.09 6.87 -8.23
N LEU A 778 -9.79 6.05 -9.25
CA LEU A 778 -9.76 6.57 -10.62
C LEU A 778 -11.15 6.84 -11.18
N THR A 779 -12.20 6.26 -10.60
CA THR A 779 -13.54 6.53 -11.13
C THR A 779 -14.01 7.94 -10.78
N SER A 780 -13.58 8.48 -9.64
CA SER A 780 -14.01 9.80 -9.21
C SER A 780 -13.41 10.95 -10.02
N ASN A 781 -12.39 10.70 -10.84
CA ASN A 781 -11.78 11.79 -11.61
C ASN A 781 -12.66 12.29 -12.75
N ILE A 782 -13.53 11.45 -13.30
CA ILE A 782 -14.38 11.89 -14.41
C ILE A 782 -15.33 12.99 -13.92
N PRO A 783 -16.16 12.79 -12.90
CA PRO A 783 -17.06 13.87 -12.46
C PRO A 783 -16.32 14.98 -11.74
N GLU A 784 -15.00 14.88 -11.63
CA GLU A 784 -14.14 15.86 -11.01
C GLU A 784 -13.60 16.83 -12.05
N ILE A 785 -13.16 16.30 -13.18
CA ILE A 785 -12.60 17.11 -14.26
C ILE A 785 -13.68 17.60 -15.21
N THR A 786 -14.72 16.80 -15.49
CA THR A 786 -15.77 17.23 -16.41
C THR A 786 -16.41 18.58 -16.07
N PRO A 787 -16.68 18.94 -14.80
CA PRO A 787 -17.28 20.27 -14.57
C PRO A 787 -16.41 21.39 -15.13
N PHE A 788 -15.10 21.37 -14.86
CA PHE A 788 -14.21 22.39 -15.38
C PHE A 788 -14.11 22.31 -16.90
N LEU A 789 -14.08 21.09 -17.44
CA LEU A 789 -14.00 20.92 -18.89
C LEU A 789 -15.18 21.59 -19.59
N ILE A 790 -16.41 21.29 -19.16
CA ILE A 790 -17.56 21.92 -19.80
C ILE A 790 -17.64 23.40 -19.42
N PHE A 791 -17.09 23.78 -18.25
CA PHE A 791 -17.07 25.18 -17.84
C PHE A 791 -16.31 25.98 -18.89
N ILE A 792 -15.29 25.36 -19.47
CA ILE A 792 -14.53 26.02 -20.53
C ILE A 792 -15.23 25.84 -21.88
N ILE A 793 -15.78 24.64 -22.11
CA ILE A 793 -16.41 24.29 -23.39
C ILE A 793 -17.66 25.11 -23.67
N ALA A 794 -18.68 24.97 -22.85
CA ALA A 794 -19.95 25.64 -23.06
C ALA A 794 -20.06 27.02 -22.44
N ASN A 795 -19.03 27.48 -21.73
CA ASN A 795 -19.03 28.80 -21.10
C ASN A 795 -20.23 28.97 -20.16
N ILE A 796 -20.36 28.05 -19.22
CA ILE A 796 -21.43 28.05 -18.24
C ILE A 796 -20.80 28.26 -16.87
N PRO A 797 -21.57 28.69 -15.86
CA PRO A 797 -20.99 28.88 -14.54
C PRO A 797 -20.38 27.59 -14.03
N LEU A 798 -19.30 27.72 -13.28
CA LEU A 798 -18.57 26.58 -12.75
C LEU A 798 -19.48 25.62 -12.00
N PRO A 799 -19.57 24.36 -12.41
CA PRO A 799 -20.44 23.41 -11.69
C PRO A 799 -19.79 22.87 -10.43
N LEU A 800 -18.47 22.70 -10.43
CA LEU A 800 -17.76 22.16 -9.27
C LEU A 800 -16.46 22.92 -9.05
N GLY A 801 -16.23 23.37 -7.81
CA GLY A 801 -15.03 24.09 -7.45
C GLY A 801 -13.88 23.16 -7.09
N THR A 802 -12.73 23.78 -6.77
CA THR A 802 -11.55 23.02 -6.40
C THR A 802 -11.60 22.54 -4.95
N VAL A 803 -12.08 23.40 -4.05
CA VAL A 803 -12.17 23.03 -2.64
C VAL A 803 -13.00 21.77 -2.47
N THR A 804 -14.12 21.68 -3.19
CA THR A 804 -14.96 20.48 -3.13
C THR A 804 -14.20 19.26 -3.64
N ILE A 805 -13.41 19.44 -4.69
CA ILE A 805 -12.62 18.33 -5.22
C ILE A 805 -11.67 17.81 -4.16
N LEU A 806 -11.04 18.73 -3.42
CA LEU A 806 -10.15 18.30 -2.35
C LEU A 806 -10.94 17.58 -1.26
N CYS A 807 -12.14 18.07 -0.97
CA CYS A 807 -12.98 17.42 0.02
C CYS A 807 -13.41 16.03 -0.43
N ILE A 808 -13.32 15.75 -1.74
CA ILE A 808 -13.69 14.44 -2.27
C ILE A 808 -12.50 13.48 -2.29
N ASP A 809 -11.42 13.85 -2.99
CA ASP A 809 -10.27 12.97 -3.09
C ASP A 809 -9.45 12.90 -1.81
N LEU A 810 -9.46 13.95 -1.01
CA LEU A 810 -8.72 13.96 0.24
C LEU A 810 -9.62 13.88 1.45
N GLY A 811 -10.93 13.81 1.24
CA GLY A 811 -11.89 13.72 2.30
C GLY A 811 -12.70 12.44 2.35
N THR A 812 -13.91 12.53 1.80
CA THR A 812 -14.86 11.43 1.78
C THR A 812 -14.28 10.11 1.30
N ASP A 813 -13.78 10.07 0.06
CA ASP A 813 -13.26 8.84 -0.54
C ASP A 813 -12.05 8.20 0.13
N MET A 814 -11.48 8.83 1.17
CA MET A 814 -10.32 8.22 1.82
C MET A 814 -10.69 6.90 2.50
N VAL A 815 -11.72 6.95 3.35
CA VAL A 815 -12.16 5.74 4.04
C VAL A 815 -12.62 4.65 3.10
N PRO A 816 -13.45 4.92 2.08
CA PRO A 816 -13.85 3.82 1.18
C PRO A 816 -12.68 3.18 0.48
N ALA A 817 -11.70 3.97 0.02
CA ALA A 817 -10.54 3.41 -0.65
C ALA A 817 -9.74 2.54 0.30
N ILE A 818 -9.62 2.97 1.55
CA ILE A 818 -8.86 2.17 2.53
C ILE A 818 -9.62 0.89 2.89
N SER A 819 -10.92 1.00 3.15
CA SER A 819 -11.73 -0.15 3.52
C SER A 819 -11.76 -1.20 2.42
N LEU A 820 -11.47 -0.81 1.17
CA LEU A 820 -11.46 -1.77 0.09
C LEU A 820 -10.30 -2.76 0.22
N ALA A 821 -9.37 -2.50 1.14
CA ALA A 821 -8.24 -3.38 1.38
C ALA A 821 -8.58 -4.51 2.35
N TYR A 822 -9.66 -4.37 3.11
CA TYR A 822 -10.09 -5.41 4.04
C TYR A 822 -10.95 -6.46 3.37
N GLU A 823 -11.22 -6.29 2.08
CA GLU A 823 -12.02 -7.25 1.34
C GLU A 823 -11.35 -8.62 1.38
N GLN A 824 -12.13 -9.66 1.07
CA GLN A 824 -11.60 -11.00 1.11
C GLN A 824 -11.84 -11.71 -0.21
N ALA A 825 -11.12 -12.82 -0.37
CA ALA A 825 -11.13 -13.67 -1.56
C ALA A 825 -12.52 -13.91 -2.12
N GLU A 826 -12.66 -13.71 -3.43
CA GLU A 826 -13.91 -13.97 -4.13
C GLU A 826 -14.01 -15.43 -4.54
N SER A 827 -12.87 -16.12 -4.57
CA SER A 827 -12.75 -17.53 -4.91
C SER A 827 -11.53 -18.06 -4.16
N ASP A 828 -11.09 -19.25 -4.49
CA ASP A 828 -9.93 -19.82 -3.81
C ASP A 828 -8.68 -19.22 -4.46
N ILE A 829 -8.12 -18.18 -3.83
CA ILE A 829 -6.92 -17.56 -4.39
C ILE A 829 -5.76 -18.53 -4.38
N MET A 830 -5.70 -19.42 -3.40
CA MET A 830 -4.61 -20.38 -3.31
C MET A 830 -4.77 -21.54 -4.28
N LYS A 831 -5.72 -21.45 -5.22
CA LYS A 831 -5.94 -22.47 -6.23
C LYS A 831 -5.49 -22.02 -7.62
N ARG A 832 -5.46 -20.72 -7.87
CA ARG A 832 -5.04 -20.18 -9.15
C ARG A 832 -3.52 -20.09 -9.21
N GLN A 833 -3.00 -20.02 -10.43
CA GLN A 833 -1.56 -19.93 -10.66
C GLN A 833 -1.04 -18.54 -10.34
N PRO A 834 0.27 -18.41 -10.10
CA PRO A 834 0.83 -17.08 -9.82
C PRO A 834 0.65 -16.17 -11.03
N ARG A 835 0.47 -14.88 -10.75
CA ARG A 835 0.27 -13.90 -11.80
C ARG A 835 1.49 -13.75 -12.70
N ASN A 836 1.22 -13.44 -13.97
CA ASN A 836 2.27 -13.25 -14.96
C ASN A 836 2.71 -11.79 -14.97
N PRO A 837 4.00 -11.50 -14.76
CA PRO A 837 4.43 -10.09 -14.75
C PRO A 837 4.23 -9.36 -16.07
N LYS A 838 4.34 -10.06 -17.20
CA LYS A 838 4.17 -9.44 -18.51
C LYS A 838 2.77 -9.58 -19.07
N THR A 839 1.87 -10.31 -18.40
CA THR A 839 0.50 -10.47 -18.88
C THR A 839 -0.52 -9.87 -17.94
N ASP A 840 -0.54 -10.28 -16.67
CA ASP A 840 -1.50 -9.79 -15.69
C ASP A 840 -0.94 -8.57 -14.99
N LYS A 841 -1.36 -7.39 -15.45
CA LYS A 841 -0.91 -6.13 -14.87
C LYS A 841 -1.90 -5.67 -13.80
N LEU A 842 -1.39 -4.85 -12.87
CA LEU A 842 -2.23 -4.34 -11.80
C LEU A 842 -3.31 -3.41 -12.32
N VAL A 843 -2.94 -2.46 -13.18
CA VAL A 843 -3.89 -1.51 -13.75
C VAL A 843 -3.75 -1.58 -15.27
N ASN A 844 -4.67 -2.28 -15.91
CA ASN A 844 -4.69 -2.47 -17.35
C ASN A 844 -5.71 -1.54 -18.00
N GLU A 845 -5.86 -1.66 -19.32
CA GLU A 845 -6.79 -0.80 -20.05
C GLU A 845 -8.24 -1.07 -19.68
N ARG A 846 -8.56 -2.28 -19.20
CA ARG A 846 -9.94 -2.57 -18.80
C ARG A 846 -10.36 -1.70 -17.63
N LEU A 847 -9.45 -1.46 -16.68
CA LEU A 847 -9.76 -0.63 -15.53
C LEU A 847 -10.05 0.81 -15.97
N ILE A 848 -9.25 1.34 -16.90
CA ILE A 848 -9.50 2.69 -17.38
C ILE A 848 -10.80 2.74 -18.14
N SER A 849 -11.12 1.67 -18.89
CA SER A 849 -12.36 1.61 -19.64
C SER A 849 -13.58 1.61 -18.72
N MET A 850 -13.44 1.02 -17.53
CA MET A 850 -14.58 0.98 -16.62
C MET A 850 -14.70 2.26 -15.79
N ALA A 851 -13.58 2.75 -15.25
CA ALA A 851 -13.63 3.95 -14.42
C ALA A 851 -13.81 5.21 -15.25
N TYR A 852 -12.84 5.51 -16.11
CA TYR A 852 -12.92 6.71 -16.94
C TYR A 852 -13.97 6.59 -18.04
N GLY A 853 -14.26 5.37 -18.49
CA GLY A 853 -15.21 5.21 -19.57
C GLY A 853 -16.69 5.06 -19.28
N GLN A 854 -17.07 4.21 -18.34
CA GLN A 854 -18.48 3.98 -18.06
C GLN A 854 -18.98 4.51 -16.72
N ILE A 855 -18.40 4.07 -15.60
CA ILE A 855 -18.89 4.49 -14.28
C ILE A 855 -18.69 5.98 -14.07
N GLY A 856 -17.47 6.48 -14.32
CA GLY A 856 -17.21 7.90 -14.14
C GLY A 856 -18.14 8.77 -14.97
N MET A 857 -18.49 8.30 -16.17
CA MET A 857 -19.39 9.05 -17.03
C MET A 857 -20.76 9.22 -16.40
N ILE A 858 -21.31 8.14 -15.84
CA ILE A 858 -22.62 8.24 -15.20
C ILE A 858 -22.54 9.16 -13.98
N GLN A 859 -21.42 9.10 -13.26
CA GLN A 859 -21.27 9.99 -12.11
C GLN A 859 -21.27 11.45 -12.55
N ALA A 860 -20.59 11.74 -13.67
CA ALA A 860 -20.57 13.10 -14.20
C ALA A 860 -21.96 13.54 -14.62
N LEU A 861 -22.72 12.62 -15.24
CA LEU A 861 -24.08 12.97 -15.66
C LEU A 861 -24.95 13.29 -14.45
N GLY A 862 -24.82 12.52 -13.37
CA GLY A 862 -25.59 12.82 -12.17
C GLY A 862 -25.23 14.17 -11.58
N GLY A 863 -23.92 14.48 -11.56
CA GLY A 863 -23.50 15.77 -11.05
C GLY A 863 -24.09 16.92 -11.85
N PHE A 864 -24.03 16.81 -13.19
CA PHE A 864 -24.60 17.86 -14.02
C PHE A 864 -26.10 17.96 -13.81
N PHE A 865 -26.76 16.82 -13.54
CA PHE A 865 -28.19 16.86 -13.27
C PHE A 865 -28.47 17.71 -12.05
N THR A 866 -27.71 17.48 -10.97
CA THR A 866 -27.90 18.28 -9.76
C THR A 866 -27.62 19.75 -10.03
N TYR A 867 -26.58 20.03 -10.82
CA TYR A 867 -26.22 21.40 -11.16
C TYR A 867 -27.38 22.13 -11.83
N PHE A 868 -27.93 21.52 -12.89
CA PHE A 868 -29.04 22.13 -13.60
C PHE A 868 -30.27 22.23 -12.71
N VAL A 869 -30.50 21.22 -11.86
CA VAL A 869 -31.66 21.26 -10.97
C VAL A 869 -31.59 22.48 -10.06
N ILE A 870 -30.45 22.67 -9.41
CA ILE A 870 -30.29 23.79 -8.49
C ILE A 870 -30.41 25.12 -9.21
N LEU A 871 -29.67 25.29 -10.31
CA LEU A 871 -29.72 26.56 -11.02
C LEU A 871 -31.10 26.85 -11.57
N ALA A 872 -31.76 25.87 -12.16
CA ALA A 872 -33.09 26.08 -12.72
C ALA A 872 -34.12 26.39 -11.64
N GLU A 873 -33.99 25.79 -10.46
CA GLU A 873 -34.97 26.07 -9.41
C GLU A 873 -34.82 27.49 -8.87
N ASN A 874 -33.63 28.07 -8.95
CA ASN A 874 -33.42 29.43 -8.46
C ASN A 874 -33.74 30.49 -9.51
N GLY A 875 -34.18 30.09 -10.70
CA GLY A 875 -34.51 31.02 -11.76
C GLY A 875 -33.63 30.95 -12.98
N PHE A 876 -32.47 30.31 -12.91
CA PHE A 876 -31.54 30.19 -14.04
C PHE A 876 -31.75 28.83 -14.70
N LEU A 877 -32.65 28.80 -15.67
CA LEU A 877 -32.97 27.57 -16.38
C LEU A 877 -31.71 27.04 -17.09
N PRO A 878 -31.64 25.72 -17.34
CA PRO A 878 -30.43 25.17 -17.99
C PRO A 878 -30.13 25.78 -19.34
N ILE A 879 -31.15 26.14 -20.12
CA ILE A 879 -30.95 26.73 -21.43
C ILE A 879 -30.29 28.10 -21.31
N HIS A 880 -30.76 28.91 -20.37
CA HIS A 880 -30.25 30.25 -20.15
C HIS A 880 -28.80 30.29 -19.64
N LEU A 881 -28.28 29.17 -19.15
CA LEU A 881 -26.92 29.14 -18.63
C LEU A 881 -25.85 29.11 -19.70
N LEU A 882 -26.22 28.93 -20.96
CA LEU A 882 -25.22 28.88 -22.02
C LEU A 882 -24.61 30.27 -22.25
N GLY A 883 -23.28 30.33 -22.24
CA GLY A 883 -22.57 31.58 -22.45
C GLY A 883 -22.76 32.62 -21.36
N LEU A 884 -23.24 32.21 -20.19
CA LEU A 884 -23.46 33.13 -19.08
C LEU A 884 -22.21 33.37 -18.24
N ARG A 885 -21.22 32.48 -18.32
CA ARG A 885 -19.99 32.60 -17.53
C ARG A 885 -19.29 33.94 -17.76
N VAL A 886 -19.29 34.42 -19.01
CA VAL A 886 -18.63 35.68 -19.35
C VAL A 886 -18.98 36.76 -18.34
N ASN A 887 -20.28 37.00 -18.15
CA ASN A 887 -20.73 37.99 -17.19
C ASN A 887 -21.00 37.40 -15.81
N TRP A 888 -20.98 36.07 -15.67
CA TRP A 888 -21.22 35.46 -14.37
C TRP A 888 -20.00 35.63 -13.47
N ASP A 889 -18.82 35.55 -14.04
CA ASP A 889 -17.61 35.71 -13.25
C ASP A 889 -17.23 37.17 -13.06
N ASP A 890 -17.92 38.08 -13.74
CA ASP A 890 -17.64 39.51 -13.59
C ASP A 890 -18.06 39.98 -12.21
N ARG A 891 -17.14 40.65 -11.50
CA ARG A 891 -17.38 41.13 -10.15
C ARG A 891 -18.13 42.46 -10.10
N TRP A 892 -18.39 43.10 -11.23
CA TRP A 892 -19.07 44.39 -11.23
C TRP A 892 -20.41 44.40 -11.95
N ILE A 893 -20.78 43.34 -12.68
CA ILE A 893 -22.06 43.30 -13.39
C ILE A 893 -23.09 42.77 -12.38
N ASN A 894 -23.64 43.67 -11.58
CA ASN A 894 -24.61 43.29 -10.55
C ASN A 894 -26.06 43.35 -11.03
N ASP A 895 -26.31 43.17 -12.31
CA ASP A 895 -27.68 43.18 -12.85
C ASP A 895 -27.83 42.03 -13.85
N VAL A 896 -27.34 40.85 -13.46
CA VAL A 896 -27.42 39.66 -14.31
C VAL A 896 -28.85 39.15 -14.32
N GLU A 897 -29.45 39.07 -15.51
CA GLU A 897 -30.83 38.62 -15.65
C GLU A 897 -30.91 37.11 -15.80
N ASP A 898 -31.87 36.51 -15.10
CA ASP A 898 -32.12 35.08 -15.15
C ASP A 898 -33.22 34.83 -16.19
N SER A 899 -33.78 33.62 -16.21
CA SER A 899 -34.84 33.32 -17.16
C SER A 899 -36.17 33.97 -16.80
N TYR A 900 -36.30 34.50 -15.59
CA TYR A 900 -37.52 35.17 -15.14
C TYR A 900 -37.42 36.69 -15.20
N GLY A 901 -36.31 37.25 -15.67
CA GLY A 901 -36.15 38.68 -15.74
C GLY A 901 -35.57 39.33 -14.51
N GLN A 902 -35.30 38.57 -13.45
CA GLN A 902 -34.74 39.12 -12.21
C GLN A 902 -33.27 39.46 -12.37
N GLN A 903 -32.85 40.52 -11.69
CA GLN A 903 -31.47 41.00 -11.72
C GLN A 903 -30.74 40.53 -10.47
N TRP A 904 -29.62 39.86 -10.67
CA TRP A 904 -28.80 39.32 -9.59
C TRP A 904 -27.46 40.04 -9.49
N THR A 905 -27.02 40.29 -8.26
CA THR A 905 -25.75 40.94 -8.01
C THR A 905 -24.64 39.90 -8.06
N TYR A 906 -23.39 40.34 -7.91
CA TYR A 906 -22.27 39.40 -7.96
C TYR A 906 -22.32 38.38 -6.84
N GLU A 907 -22.45 38.84 -5.59
CA GLU A 907 -22.45 37.90 -4.47
C GLU A 907 -23.68 37.00 -4.47
N GLN A 908 -24.83 37.47 -4.97
CA GLN A 908 -26.01 36.61 -4.97
C GLN A 908 -25.81 35.41 -5.90
N ARG A 909 -25.45 35.66 -7.15
CA ARG A 909 -25.22 34.54 -8.07
C ARG A 909 -24.01 33.73 -7.64
N LYS A 910 -23.02 34.37 -6.99
CA LYS A 910 -21.85 33.63 -6.52
C LYS A 910 -22.25 32.70 -5.37
N ILE A 911 -23.16 33.14 -4.51
CA ILE A 911 -23.63 32.29 -3.43
C ILE A 911 -24.36 31.10 -4.03
N VAL A 912 -25.09 31.35 -5.11
CA VAL A 912 -25.76 30.23 -5.78
C VAL A 912 -24.73 29.27 -6.38
N GLU A 913 -23.64 29.82 -6.95
CA GLU A 913 -22.60 28.96 -7.51
C GLU A 913 -21.95 28.09 -6.44
N PHE A 914 -21.68 28.67 -5.26
CA PHE A 914 -21.04 27.90 -4.19
C PHE A 914 -22.02 26.88 -3.61
N THR A 915 -23.28 27.26 -3.42
CA THR A 915 -24.26 26.32 -2.93
C THR A 915 -24.58 25.26 -3.98
N CYS A 916 -24.11 25.47 -5.21
CA CYS A 916 -24.25 24.52 -6.31
C CYS A 916 -23.05 23.58 -6.33
N HIS A 917 -21.86 24.14 -6.02
CA HIS A 917 -20.65 23.34 -5.94
C HIS A 917 -20.75 22.32 -4.82
N THR A 918 -21.28 22.76 -3.66
CA THR A 918 -21.43 21.86 -2.52
C THR A 918 -22.34 20.69 -2.88
N ALA A 919 -23.46 20.97 -3.55
CA ALA A 919 -24.36 19.90 -3.95
C ALA A 919 -23.67 18.99 -4.95
N PHE A 920 -22.80 19.53 -5.80
CA PHE A 920 -22.07 18.67 -6.73
C PHE A 920 -21.19 17.70 -5.97
N PHE A 921 -20.52 18.19 -4.91
CA PHE A 921 -19.68 17.33 -4.09
C PHE A 921 -20.52 16.24 -3.41
N VAL A 922 -21.70 16.63 -2.92
CA VAL A 922 -22.59 15.65 -2.30
C VAL A 922 -23.01 14.62 -3.34
N SER A 923 -23.24 15.06 -4.58
CA SER A 923 -23.59 14.15 -5.65
C SER A 923 -22.47 13.16 -5.88
N ILE A 924 -21.23 13.64 -5.80
CA ILE A 924 -20.08 12.76 -5.96
C ILE A 924 -20.13 11.68 -4.90
N VAL A 925 -20.47 12.05 -3.66
CA VAL A 925 -20.56 11.06 -2.59
C VAL A 925 -21.69 10.06 -2.87
N VAL A 926 -22.82 10.56 -3.34
CA VAL A 926 -23.97 9.69 -3.63
C VAL A 926 -23.57 8.64 -4.66
N VAL A 927 -22.94 9.06 -5.75
CA VAL A 927 -22.53 8.09 -6.77
C VAL A 927 -21.39 7.21 -6.23
N GLN A 928 -20.58 7.74 -5.32
CA GLN A 928 -19.49 6.95 -4.77
C GLN A 928 -20.03 5.80 -3.94
N TRP A 929 -21.24 5.92 -3.41
CA TRP A 929 -21.83 4.79 -2.67
C TRP A 929 -21.88 3.56 -3.58
N ALA A 930 -22.60 3.68 -4.70
CA ALA A 930 -22.73 2.60 -5.64
C ALA A 930 -21.39 2.22 -6.26
N ASP A 931 -20.50 3.20 -6.48
CA ASP A 931 -19.20 2.85 -7.04
C ASP A 931 -18.43 1.95 -6.08
N LEU A 932 -18.50 2.25 -4.78
CA LEU A 932 -17.82 1.41 -3.80
C LEU A 932 -18.43 0.01 -3.76
N VAL A 933 -19.76 -0.06 -3.84
CA VAL A 933 -20.43 -1.36 -3.81
C VAL A 933 -20.06 -2.20 -5.03
N ILE A 934 -20.04 -1.60 -6.22
CA ILE A 934 -19.71 -2.35 -7.43
C ILE A 934 -18.23 -2.71 -7.48
N CYS A 935 -17.35 -1.80 -7.04
CA CYS A 935 -15.92 -2.10 -7.07
C CYS A 935 -15.53 -3.04 -5.95
N LYS A 936 -16.44 -3.29 -5.00
CA LYS A 936 -16.18 -4.21 -3.91
C LYS A 936 -15.95 -5.63 -4.41
N THR A 937 -16.50 -5.98 -5.57
CA THR A 937 -16.37 -7.30 -6.17
C THR A 937 -16.04 -7.15 -7.65
N ARG A 938 -15.17 -8.03 -8.15
CA ARG A 938 -14.77 -8.01 -9.55
C ARG A 938 -15.60 -8.95 -10.41
N ARG A 939 -15.91 -10.15 -9.91
CA ARG A 939 -16.68 -11.13 -10.65
C ARG A 939 -17.97 -11.54 -9.97
N ASN A 940 -17.92 -11.83 -8.67
CA ASN A 940 -19.12 -12.25 -7.95
C ASN A 940 -20.12 -11.10 -7.82
N SER A 941 -21.35 -11.49 -7.47
CA SER A 941 -22.41 -10.52 -7.24
C SER A 941 -22.26 -9.97 -5.83
N VAL A 942 -22.77 -8.76 -5.61
CA VAL A 942 -22.66 -8.14 -4.29
C VAL A 942 -23.33 -9.00 -3.23
N PHE A 943 -24.31 -9.82 -3.63
CA PHE A 943 -25.02 -10.68 -2.69
C PHE A 943 -24.27 -11.99 -2.46
N GLN A 944 -23.51 -12.45 -3.46
CA GLN A 944 -22.74 -13.67 -3.28
C GLN A 944 -21.59 -13.40 -2.32
N GLN A 945 -21.00 -12.21 -2.39
CA GLN A 945 -19.91 -11.83 -1.50
C GLN A 945 -20.44 -11.31 -0.17
N GLY A 946 -21.49 -10.50 -0.21
CA GLY A 946 -22.06 -9.94 1.00
C GLY A 946 -21.26 -8.78 1.54
N MET A 947 -21.94 -7.74 2.03
CA MET A 947 -21.24 -6.57 2.56
C MET A 947 -20.85 -6.78 4.01
N LYS A 948 -20.15 -7.88 4.29
CA LYS A 948 -19.70 -8.19 5.63
C LYS A 948 -18.45 -7.41 6.01
N ASN A 949 -17.98 -6.52 5.14
CA ASN A 949 -16.81 -5.70 5.41
C ASN A 949 -17.29 -4.55 6.29
N LYS A 950 -17.09 -4.70 7.60
CA LYS A 950 -17.53 -3.69 8.56
C LYS A 950 -16.86 -2.34 8.32
N ILE A 951 -15.58 -2.35 7.95
CA ILE A 951 -14.88 -1.10 7.70
C ILE A 951 -15.52 -0.39 6.50
N LEU A 952 -16.00 -1.15 5.52
CA LEU A 952 -16.64 -0.56 4.34
C LEU A 952 -17.96 0.12 4.71
N ILE A 953 -18.77 -0.53 5.54
CA ILE A 953 -20.03 0.08 5.97
C ILE A 953 -19.72 1.34 6.76
N PHE A 954 -18.66 1.27 7.59
CA PHE A 954 -18.25 2.45 8.35
C PHE A 954 -17.81 3.54 7.40
N GLY A 955 -17.18 3.16 6.29
CA GLY A 955 -16.75 4.15 5.32
C GLY A 955 -17.93 4.86 4.71
N LEU A 956 -18.99 4.12 4.39
CA LEU A 956 -20.18 4.75 3.81
C LEU A 956 -20.82 5.71 4.82
N PHE A 957 -20.99 5.26 6.07
CA PHE A 957 -21.61 6.11 7.08
C PHE A 957 -20.78 7.36 7.36
N GLU A 958 -19.47 7.18 7.58
CA GLU A 958 -18.60 8.32 7.86
C GLU A 958 -18.51 9.25 6.67
N GLU A 959 -18.47 8.71 5.45
CA GLU A 959 -18.41 9.54 4.25
C GLU A 959 -19.65 10.42 4.15
N THR A 960 -20.83 9.82 4.31
CA THR A 960 -22.06 10.57 4.23
C THR A 960 -22.15 11.61 5.33
N ALA A 961 -21.83 11.23 6.57
CA ALA A 961 -21.89 12.17 7.69
C ALA A 961 -20.92 13.31 7.48
N LEU A 962 -19.71 13.00 7.02
CA LEU A 962 -18.71 14.04 6.79
C LEU A 962 -19.18 15.03 5.73
N ALA A 963 -19.79 14.53 4.65
CA ALA A 963 -20.28 15.44 3.62
C ALA A 963 -21.38 16.34 4.17
N ALA A 964 -22.35 15.75 4.87
CA ALA A 964 -23.43 16.54 5.45
C ALA A 964 -22.87 17.59 6.40
N PHE A 965 -21.79 17.24 7.12
CA PHE A 965 -21.18 18.21 8.03
C PHE A 965 -20.50 19.32 7.25
N LEU A 966 -19.82 18.96 6.16
CA LEU A 966 -19.14 19.96 5.33
C LEU A 966 -20.13 20.94 4.73
N SER A 967 -21.40 20.57 4.66
CA SER A 967 -22.39 21.48 4.11
C SER A 967 -23.23 22.22 5.15
N TYR A 968 -23.58 21.60 6.27
CA TYR A 968 -24.42 22.25 7.26
C TYR A 968 -23.68 22.75 8.49
N CYS A 969 -22.36 22.77 8.47
CA CYS A 969 -21.71 23.29 9.67
C CYS A 969 -21.76 24.81 9.66
N PRO A 970 -21.98 25.45 10.81
CA PRO A 970 -22.03 26.92 10.85
C PRO A 970 -20.69 27.52 10.47
N GLY A 971 -20.70 28.40 9.47
CA GLY A 971 -19.50 29.07 9.02
C GLY A 971 -18.79 28.45 7.83
N MET A 972 -19.38 27.44 7.19
CA MET A 972 -18.72 26.84 6.04
C MET A 972 -18.81 27.72 4.80
N GLY A 973 -19.91 28.47 4.63
CA GLY A 973 -20.01 29.36 3.49
C GLY A 973 -19.10 30.55 3.60
N VAL A 974 -18.52 30.75 4.78
CA VAL A 974 -17.59 31.81 5.04
C VAL A 974 -16.14 31.30 5.07
N ALA A 975 -15.92 30.04 5.49
CA ALA A 975 -14.58 29.45 5.57
C ALA A 975 -14.23 28.68 4.29
N LEU A 976 -15.08 27.71 3.90
CA LEU A 976 -14.84 26.91 2.70
C LEU A 976 -15.79 27.25 1.56
N ARG A 977 -16.62 28.28 1.72
CA ARG A 977 -17.60 28.70 0.72
C ARG A 977 -18.42 27.50 0.23
N MET A 978 -18.88 26.70 1.19
CA MET A 978 -19.71 25.52 0.96
C MET A 978 -20.98 25.79 1.76
N TYR A 979 -21.97 26.37 1.09
CA TYR A 979 -23.23 26.74 1.73
C TYR A 979 -24.13 25.52 1.99
N PRO A 980 -25.04 25.63 2.96
CA PRO A 980 -25.94 24.52 3.25
C PRO A 980 -26.83 24.19 2.06
N LEU A 981 -27.23 22.93 1.97
CA LEU A 981 -28.04 22.45 0.88
C LEU A 981 -29.49 22.28 1.27
N LYS A 982 -30.38 22.56 0.33
CA LYS A 982 -31.78 22.36 0.57
C LYS A 982 -31.98 20.84 0.56
N PRO A 983 -32.61 20.25 1.58
CA PRO A 983 -32.75 18.79 1.66
C PRO A 983 -33.13 18.08 0.37
N THR A 984 -34.08 18.65 -0.38
CA THR A 984 -34.54 18.05 -1.63
C THR A 984 -33.41 17.79 -2.62
N TRP A 985 -32.21 18.34 -2.38
CA TRP A 985 -31.08 18.11 -3.28
C TRP A 985 -30.43 16.74 -3.09
N TRP A 986 -30.46 16.19 -1.86
CA TRP A 986 -29.80 14.91 -1.61
C TRP A 986 -30.35 13.77 -2.46
N PHE A 987 -31.58 13.88 -2.94
CA PHE A 987 -32.16 12.83 -3.76
C PHE A 987 -31.97 13.07 -5.25
N CYS A 988 -31.21 14.09 -5.63
CA CYS A 988 -30.99 14.37 -7.04
C CYS A 988 -30.11 13.30 -7.70
N ALA A 989 -29.08 12.82 -6.99
CA ALA A 989 -28.17 11.82 -7.53
C ALA A 989 -28.58 10.39 -7.21
N PHE A 990 -29.69 10.18 -6.51
CA PHE A 990 -30.10 8.82 -6.18
C PHE A 990 -30.38 7.95 -7.40
N PRO A 991 -31.19 8.36 -8.39
CA PRO A 991 -31.41 7.48 -9.55
C PRO A 991 -30.11 7.13 -10.26
N TYR A 992 -29.15 8.05 -10.31
CA TYR A 992 -27.89 7.77 -10.99
C TYR A 992 -27.11 6.69 -10.26
N SER A 993 -27.05 6.77 -8.91
CA SER A 993 -26.33 5.74 -8.16
C SER A 993 -27.01 4.40 -8.30
N LEU A 994 -28.34 4.37 -8.26
CA LEU A 994 -29.06 3.11 -8.43
C LEU A 994 -28.79 2.54 -9.81
N LEU A 995 -28.73 3.41 -10.82
CA LEU A 995 -28.44 2.97 -12.18
C LEU A 995 -27.04 2.37 -12.26
N ILE A 996 -26.06 3.00 -11.61
CA ILE A 996 -24.70 2.48 -11.63
C ILE A 996 -24.66 1.08 -11.03
N PHE A 997 -25.32 0.92 -9.86
CA PHE A 997 -25.35 -0.37 -9.20
C PHE A 997 -25.98 -1.43 -10.08
N VAL A 998 -27.15 -1.13 -10.65
CA VAL A 998 -27.85 -2.09 -11.50
C VAL A 998 -27.03 -2.46 -12.73
N TYR A 999 -26.44 -1.45 -13.39
CA TYR A 999 -25.66 -1.72 -14.59
C TYR A 999 -24.44 -2.60 -14.28
N ASP A 1000 -23.64 -2.22 -13.29
CA ASP A 1000 -22.47 -3.03 -12.98
C ASP A 1000 -22.88 -4.41 -12.48
N GLU A 1001 -24.04 -4.51 -11.81
CA GLU A 1001 -24.49 -5.81 -11.33
C GLU A 1001 -24.82 -6.73 -12.50
N VAL A 1002 -25.56 -6.22 -13.50
CA VAL A 1002 -25.87 -7.07 -14.63
C VAL A 1002 -24.59 -7.39 -15.41
N ARG A 1003 -23.62 -6.46 -15.40
CA ARG A 1003 -22.36 -6.73 -16.07
C ARG A 1003 -21.64 -7.90 -15.44
N LYS A 1004 -21.53 -7.89 -14.10
CA LYS A 1004 -20.88 -9.01 -13.41
C LYS A 1004 -21.69 -10.29 -13.53
N LEU A 1005 -23.02 -10.18 -13.61
CA LEU A 1005 -23.84 -11.38 -13.78
C LEU A 1005 -23.59 -12.02 -15.14
N ILE A 1006 -23.45 -11.19 -16.18
CA ILE A 1006 -23.17 -11.72 -17.51
C ILE A 1006 -21.77 -12.31 -17.55
N ILE A 1007 -20.81 -11.70 -16.84
CA ILE A 1007 -19.47 -12.27 -16.82
C ILE A 1007 -19.48 -13.61 -16.09
N ARG A 1008 -20.33 -13.72 -15.06
CA ARG A 1008 -20.44 -14.95 -14.28
C ARG A 1008 -21.07 -16.08 -15.10
N ARG A 1009 -22.15 -15.79 -15.82
CA ARG A 1009 -22.84 -16.78 -16.64
C ARG A 1009 -22.26 -16.92 -18.05
N ARG A 1010 -21.31 -16.08 -18.43
CA ARG A 1010 -20.71 -16.12 -19.76
C ARG A 1010 -19.22 -15.79 -19.64
N PRO A 1011 -18.44 -16.69 -19.05
CA PRO A 1011 -17.00 -16.42 -18.89
C PRO A 1011 -16.26 -16.41 -20.22
N GLY A 1012 -15.18 -15.63 -20.26
CA GLY A 1012 -14.39 -15.51 -21.46
C GLY A 1012 -15.06 -14.76 -22.58
N GLY A 1013 -16.21 -14.15 -22.33
CA GLY A 1013 -16.92 -13.40 -23.35
C GLY A 1013 -16.39 -12.00 -23.55
N TRP A 1014 -17.02 -11.29 -24.49
CA TRP A 1014 -16.60 -9.91 -24.78
C TRP A 1014 -16.76 -9.01 -23.57
N VAL A 1015 -17.83 -9.20 -22.80
CA VAL A 1015 -18.06 -8.38 -21.61
C VAL A 1015 -16.87 -8.48 -20.67
N GLU A 1016 -16.41 -9.71 -20.42
CA GLU A 1016 -15.26 -9.92 -19.53
C GLU A 1016 -13.97 -9.45 -20.17
N LYS A 1017 -13.72 -9.82 -21.43
CA LYS A 1017 -12.50 -9.42 -22.10
C LYS A 1017 -12.38 -7.91 -22.29
N GLU A 1018 -13.47 -7.15 -22.13
CA GLU A 1018 -13.42 -5.71 -22.32
C GLU A 1018 -13.69 -4.89 -21.05
N THR A 1019 -14.43 -5.42 -20.08
CA THR A 1019 -14.73 -4.66 -18.87
C THR A 1019 -14.17 -5.26 -17.59
N TYR A 1020 -13.68 -6.49 -17.59
CA TYR A 1020 -13.13 -7.10 -16.37
C TYR A 1020 -11.75 -6.51 -16.11
N TYR A 1021 -11.66 -5.58 -15.16
CA TYR A 1021 -10.40 -4.95 -14.82
C TYR A 1021 -9.54 -5.79 -13.88
N LYS B 13 9.45 2.14 -28.46
CA LYS B 13 8.48 1.95 -27.38
C LYS B 13 7.09 2.45 -27.81
N LYS B 14 7.07 3.24 -28.89
CA LYS B 14 5.83 3.79 -29.43
C LYS B 14 5.51 3.21 -30.81
N PHE B 15 5.93 1.97 -31.07
CA PHE B 15 5.68 1.32 -32.34
C PHE B 15 4.41 0.47 -32.31
N ILE B 16 3.40 0.92 -31.56
CA ILE B 16 2.12 0.25 -31.45
C ILE B 16 1.36 0.46 -32.77
N TRP B 17 2.06 1.09 -33.73
CA TRP B 17 1.52 1.36 -35.06
C TRP B 17 0.77 0.17 -35.65
N ASN B 18 1.51 -0.91 -35.87
CA ASN B 18 0.93 -2.12 -36.45
C ASN B 18 1.50 -3.35 -35.77
N SER B 19 0.92 -4.49 -36.14
CA SER B 19 1.31 -5.79 -35.63
C SER B 19 0.86 -6.81 -36.66
N GLU B 20 1.31 -8.06 -36.47
CA GLU B 20 0.91 -9.11 -37.39
C GLU B 20 -0.55 -9.50 -37.21
N LYS B 21 -1.18 -9.09 -36.11
CA LYS B 21 -2.58 -9.38 -35.85
C LYS B 21 -3.50 -8.27 -36.33
N LYS B 22 -3.04 -7.48 -37.32
CA LYS B 22 -3.80 -6.38 -37.90
C LYS B 22 -4.22 -5.38 -36.81
N GLU B 23 -3.24 -4.80 -36.14
CA GLU B 23 -3.47 -3.85 -35.07
C GLU B 23 -3.12 -2.42 -35.51
N PHE B 24 -4.00 -1.49 -35.18
CA PHE B 24 -3.84 -0.07 -35.51
C PHE B 24 -4.08 0.71 -34.24
N LEU B 25 -3.07 1.45 -33.80
CA LEU B 25 -3.12 2.26 -32.58
C LEU B 25 -3.26 1.40 -31.34
N GLY B 26 -3.33 0.07 -31.47
CA GLY B 26 -3.46 -0.80 -30.31
C GLY B 26 -4.41 -1.97 -30.43
N ARG B 27 -5.46 -1.85 -31.25
CA ARG B 27 -6.45 -2.93 -31.40
C ARG B 27 -6.72 -3.22 -32.87
N THR B 28 -7.36 -4.36 -33.11
CA THR B 28 -7.68 -4.82 -34.46
C THR B 28 -8.81 -3.97 -35.06
N GLY B 29 -9.29 -4.38 -36.23
CA GLY B 29 -10.37 -3.66 -36.93
C GLY B 29 -11.77 -3.96 -36.42
N GLY B 30 -12.17 -5.23 -36.47
CA GLY B 30 -13.48 -5.60 -35.99
C GLY B 30 -13.66 -5.23 -34.53
N SER B 31 -12.58 -5.30 -33.75
CA SER B 31 -12.65 -4.92 -32.34
C SER B 31 -12.99 -3.44 -32.22
N TRP B 32 -12.42 -2.62 -33.11
CA TRP B 32 -12.71 -1.20 -33.10
C TRP B 32 -14.19 -0.97 -33.41
N PHE B 33 -14.73 -1.71 -34.38
CA PHE B 33 -16.16 -1.55 -34.67
C PHE B 33 -17.04 -1.95 -33.49
N LYS B 34 -16.71 -3.07 -32.84
CA LYS B 34 -17.51 -3.53 -31.70
C LYS B 34 -17.48 -2.52 -30.55
N ILE B 35 -16.29 -2.07 -30.17
CA ILE B 35 -16.19 -1.12 -29.06
C ILE B 35 -16.83 0.21 -29.40
N LEU B 36 -16.62 0.71 -30.64
CA LEU B 36 -17.22 1.99 -31.01
C LEU B 36 -18.74 1.89 -31.01
N LEU B 37 -19.28 0.76 -31.49
CA LEU B 37 -20.74 0.59 -31.48
C LEU B 37 -21.26 0.53 -30.06
N PHE B 38 -20.55 -0.20 -29.17
CA PHE B 38 -21.00 -0.27 -27.78
C PHE B 38 -20.98 1.10 -27.13
N TYR B 39 -19.91 1.87 -27.35
CA TYR B 39 -19.84 3.19 -26.73
C TYR B 39 -20.90 4.11 -27.30
N VAL B 40 -21.21 3.98 -28.58
CA VAL B 40 -22.25 4.83 -29.16
C VAL B 40 -23.59 4.53 -28.50
N ILE B 41 -23.94 3.25 -28.39
CA ILE B 41 -25.21 2.88 -27.76
C ILE B 41 -25.23 3.27 -26.29
N PHE B 42 -24.14 2.99 -25.57
CA PHE B 42 -24.05 3.28 -24.14
C PHE B 42 -24.16 4.77 -23.86
N TYR B 43 -23.35 5.59 -24.54
CA TYR B 43 -23.41 7.03 -24.33
C TYR B 43 -24.73 7.59 -24.83
N GLY B 44 -25.34 6.99 -25.86
CA GLY B 44 -26.63 7.48 -26.32
C GLY B 44 -27.70 7.24 -25.27
N CYS B 45 -27.67 6.06 -24.63
CA CYS B 45 -28.62 5.76 -23.57
C CYS B 45 -28.39 6.68 -22.39
N LEU B 46 -27.13 6.96 -22.07
CA LEU B 46 -26.83 7.87 -20.96
C LEU B 46 -27.36 9.27 -21.25
N ALA B 47 -27.15 9.76 -22.48
CA ALA B 47 -27.64 11.08 -22.86
C ALA B 47 -29.16 11.11 -22.83
N GLY B 48 -29.80 10.04 -23.29
CA GLY B 48 -31.26 10.00 -23.27
C GLY B 48 -31.81 10.02 -21.85
N ILE B 49 -31.17 9.26 -20.96
CA ILE B 49 -31.61 9.24 -19.56
C ILE B 49 -31.41 10.62 -18.93
N PHE B 50 -30.27 11.26 -19.20
CA PHE B 50 -30.03 12.58 -18.63
C PHE B 50 -31.05 13.60 -19.15
N ILE B 51 -31.34 13.57 -20.44
CA ILE B 51 -32.31 14.51 -20.99
C ILE B 51 -33.70 14.23 -20.43
N GLY B 52 -34.04 12.96 -20.22
CA GLY B 52 -35.35 12.63 -19.65
C GLY B 52 -35.48 13.15 -18.23
N THR B 53 -34.42 12.97 -17.42
CA THR B 53 -34.46 13.47 -16.05
C THR B 53 -34.54 15.00 -16.05
N ILE B 54 -33.81 15.63 -16.98
CA ILE B 54 -33.84 17.09 -17.08
C ILE B 54 -35.24 17.54 -17.50
N GLN B 55 -35.94 16.74 -18.32
CA GLN B 55 -37.30 17.10 -18.73
C GLN B 55 -38.25 17.04 -17.54
N VAL B 56 -38.14 15.98 -16.73
CA VAL B 56 -39.01 15.89 -15.56
C VAL B 56 -38.75 17.07 -14.63
N MET B 57 -37.46 17.42 -14.47
CA MET B 57 -37.14 18.57 -13.62
C MET B 57 -37.73 19.86 -14.21
N LEU B 58 -37.68 20.00 -15.54
CA LEU B 58 -38.27 21.19 -16.15
C LEU B 58 -39.76 21.24 -15.84
N LEU B 59 -40.39 20.06 -15.80
CA LEU B 59 -41.80 19.99 -15.46
C LEU B 59 -42.05 20.36 -14.01
N THR B 60 -41.03 20.20 -13.15
CA THR B 60 -41.19 20.53 -11.74
C THR B 60 -41.48 22.02 -11.54
N ILE B 61 -40.59 22.88 -12.04
CA ILE B 61 -40.71 24.33 -11.90
C ILE B 61 -41.82 24.88 -12.80
N SER B 62 -42.22 26.12 -12.55
CA SER B 62 -43.27 26.79 -13.31
C SER B 62 -42.66 27.77 -14.31
N GLU B 63 -43.53 28.39 -15.11
CA GLU B 63 -43.11 29.35 -16.13
C GLU B 63 -43.03 30.79 -15.64
N PHE B 64 -43.79 31.17 -14.62
CA PHE B 64 -43.76 32.55 -14.14
C PHE B 64 -43.46 32.68 -12.65
N LYS B 65 -42.82 31.69 -12.04
CA LYS B 65 -42.51 31.80 -10.62
C LYS B 65 -41.35 30.89 -10.24
N PRO B 66 -40.21 31.44 -9.84
CA PRO B 66 -39.08 30.59 -9.45
C PRO B 66 -39.34 29.94 -8.11
N THR B 67 -38.96 28.67 -7.98
CA THR B 67 -39.20 27.93 -6.75
C THR B 67 -38.40 28.47 -5.56
N TYR B 68 -37.33 29.21 -5.81
CA TYR B 68 -36.53 29.77 -4.72
C TYR B 68 -36.13 31.19 -5.08
N GLN B 69 -36.26 32.10 -4.11
CA GLN B 69 -35.90 33.50 -4.33
C GLN B 69 -35.16 34.13 -3.17
N ASP B 70 -34.90 33.40 -2.08
CA ASP B 70 -34.20 33.97 -0.94
C ASP B 70 -32.78 34.39 -1.30
N ARG B 71 -32.23 33.89 -2.41
CA ARG B 71 -30.88 34.26 -2.82
C ARG B 71 -30.81 35.60 -3.55
N VAL B 72 -31.95 36.25 -3.80
CA VAL B 72 -32.03 37.55 -4.45
C VAL B 72 -32.59 38.60 -3.51
N ALA B 73 -32.80 38.25 -2.25
CA ALA B 73 -33.36 39.17 -1.28
C ALA B 73 -32.33 39.53 -0.22
N PRO B 74 -32.17 40.82 0.09
CA PRO B 74 -32.87 41.97 -0.52
C PRO B 74 -32.29 42.29 -1.89
N PRO B 75 -32.92 43.14 -2.69
CA PRO B 75 -32.37 43.48 -4.00
C PRO B 75 -31.16 44.38 -3.86
N GLY B 76 -30.47 44.57 -4.99
CA GLY B 76 -29.27 45.38 -5.05
C GLY B 76 -29.50 46.68 -5.78
N LEU B 77 -28.67 47.68 -5.44
CA LEU B 77 -28.74 49.01 -6.04
C LEU B 77 -27.66 49.08 -7.13
N THR B 78 -28.09 48.99 -8.39
CA THR B 78 -27.17 49.04 -9.52
C THR B 78 -27.07 50.46 -10.04
N GLN B 79 -25.93 50.78 -10.65
CA GLN B 79 -25.71 52.12 -11.18
C GLN B 79 -25.34 52.07 -12.66
N ILE B 80 -25.86 53.05 -13.39
CA ILE B 80 -25.60 53.21 -14.82
C ILE B 80 -24.98 54.59 -14.98
N PRO B 81 -23.86 54.72 -15.70
CA PRO B 81 -23.14 53.68 -16.45
C PRO B 81 -22.39 52.66 -15.60
N GLN B 82 -22.45 51.39 -16.00
CA GLN B 82 -21.71 50.36 -15.28
C GLN B 82 -20.23 50.58 -15.55
N SER B 83 -19.40 50.53 -14.51
CA SER B 83 -17.99 50.78 -14.68
C SER B 83 -17.12 49.69 -14.08
N GLN B 84 -16.05 49.34 -14.79
CA GLN B 84 -15.10 48.36 -14.33
C GLN B 84 -14.36 48.98 -13.14
N LYS B 85 -14.38 48.30 -11.99
CA LYS B 85 -13.80 48.76 -10.74
C LYS B 85 -14.64 49.88 -10.12
N THR B 86 -15.83 50.14 -10.69
CA THR B 86 -16.78 51.16 -10.25
C THR B 86 -16.18 52.56 -10.22
N GLU B 87 -15.23 52.86 -11.11
CA GLU B 87 -14.58 54.16 -11.16
C GLU B 87 -15.01 54.89 -12.42
N ILE B 88 -15.55 56.10 -12.24
CA ILE B 88 -15.97 56.91 -13.39
C ILE B 88 -14.98 58.06 -13.51
N SER B 89 -13.91 57.84 -14.28
CA SER B 89 -12.86 58.81 -14.49
C SER B 89 -12.80 59.20 -15.96
N PHE B 90 -12.65 60.49 -16.21
CA PHE B 90 -12.60 61.02 -17.57
C PHE B 90 -12.08 62.44 -17.50
N ARG B 91 -11.75 62.98 -18.67
CA ARG B 91 -11.28 64.36 -18.78
C ARG B 91 -12.43 65.16 -19.39
N PRO B 92 -13.08 66.04 -18.62
CA PRO B 92 -14.21 66.81 -19.19
C PRO B 92 -13.82 67.59 -20.44
N ASN B 93 -12.56 68.04 -20.53
CA ASN B 93 -12.11 68.78 -21.69
C ASN B 93 -12.09 67.90 -22.94
N ASP B 94 -11.69 66.63 -22.77
CA ASP B 94 -11.61 65.68 -23.87
C ASP B 94 -12.96 64.98 -24.06
N PRO B 95 -13.63 65.14 -25.20
CA PRO B 95 -14.91 64.45 -25.42
C PRO B 95 -14.77 62.98 -25.72
N GLN B 96 -13.55 62.45 -25.77
CA GLN B 96 -13.29 61.04 -26.05
C GLN B 96 -13.07 60.21 -24.80
N SER B 97 -12.50 60.79 -23.74
CA SER B 97 -12.25 60.05 -22.51
C SER B 97 -13.52 59.68 -21.74
N TYR B 98 -14.67 60.25 -22.10
CA TYR B 98 -15.92 59.93 -21.42
C TYR B 98 -16.95 59.33 -22.37
N GLU B 99 -16.53 58.89 -23.56
CA GLU B 99 -17.47 58.32 -24.51
C GLU B 99 -17.99 56.96 -24.07
N SER B 100 -17.21 56.20 -23.29
CA SER B 100 -17.66 54.88 -22.85
C SER B 100 -18.90 55.00 -21.96
N TYR B 101 -18.85 55.92 -21.00
CA TYR B 101 -20.00 56.12 -20.11
C TYR B 101 -21.21 56.60 -20.89
N VAL B 102 -20.99 57.50 -21.86
CA VAL B 102 -22.10 58.02 -22.66
C VAL B 102 -22.73 56.89 -23.47
N VAL B 103 -21.90 56.02 -24.05
CA VAL B 103 -22.43 54.91 -24.85
C VAL B 103 -23.27 53.98 -23.98
N SER B 104 -22.76 53.62 -22.79
CA SER B 104 -23.54 52.73 -21.93
C SER B 104 -24.83 53.38 -21.45
N ILE B 105 -24.78 54.67 -21.08
CA ILE B 105 -25.99 55.35 -20.63
C ILE B 105 -27.02 55.41 -21.74
N VAL B 106 -26.60 55.76 -22.95
CA VAL B 106 -27.53 55.84 -24.08
C VAL B 106 -28.12 54.47 -24.39
N ARG B 107 -27.27 53.43 -24.39
CA ARG B 107 -27.76 52.09 -24.67
C ARG B 107 -28.80 51.64 -23.67
N PHE B 108 -28.60 51.96 -22.38
CA PHE B 108 -29.58 51.54 -21.38
C PHE B 108 -30.84 52.39 -21.43
N LEU B 109 -30.70 53.71 -21.63
CA LEU B 109 -31.87 54.58 -21.67
C LEU B 109 -32.67 54.48 -22.97
N GLU B 110 -32.13 53.83 -24.01
CA GLU B 110 -32.88 53.71 -25.25
C GLU B 110 -34.16 52.90 -25.05
N LYS B 111 -34.18 52.02 -24.05
CA LYS B 111 -35.37 51.24 -23.75
C LYS B 111 -36.46 52.08 -23.12
N TYR B 112 -36.11 53.29 -22.67
CA TYR B 112 -37.03 54.23 -22.03
C TYR B 112 -37.39 55.40 -22.93
N LYS B 113 -36.99 55.38 -24.20
CA LYS B 113 -37.28 56.48 -25.11
C LYS B 113 -38.78 56.76 -25.16
N ASP B 114 -39.11 58.00 -25.50
CA ASP B 114 -40.51 58.40 -25.61
C ASP B 114 -41.25 57.58 -26.65
N LEU B 115 -40.57 57.19 -27.73
CA LEU B 115 -41.16 56.39 -28.80
C LEU B 115 -41.26 54.90 -28.46
N ALA B 116 -40.50 54.42 -27.47
CA ALA B 116 -40.57 53.01 -27.14
C ALA B 116 -41.90 52.65 -26.49
N GLN B 117 -42.47 53.56 -25.72
CA GLN B 117 -43.74 53.33 -25.02
C GLN B 117 -44.91 53.89 -25.83
N LYS B 118 -45.12 53.32 -27.01
CA LYS B 118 -46.20 53.76 -27.90
C LYS B 118 -47.52 53.03 -27.67
N ASP B 119 -47.51 51.71 -27.88
CA ASP B 119 -48.72 50.90 -27.76
C ASP B 119 -49.31 50.92 -26.35
N ASP B 120 -50.65 50.90 -26.29
CA ASP B 120 -51.37 50.89 -25.02
C ASP B 120 -51.71 49.48 -24.55
N MET B 121 -51.71 48.49 -25.45
CA MET B 121 -51.99 47.12 -25.04
C MET B 121 -50.91 46.61 -24.08
N ILE B 122 -49.74 47.24 -24.09
CA ILE B 122 -48.63 46.88 -23.23
C ILE B 122 -48.29 47.99 -22.23
N PHE B 123 -48.16 49.22 -22.72
CA PHE B 123 -47.82 50.35 -21.86
C PHE B 123 -49.08 51.05 -21.36
N GLU B 124 -49.17 51.19 -20.04
CA GLU B 124 -50.28 51.84 -19.36
C GLU B 124 -49.78 53.12 -18.71
N ASP B 125 -50.59 54.18 -18.81
CA ASP B 125 -50.22 55.47 -18.23
C ASP B 125 -50.45 55.45 -16.73
N CYS B 126 -49.38 55.68 -15.97
CA CYS B 126 -49.44 55.68 -14.51
C CYS B 126 -49.20 57.09 -14.00
N GLY B 127 -49.76 57.36 -12.82
CA GLY B 127 -49.69 58.66 -12.17
C GLY B 127 -48.38 59.41 -12.21
N ASN B 128 -48.47 60.73 -12.30
CA ASN B 128 -47.30 61.62 -12.34
C ASN B 128 -46.67 61.80 -10.97
N VAL B 129 -47.32 61.33 -9.92
CA VAL B 129 -46.82 61.40 -8.55
C VAL B 129 -46.82 59.96 -8.04
N PRO B 130 -45.89 59.57 -7.18
CA PRO B 130 -45.84 58.19 -6.71
C PRO B 130 -47.11 57.77 -5.98
N SER B 131 -47.64 56.61 -6.38
CA SER B 131 -48.86 56.05 -5.83
C SER B 131 -48.55 54.68 -5.22
N GLU B 132 -49.61 54.01 -4.76
CA GLU B 132 -49.47 52.70 -4.14
C GLU B 132 -49.13 51.64 -5.18
N LEU B 133 -48.68 50.47 -4.70
CA LEU B 133 -48.32 49.36 -5.58
C LEU B 133 -49.49 48.98 -6.48
N LYS B 134 -49.25 48.98 -7.79
CA LYS B 134 -50.29 48.64 -8.77
C LYS B 134 -50.25 47.13 -8.99
N GLU B 135 -51.04 46.41 -8.20
CA GLU B 135 -51.12 44.95 -8.28
C GLU B 135 -51.96 44.57 -9.50
N ARG B 136 -51.31 43.97 -10.50
CA ARG B 136 -51.99 43.56 -11.72
C ARG B 136 -52.80 42.28 -11.57
N GLY B 137 -52.65 41.56 -10.46
CA GLY B 137 -53.39 40.33 -10.27
C GLY B 137 -52.54 39.18 -9.76
N GLU B 138 -52.66 38.01 -10.38
CA GLU B 138 -51.89 36.83 -10.01
C GLU B 138 -50.93 36.45 -11.13
N TYR B 139 -50.10 35.45 -10.87
CA TYR B 139 -49.07 34.99 -11.81
C TYR B 139 -49.54 33.77 -12.60
N ASN B 140 -50.40 34.02 -13.57
CA ASN B 140 -50.92 32.97 -14.43
C ASN B 140 -51.21 33.55 -15.81
N ASN B 141 -51.67 32.69 -16.71
CA ASN B 141 -52.08 33.08 -18.05
C ASN B 141 -53.55 33.45 -18.10
N GLU B 142 -54.22 33.40 -16.94
CA GLU B 142 -55.64 33.72 -16.87
C GLU B 142 -55.92 35.15 -17.33
N ARG B 143 -55.05 36.09 -16.92
CA ARG B 143 -55.21 37.49 -17.27
C ARG B 143 -54.27 37.92 -18.40
N GLY B 144 -53.69 36.95 -19.11
CA GLY B 144 -52.78 37.12 -20.23
C GLY B 144 -51.64 38.07 -19.94
N GLU B 145 -51.17 38.75 -20.99
CA GLU B 145 -50.09 39.72 -20.84
C GLU B 145 -50.50 40.80 -19.86
N ARG B 146 -49.52 41.53 -19.34
CA ARG B 146 -49.81 42.57 -18.38
C ARG B 146 -49.39 43.95 -18.84
N LYS B 147 -49.95 44.94 -18.15
CA LYS B 147 -49.69 46.35 -18.40
C LYS B 147 -48.35 46.75 -17.82
N VAL B 148 -47.74 47.76 -18.44
CA VAL B 148 -46.43 48.26 -18.05
C VAL B 148 -46.56 49.75 -17.72
N CYS B 149 -46.16 50.12 -16.51
CA CYS B 149 -46.23 51.53 -16.12
C CYS B 149 -45.19 52.31 -16.91
N ARG B 150 -45.65 53.28 -17.70
CA ARG B 150 -44.74 54.09 -18.49
C ARG B 150 -43.88 54.97 -17.59
N PHE B 151 -42.64 55.19 -18.02
CA PHE B 151 -41.68 56.01 -17.29
C PHE B 151 -41.13 57.06 -18.25
N ARG B 152 -41.60 58.29 -18.11
CA ARG B 152 -41.17 59.38 -18.98
C ARG B 152 -39.69 59.67 -18.79
N LEU B 153 -38.97 59.76 -19.92
CA LEU B 153 -37.54 60.04 -19.89
C LEU B 153 -37.25 61.41 -19.28
N GLU B 154 -38.23 62.32 -19.31
CA GLU B 154 -38.04 63.66 -18.75
C GLU B 154 -38.02 63.66 -17.23
N TRP B 155 -38.41 62.56 -16.59
CA TRP B 155 -38.42 62.53 -15.12
C TRP B 155 -37.01 62.65 -14.55
N LEU B 156 -35.99 62.45 -15.38
CA LEU B 156 -34.60 62.60 -14.97
C LEU B 156 -34.27 64.07 -15.23
N GLY B 157 -33.92 64.80 -14.18
CA GLY B 157 -33.67 66.23 -14.26
C GLY B 157 -32.85 66.85 -15.37
N ASN B 158 -31.53 66.65 -15.35
CA ASN B 158 -30.68 67.24 -16.37
C ASN B 158 -29.94 66.22 -17.22
N CYS B 159 -30.17 64.94 -16.97
CA CYS B 159 -29.54 63.85 -17.70
C CYS B 159 -30.68 63.01 -18.25
N SER B 160 -31.18 63.40 -19.42
CA SER B 160 -32.26 62.71 -20.09
C SER B 160 -31.96 62.33 -21.51
N GLY B 161 -30.88 62.85 -22.10
CA GLY B 161 -30.63 62.54 -23.50
C GLY B 161 -31.65 63.18 -24.38
N LEU B 162 -32.32 64.23 -23.87
CA LEU B 162 -33.35 64.98 -24.55
C LEU B 162 -32.90 66.37 -24.94
N ASN B 163 -32.16 67.04 -24.06
CA ASN B 163 -31.62 68.37 -24.31
C ASN B 163 -30.10 68.37 -24.37
N ASP B 164 -29.46 67.62 -23.49
CA ASP B 164 -28.01 67.48 -23.46
C ASP B 164 -27.73 65.99 -23.65
N GLU B 165 -27.29 65.62 -24.85
CA GLU B 165 -27.00 64.22 -25.15
C GLU B 165 -25.83 63.70 -24.32
N THR B 166 -24.94 64.60 -23.88
CA THR B 166 -23.77 64.19 -23.12
C THR B 166 -24.09 63.79 -21.67
N TYR B 167 -25.19 64.31 -21.11
CA TYR B 167 -25.67 64.06 -19.74
C TYR B 167 -24.89 64.81 -18.68
N GLY B 168 -24.07 65.80 -19.06
CA GLY B 168 -23.30 66.59 -18.11
C GLY B 168 -21.80 66.46 -18.20
N TYR B 169 -21.28 65.37 -18.78
CA TYR B 169 -19.85 65.16 -18.87
C TYR B 169 -19.13 66.24 -19.69
N LYS B 170 -19.86 67.00 -20.50
CA LYS B 170 -19.23 68.03 -21.33
C LYS B 170 -18.66 69.18 -20.50
N ASP B 171 -19.37 69.61 -19.46
CA ASP B 171 -18.90 70.71 -18.62
C ASP B 171 -18.65 70.28 -17.18
N GLY B 172 -18.09 69.09 -17.00
CA GLY B 172 -17.75 68.55 -15.69
C GLY B 172 -18.83 68.41 -14.63
N LYS B 173 -19.98 67.85 -15.00
CA LYS B 173 -21.09 67.64 -14.06
C LYS B 173 -21.75 66.33 -14.46
N PRO B 174 -21.14 65.20 -14.11
CA PRO B 174 -21.70 63.90 -14.52
C PRO B 174 -23.01 63.54 -13.80
N CYS B 175 -23.64 62.50 -14.35
CA CYS B 175 -24.89 61.95 -13.86
C CYS B 175 -24.77 60.43 -13.81
N VAL B 176 -25.15 59.82 -12.70
CA VAL B 176 -25.10 58.37 -12.53
C VAL B 176 -26.53 57.91 -12.22
N ILE B 177 -27.23 57.43 -13.25
CA ILE B 177 -28.59 56.97 -13.04
C ILE B 177 -28.58 55.70 -12.20
N ILE B 178 -29.32 55.71 -11.10
CA ILE B 178 -29.43 54.61 -10.17
C ILE B 178 -30.66 53.77 -10.53
N LYS B 179 -30.58 52.46 -10.30
CA LYS B 179 -31.65 51.54 -10.64
C LYS B 179 -31.76 50.45 -9.58
N LEU B 180 -32.98 49.93 -9.41
CA LEU B 180 -33.27 48.89 -8.44
C LEU B 180 -33.32 47.52 -9.12
N ASN B 181 -32.76 46.52 -8.46
CA ASN B 181 -32.74 45.17 -9.01
C ASN B 181 -34.15 44.60 -9.11
N ARG B 182 -34.50 44.10 -10.30
CA ARG B 182 -35.83 43.53 -10.50
C ARG B 182 -35.95 42.22 -9.74
N VAL B 183 -37.03 42.09 -8.96
CA VAL B 183 -37.30 40.88 -8.19
C VAL B 183 -38.77 40.56 -8.36
N LEU B 184 -39.07 39.34 -8.83
CA LEU B 184 -40.45 38.94 -9.06
C LEU B 184 -41.24 38.94 -7.76
N GLY B 185 -42.42 39.57 -7.79
CA GLY B 185 -43.28 39.64 -6.62
C GLY B 185 -42.70 40.37 -5.45
N PHE B 186 -41.86 41.37 -5.69
CA PHE B 186 -41.24 42.14 -4.63
C PHE B 186 -42.00 43.46 -4.46
N LYS B 187 -42.34 43.78 -3.22
CA LYS B 187 -43.08 45.01 -2.90
C LYS B 187 -42.23 45.87 -1.96
N PRO B 188 -41.52 46.87 -2.47
CA PRO B 188 -40.68 47.70 -1.59
C PRO B 188 -41.51 48.42 -0.54
N LYS B 189 -40.95 48.54 0.65
CA LYS B 189 -41.62 49.20 1.77
C LYS B 189 -40.73 50.30 2.32
N PRO B 190 -41.05 51.58 2.06
CA PRO B 190 -40.23 52.65 2.61
C PRO B 190 -40.34 52.70 4.11
N PRO B 191 -39.33 53.21 4.81
CA PRO B 191 -39.40 53.26 6.27
C PRO B 191 -40.41 54.28 6.75
N LYS B 192 -41.15 53.91 7.80
CA LYS B 192 -42.15 54.81 8.36
C LYS B 192 -41.46 56.00 9.02
N ASN B 193 -42.09 57.18 8.91
CA ASN B 193 -41.49 58.37 9.51
C ASN B 193 -41.35 58.24 11.02
N GLU B 194 -42.05 57.29 11.64
CA GLU B 194 -41.93 57.08 13.08
C GLU B 194 -40.51 56.63 13.42
N SER B 195 -39.94 55.74 12.60
CA SER B 195 -38.58 55.25 12.77
C SER B 195 -37.54 56.15 12.12
N LEU B 196 -37.96 57.28 11.53
CA LEU B 196 -37.09 58.23 10.84
C LEU B 196 -36.23 59.02 11.82
N GLU B 197 -35.13 58.41 12.23
CA GLU B 197 -34.19 59.08 13.11
C GLU B 197 -32.74 58.69 12.82
N THR B 198 -32.48 57.86 11.80
CA THR B 198 -31.15 57.40 11.45
C THR B 198 -30.68 57.92 10.10
N TYR B 199 -31.51 57.81 9.06
CA TYR B 199 -31.12 58.26 7.74
C TYR B 199 -31.19 59.79 7.63
N PRO B 200 -30.36 60.38 6.75
CA PRO B 200 -30.35 61.85 6.61
C PRO B 200 -31.65 62.47 6.10
N VAL B 201 -31.64 63.79 5.99
CA VAL B 201 -32.81 64.53 5.53
C VAL B 201 -33.11 64.19 4.08
N MET B 202 -34.34 63.75 3.81
CA MET B 202 -34.78 63.38 2.47
C MET B 202 -36.28 63.63 2.37
N LYS B 203 -36.77 63.76 1.14
CA LYS B 203 -38.21 63.96 0.94
C LYS B 203 -38.92 62.69 1.40
N TYR B 204 -40.07 62.85 2.03
CA TYR B 204 -40.82 61.70 2.55
C TYR B 204 -42.17 61.51 1.87
N ASN B 205 -42.20 60.58 0.93
CA ASN B 205 -43.41 60.19 0.25
C ASN B 205 -43.63 58.74 0.65
N PRO B 206 -44.72 58.40 1.37
CA PRO B 206 -44.90 57.00 1.78
C PRO B 206 -44.91 56.02 0.62
N TYR B 207 -44.96 56.52 -0.62
CA TYR B 207 -44.96 55.69 -1.82
C TYR B 207 -43.67 55.82 -2.61
N VAL B 208 -42.57 56.17 -1.94
CA VAL B 208 -41.27 56.32 -2.59
C VAL B 208 -40.20 55.60 -1.79
N LEU B 209 -39.44 54.74 -2.45
CA LEU B 209 -38.34 54.04 -1.80
C LEU B 209 -37.20 55.04 -1.86
N PRO B 210 -36.74 55.51 -0.70
CA PRO B 210 -35.69 56.54 -0.70
C PRO B 210 -34.31 56.02 -1.09
N VAL B 211 -33.52 56.95 -1.63
CA VAL B 211 -32.14 56.72 -2.05
C VAL B 211 -31.34 57.99 -1.74
N HIS B 212 -30.27 57.85 -0.98
CA HIS B 212 -29.44 59.00 -0.60
C HIS B 212 -27.98 58.69 -0.83
N CYS B 213 -27.28 59.57 -1.54
CA CYS B 213 -25.87 59.43 -1.83
C CYS B 213 -25.06 60.32 -0.91
N THR B 214 -23.92 59.80 -0.45
CA THR B 214 -23.03 60.53 0.44
C THR B 214 -21.61 60.08 0.14
N GLY B 215 -20.65 60.61 0.88
CA GLY B 215 -19.27 60.21 0.69
C GLY B 215 -19.02 58.94 1.48
N LYS B 216 -17.77 58.69 1.76
CA LYS B 216 -17.49 57.49 2.54
C LYS B 216 -16.65 57.79 3.76
N ARG B 217 -15.69 58.69 3.66
CA ARG B 217 -14.83 59.07 4.77
C ARG B 217 -14.95 60.58 4.98
N ASP B 218 -14.19 61.09 5.95
CA ASP B 218 -14.23 62.52 6.25
C ASP B 218 -13.68 63.37 5.12
N GLU B 219 -12.90 62.80 4.20
CA GLU B 219 -12.34 63.55 3.09
C GLU B 219 -13.25 63.52 1.87
N ASP B 220 -13.79 62.33 1.55
CA ASP B 220 -14.69 62.21 0.40
C ASP B 220 -15.96 63.03 0.60
N LYS B 221 -16.53 62.99 1.80
CA LYS B 221 -17.75 63.75 2.07
C LYS B 221 -17.54 65.24 1.86
N GLU B 222 -16.37 65.75 2.28
CA GLU B 222 -16.06 67.15 2.13
C GLU B 222 -15.79 67.54 0.69
N LYS B 223 -15.03 66.72 -0.04
CA LYS B 223 -14.70 67.05 -1.43
C LYS B 223 -15.78 66.71 -2.44
N VAL B 224 -16.92 66.13 -2.03
CA VAL B 224 -17.97 65.78 -3.00
C VAL B 224 -18.52 67.04 -3.67
N GLY B 225 -19.08 67.94 -2.87
CA GLY B 225 -19.65 69.15 -3.41
C GLY B 225 -21.15 69.22 -3.19
N THR B 226 -21.93 69.21 -4.28
CA THR B 226 -23.38 69.29 -4.19
C THR B 226 -24.04 68.17 -4.97
N MET B 227 -24.90 67.40 -4.29
CA MET B 227 -25.63 66.32 -4.91
C MET B 227 -26.96 66.87 -5.44
N GLU B 228 -27.40 66.35 -6.58
CA GLU B 228 -28.66 66.78 -7.19
C GLU B 228 -29.46 65.55 -7.55
N TYR B 229 -30.52 65.28 -6.79
CA TYR B 229 -31.36 64.11 -7.03
C TYR B 229 -32.48 64.43 -8.00
N PHE B 230 -32.70 63.54 -8.96
CA PHE B 230 -33.71 63.67 -10.00
C PHE B 230 -34.55 62.40 -10.01
N GLY B 231 -35.87 62.56 -9.98
CA GLY B 231 -36.73 61.39 -9.99
C GLY B 231 -38.17 61.76 -10.26
N LEU B 232 -39.01 60.73 -10.29
CA LEU B 232 -40.44 60.93 -10.54
C LEU B 232 -41.03 61.80 -9.44
N GLY B 233 -41.64 62.91 -9.84
CA GLY B 233 -42.23 63.81 -8.89
C GLY B 233 -41.22 64.57 -8.04
N GLY B 234 -39.94 64.54 -8.42
CA GLY B 234 -38.93 65.23 -7.66
C GLY B 234 -38.55 64.56 -6.37
N TYR B 235 -38.87 63.26 -6.20
CA TYR B 235 -38.55 62.52 -5.00
C TYR B 235 -37.27 61.74 -5.19
N PRO B 236 -36.33 61.78 -4.24
CA PRO B 236 -35.08 61.01 -4.40
C PRO B 236 -35.28 59.50 -4.12
N GLY B 237 -35.87 58.80 -5.08
CA GLY B 237 -36.10 57.39 -4.89
C GLY B 237 -36.88 56.78 -6.04
N PHE B 238 -37.51 55.64 -5.74
CA PHE B 238 -38.30 54.90 -6.72
C PHE B 238 -39.78 54.92 -6.36
N PRO B 239 -40.68 55.21 -7.30
CA PRO B 239 -42.11 55.21 -6.97
C PRO B 239 -42.63 53.79 -6.79
N LEU B 240 -43.49 53.61 -5.77
CA LEU B 240 -44.07 52.32 -5.46
C LEU B 240 -45.13 51.88 -6.45
N GLN B 241 -45.62 52.79 -7.31
CA GLN B 241 -46.64 52.42 -8.28
C GLN B 241 -46.12 51.55 -9.42
N TYR B 242 -44.87 51.13 -9.39
CA TYR B 242 -44.30 50.29 -10.44
C TYR B 242 -44.07 48.85 -10.00
N TYR B 243 -44.31 48.53 -8.74
CA TYR B 243 -44.10 47.19 -8.21
C TYR B 243 -45.44 46.56 -7.80
N PRO B 244 -45.51 45.23 -7.74
CA PRO B 244 -44.48 44.19 -7.97
C PRO B 244 -44.21 43.79 -9.41
N TYR B 245 -43.09 43.10 -9.62
CA TYR B 245 -42.69 42.60 -10.93
C TYR B 245 -43.35 41.25 -11.15
N TYR B 246 -43.74 40.97 -12.40
CA TYR B 246 -44.42 39.73 -12.72
C TYR B 246 -43.60 38.80 -13.61
N GLY B 247 -42.28 38.97 -13.64
CA GLY B 247 -41.43 38.14 -14.45
C GLY B 247 -41.37 38.58 -15.89
N LYS B 248 -40.43 37.98 -16.62
CA LYS B 248 -40.23 38.28 -18.03
C LYS B 248 -41.25 37.57 -18.93
N LEU B 249 -41.99 36.60 -18.38
CA LEU B 249 -42.98 35.86 -19.16
C LEU B 249 -44.32 36.59 -19.21
N LEU B 250 -44.70 37.27 -18.13
CA LEU B 250 -45.96 38.00 -18.08
C LEU B 250 -45.83 39.47 -18.47
N GLN B 251 -44.69 40.09 -18.19
CA GLN B 251 -44.43 41.50 -18.51
C GLN B 251 -43.16 41.53 -19.37
N PRO B 252 -43.27 41.26 -20.66
CA PRO B 252 -42.08 41.25 -21.52
C PRO B 252 -41.40 42.61 -21.67
N LYS B 253 -42.17 43.69 -21.81
CA LYS B 253 -41.62 45.02 -22.00
C LYS B 253 -41.81 45.90 -20.76
N TYR B 254 -41.60 45.33 -19.58
CA TYR B 254 -41.75 46.08 -18.34
C TYR B 254 -40.56 47.02 -18.14
N LEU B 255 -40.85 48.27 -17.78
CA LEU B 255 -39.84 49.27 -17.52
C LEU B 255 -39.83 49.58 -16.02
N GLN B 256 -38.68 49.37 -15.38
CA GLN B 256 -38.50 49.58 -13.96
C GLN B 256 -38.26 51.06 -13.65
N PRO B 257 -38.52 51.48 -12.41
CA PRO B 257 -38.29 52.89 -12.05
C PRO B 257 -36.81 53.24 -12.13
N LEU B 258 -36.56 54.49 -12.52
CA LEU B 258 -35.21 55.02 -12.65
C LEU B 258 -35.06 56.25 -11.75
N MET B 259 -33.81 56.67 -11.58
CA MET B 259 -33.47 57.81 -10.74
C MET B 259 -32.09 58.28 -11.14
N ALA B 260 -31.86 59.59 -11.08
CA ALA B 260 -30.58 60.15 -11.46
C ALA B 260 -29.97 60.99 -10.34
N VAL B 261 -28.64 60.99 -10.27
CA VAL B 261 -27.91 61.78 -9.29
C VAL B 261 -26.81 62.53 -10.02
N GLN B 262 -26.83 63.85 -9.95
CA GLN B 262 -25.85 64.70 -10.61
C GLN B 262 -24.91 65.26 -9.56
N PHE B 263 -23.61 65.09 -9.78
CA PHE B 263 -22.59 65.55 -8.84
C PHE B 263 -22.03 66.89 -9.31
N THR B 264 -22.82 67.94 -9.09
CA THR B 264 -22.37 69.28 -9.47
C THR B 264 -21.37 69.77 -8.43
N ASN B 265 -20.40 70.56 -8.89
CA ASN B 265 -19.32 71.13 -8.07
C ASN B 265 -18.49 70.02 -7.40
N LEU B 266 -17.79 69.26 -8.23
CA LEU B 266 -16.91 68.19 -7.76
C LEU B 266 -15.46 68.64 -7.89
N THR B 267 -14.64 68.26 -6.91
CA THR B 267 -13.22 68.63 -6.91
C THR B 267 -12.50 68.08 -8.14
N MET B 268 -12.05 68.98 -9.00
CA MET B 268 -11.34 68.56 -10.21
C MET B 268 -10.02 67.90 -9.86
N ASP B 269 -9.59 66.97 -10.72
CA ASP B 269 -8.34 66.25 -10.56
C ASP B 269 -8.24 65.60 -9.19
N THR B 270 -9.34 65.00 -8.74
CA THR B 270 -9.39 64.34 -7.45
C THR B 270 -10.41 63.21 -7.49
N GLU B 271 -10.01 62.02 -7.04
CA GLU B 271 -10.90 60.86 -7.02
C GLU B 271 -11.64 60.82 -5.69
N ILE B 272 -12.96 60.88 -5.75
CA ILE B 272 -13.82 60.87 -4.57
C ILE B 272 -14.75 59.66 -4.66
N ARG B 273 -14.78 58.87 -3.59
CA ARG B 273 -15.60 57.67 -3.51
C ARG B 273 -16.91 58.03 -2.82
N ILE B 274 -18.03 57.80 -3.49
CA ILE B 274 -19.34 58.09 -2.94
C ILE B 274 -20.14 56.80 -2.90
N GLU B 275 -21.01 56.71 -1.89
CA GLU B 275 -21.87 55.55 -1.69
C GLU B 275 -23.31 56.01 -1.63
N CYS B 276 -24.15 55.40 -2.46
CA CYS B 276 -25.57 55.71 -2.51
C CYS B 276 -26.28 54.55 -1.82
N LYS B 277 -27.19 54.85 -0.91
CA LYS B 277 -27.89 53.83 -0.16
C LYS B 277 -29.40 54.00 -0.27
N ALA B 278 -30.09 52.89 -0.53
CA ALA B 278 -31.54 52.86 -0.62
C ALA B 278 -32.04 52.35 0.73
N TYR B 279 -32.87 53.13 1.39
CA TYR B 279 -33.38 52.74 2.70
C TYR B 279 -34.77 52.13 2.60
N GLY B 280 -35.08 51.26 3.54
CA GLY B 280 -36.37 50.60 3.58
C GLY B 280 -36.31 49.34 4.42
N GLU B 281 -37.51 48.89 4.80
CA GLU B 281 -37.62 47.67 5.61
C GLU B 281 -37.17 46.45 4.81
N ASN B 282 -37.58 46.37 3.55
CA ASN B 282 -37.28 45.28 2.64
C ASN B 282 -35.88 45.38 2.05
N ILE B 283 -35.12 46.42 2.36
CA ILE B 283 -33.79 46.61 1.82
C ILE B 283 -32.75 46.38 2.91
N GLY B 284 -31.89 45.38 2.69
CA GLY B 284 -30.84 45.04 3.60
C GLY B 284 -29.49 45.35 2.99
N TYR B 285 -28.45 45.05 3.75
CA TYR B 285 -27.08 45.31 3.33
C TYR B 285 -26.21 44.12 3.70
N SER B 286 -24.95 44.16 3.30
CA SER B 286 -24.02 43.08 3.60
C SER B 286 -22.60 43.60 3.52
N GLU B 287 -21.75 43.17 4.47
CA GLU B 287 -20.36 43.59 4.48
C GLU B 287 -19.56 42.91 3.38
N LYS B 288 -20.09 41.85 2.79
CA LYS B 288 -19.40 41.14 1.70
C LYS B 288 -19.92 41.56 0.33
N ASP B 289 -21.22 41.87 0.23
CA ASP B 289 -21.83 42.30 -1.03
C ASP B 289 -21.92 43.82 -1.01
N ARG B 290 -20.98 44.46 -1.70
CA ARG B 290 -20.92 45.92 -1.80
C ARG B 290 -22.03 46.50 -2.66
N PHE B 291 -22.94 45.66 -3.15
CA PHE B 291 -24.04 46.09 -4.00
C PHE B 291 -25.41 45.73 -3.45
N GLN B 292 -25.50 45.07 -2.30
CA GLN B 292 -26.79 44.68 -1.73
C GLN B 292 -27.41 45.88 -1.03
N GLY B 293 -28.38 46.52 -1.70
CA GLY B 293 -29.06 47.67 -1.17
C GLY B 293 -28.33 48.98 -1.34
N ARG B 294 -27.02 48.94 -1.58
CA ARG B 294 -26.19 50.12 -1.76
C ARG B 294 -25.23 49.86 -2.90
N PHE B 295 -24.33 50.81 -3.14
CA PHE B 295 -23.31 50.67 -4.19
C PHE B 295 -22.29 51.79 -3.98
N ASP B 296 -21.11 51.58 -4.55
CA ASP B 296 -20.00 52.53 -4.44
C ASP B 296 -19.49 52.92 -5.81
N VAL B 297 -19.25 54.22 -6.01
CA VAL B 297 -18.72 54.73 -7.26
C VAL B 297 -17.67 55.78 -6.92
N LYS B 298 -16.45 55.62 -7.44
CA LYS B 298 -15.37 56.57 -7.21
C LYS B 298 -15.17 57.33 -8.52
N ILE B 299 -15.47 58.61 -8.51
CA ILE B 299 -15.38 59.45 -9.70
C ILE B 299 -14.22 60.43 -9.58
N GLU B 300 -13.64 60.79 -10.72
CA GLU B 300 -12.52 61.73 -10.76
C GLU B 300 -12.58 62.54 -12.04
N VAL B 301 -12.89 63.83 -11.91
CA VAL B 301 -12.98 64.72 -13.09
C VAL B 301 -11.61 65.38 -13.23
N LYS B 302 -10.68 64.64 -13.85
CA LYS B 302 -9.32 65.12 -14.05
C LYS B 302 -9.23 65.80 -15.41
N SER B 303 -9.49 67.11 -15.43
CA SER B 303 -9.45 67.89 -16.67
C SER B 303 -8.02 68.25 -17.06
N ASP C 17 -43.26 36.31 3.52
CA ASP C 17 -42.70 36.60 2.20
C ASP C 17 -41.97 35.40 1.63
N PRO C 18 -42.10 35.17 0.32
CA PRO C 18 -41.41 34.04 -0.31
C PRO C 18 -39.91 34.25 -0.42
N PHE C 19 -39.40 35.39 0.02
CA PHE C 19 -37.98 35.72 -0.02
C PHE C 19 -37.26 35.37 1.27
N TYR C 20 -37.71 34.33 1.97
CA TYR C 20 -37.10 33.91 3.22
C TYR C 20 -37.09 32.39 3.30
N TYR C 21 -35.93 31.83 3.62
CA TYR C 21 -35.74 30.40 3.75
C TYR C 21 -35.32 30.10 5.18
N ASP C 22 -35.92 29.07 5.77
CA ASP C 22 -35.58 28.66 7.12
C ASP C 22 -34.29 27.84 7.06
N TYR C 23 -33.18 28.55 6.84
CA TYR C 23 -31.89 27.89 6.76
C TYR C 23 -31.47 27.32 8.10
N GLU C 24 -31.98 27.89 9.20
CA GLU C 24 -31.63 27.40 10.53
C GLU C 24 -32.15 25.98 10.75
N THR C 25 -33.40 25.72 10.36
CA THR C 25 -33.97 24.39 10.57
C THR C 25 -33.24 23.34 9.74
N VAL C 26 -32.97 23.63 8.46
CA VAL C 26 -32.26 22.67 7.61
C VAL C 26 -30.85 22.47 8.11
N ARG C 27 -30.18 23.55 8.55
CA ARG C 27 -28.83 23.45 9.07
C ARG C 27 -28.79 22.58 10.32
N ASN C 28 -29.75 22.79 11.22
CA ASN C 28 -29.81 21.99 12.43
C ASN C 28 -30.09 20.53 12.10
N GLY C 29 -30.99 20.28 11.15
CA GLY C 29 -31.28 18.92 10.76
C GLY C 29 -30.06 18.24 10.17
N GLY C 30 -29.27 19.00 9.40
CA GLY C 30 -28.06 18.44 8.82
C GLY C 30 -27.04 18.09 9.87
N LEU C 31 -26.89 18.96 10.88
CA LEU C 31 -25.96 18.68 11.96
C LEU C 31 -26.41 17.44 12.74
N ILE C 32 -27.72 17.34 12.98
CA ILE C 32 -28.26 16.18 13.69
C ILE C 32 -28.00 14.92 12.90
N PHE C 33 -28.24 14.96 11.59
CA PHE C 33 -27.99 13.79 10.76
C PHE C 33 -26.53 13.40 10.78
N ALA C 34 -25.64 14.38 10.69
CA ALA C 34 -24.21 14.09 10.71
C ALA C 34 -23.82 13.39 12.01
N ALA C 35 -24.30 13.91 13.14
CA ALA C 35 -23.98 13.30 14.43
C ALA C 35 -24.50 11.87 14.51
N LEU C 36 -25.75 11.64 14.10
CA LEU C 36 -26.32 10.31 14.16
C LEU C 36 -25.59 9.34 13.25
N ALA C 37 -25.34 9.75 11.99
CA ALA C 37 -24.65 8.86 11.07
C ALA C 37 -23.25 8.53 11.56
N PHE C 38 -22.55 9.50 12.14
CA PHE C 38 -21.21 9.24 12.64
C PHE C 38 -21.22 8.29 13.83
N ILE C 39 -22.10 8.51 14.80
CA ILE C 39 -22.13 7.60 15.95
C ILE C 39 -22.57 6.20 15.50
N VAL C 40 -23.48 6.10 14.53
CA VAL C 40 -23.89 4.78 14.04
C VAL C 40 -22.72 4.08 13.39
N GLY C 41 -21.94 4.83 12.59
CA GLY C 41 -20.77 4.23 11.97
C GLY C 41 -19.78 3.76 13.00
N LEU C 42 -19.60 4.56 14.06
CA LEU C 42 -18.70 4.15 15.14
C LEU C 42 -19.20 2.87 15.79
N ILE C 43 -20.52 2.75 15.93
CA ILE C 43 -21.11 1.55 16.51
C ILE C 43 -20.79 0.35 15.64
N ILE C 44 -20.91 0.51 14.32
CA ILE C 44 -20.65 -0.60 13.40
C ILE C 44 -19.16 -0.98 13.41
N ILE C 45 -18.27 0.02 13.47
CA ILE C 45 -16.85 -0.30 13.46
C ILE C 45 -16.37 -0.78 14.83
N LEU C 46 -16.93 -0.23 15.91
CA LEU C 46 -16.59 -0.63 17.28
C LEU C 46 -17.60 -1.63 17.82
N SER C 47 -18.13 -2.47 16.93
CA SER C 47 -19.15 -3.45 17.27
C SER C 47 -18.67 -4.43 18.34
N LYS C 48 -19.64 -4.90 19.12
CA LYS C 48 -19.42 -5.86 20.20
C LYS C 48 -20.66 -6.74 20.33
#